data_5TOU
#
_entry.id   5TOU
#
_cell.length_a   67.583
_cell.length_b   175.718
_cell.length_c   194.823
_cell.angle_alpha   90.00
_cell.angle_beta   90.00
_cell.angle_gamma   90.00
#
_symmetry.space_group_name_H-M   'P 21 21 21'
#
loop_
_entity.id
_entity.type
_entity.pdbx_description
1 polymer 'Phycocyanin alpha-1 subunit'
2 polymer 'Phycocyanin beta-1 subunit'
3 non-polymer PHYCOCYANOBILIN
4 water water
#
loop_
_entity_poly.entity_id
_entity_poly.type
_entity_poly.pdbx_seq_one_letter_code
_entity_poly.pdbx_strand_id
1 'polypeptide(L)'
;MKTPLTEAVSAADSQGRFLSTTETQVAFGRFRQATSGLAAAKALSEKAESLASGAANAVYSKFPYTTSMTGANYASSQTG
KDKCVRDIGYYIRMVTYCCVVGGTGPMDDYLVAGIAEINRTFDLSPSWYVEALKYVKANHGLSGDSAVEANSYIDYAINA
LS
;
C,A,E,I,G,K
2 'polypeptide(L)'
;MYDAFAKVVSQADSRGAYISASQIDALSAMVADGSKRLDAVNRITSNSSAIVANAARALFAEQPALIAPGG(MEN)AYTS
RRMAACLRDMEIVLRYVTYAIYSGDASILEDRCLNGLKETYLALGTPGSSVAVGIGKMKDAAIAIANDPNGVTRGDCSAL
MSEIGSYFDKAAAAVA
;
D,B,F,J,H,L
#
loop_
_chem_comp.id
_chem_comp.type
_chem_comp.name
_chem_comp.formula
CYC non-polymer PHYCOCYANOBILIN 'C33 H40 N4 O6'
#
# COMPACT_ATOMS: atom_id res chain seq x y z
N MET A 1 2.16 5.36 -26.84
CA MET A 1 2.91 6.55 -27.27
C MET A 1 2.07 7.80 -27.09
N LYS A 2 2.68 8.87 -26.55
CA LYS A 2 2.01 10.15 -26.35
C LYS A 2 1.73 10.85 -27.69
N THR A 3 0.47 11.27 -27.90
CA THR A 3 0.11 12.22 -28.94
C THR A 3 -1.10 12.98 -28.38
N PRO A 4 -1.52 14.06 -29.06
CA PRO A 4 -2.73 14.72 -28.52
C PRO A 4 -3.90 13.75 -28.41
N LEU A 5 -4.09 12.87 -29.40
CA LEU A 5 -5.25 11.98 -29.40
C LEU A 5 -5.18 10.88 -28.34
N THR A 6 -3.99 10.29 -28.15
CA THR A 6 -3.87 9.23 -27.15
C THR A 6 -3.90 9.82 -25.73
N GLU A 7 -3.37 11.02 -25.57
CA GLU A 7 -3.44 11.69 -24.28
C GLU A 7 -4.90 12.01 -23.93
N ALA A 8 -5.64 12.55 -24.90
CA ALA A 8 -7.08 12.78 -24.71
C ALA A 8 -7.81 11.49 -24.29
N VAL A 9 -7.57 10.41 -25.01
CA VAL A 9 -8.21 9.14 -24.68
C VAL A 9 -7.78 8.65 -23.30
N SER A 10 -6.49 8.69 -23.01
CA SER A 10 -5.96 8.27 -21.70
C SER A 10 -6.65 9.01 -20.56
N ALA A 11 -6.73 10.32 -20.67
CA ALA A 11 -7.42 11.12 -19.67
C ALA A 11 -8.88 10.68 -19.46
N ALA A 12 -9.60 10.46 -20.55
CA ALA A 12 -10.99 10.01 -20.46
C ALA A 12 -11.03 8.63 -19.82
N ASP A 13 -10.10 7.76 -20.21
CA ASP A 13 -10.13 6.39 -19.75
C ASP A 13 -9.84 6.27 -18.26
N SER A 14 -8.92 7.08 -17.76
CA SER A 14 -8.58 7.02 -16.34
C SER A 14 -9.75 7.45 -15.45
N GLN A 15 -10.67 8.21 -16.03
CA GLN A 15 -11.87 8.65 -15.28
C GLN A 15 -13.11 7.87 -15.71
N GLY A 16 -12.89 6.79 -16.45
CA GLY A 16 -13.97 5.92 -16.89
C GLY A 16 -15.09 6.62 -17.65
N ARG A 17 -14.75 7.61 -18.45
CA ARG A 17 -15.78 8.39 -19.11
C ARG A 17 -15.69 8.35 -20.64
N PHE A 18 -16.84 8.53 -21.28
CA PHE A 18 -16.87 8.67 -22.72
C PHE A 18 -16.21 9.98 -23.10
N LEU A 19 -15.83 10.09 -24.36
CA LEU A 19 -15.26 11.32 -24.89
C LEU A 19 -16.33 12.42 -24.95
N SER A 20 -15.89 13.67 -24.87
CA SER A 20 -16.82 14.80 -24.85
C SER A 20 -16.30 15.89 -25.78
N THR A 21 -16.99 17.04 -25.83
CA THR A 21 -16.54 18.14 -26.68
C THR A 21 -15.13 18.63 -26.33
N THR A 22 -14.68 18.34 -25.12
CA THR A 22 -13.30 18.62 -24.74
C THR A 22 -12.32 17.89 -25.64
N GLU A 23 -12.55 16.60 -25.85
CA GLU A 23 -11.65 15.80 -26.66
C GLU A 23 -11.89 16.08 -28.15
N THR A 24 -13.11 16.49 -28.47
CA THR A 24 -13.36 16.95 -29.83
C THR A 24 -12.47 18.15 -30.15
N GLN A 25 -12.39 19.11 -29.23
CA GLN A 25 -11.53 20.27 -29.45
C GLN A 25 -10.07 19.85 -29.61
N VAL A 26 -9.62 18.90 -28.78
CA VAL A 26 -8.26 18.37 -28.91
C VAL A 26 -8.01 17.87 -30.33
N ALA A 27 -8.95 17.09 -30.85
CA ALA A 27 -8.80 16.51 -32.20
C ALA A 27 -8.84 17.59 -33.28
N PHE A 28 -9.73 18.58 -33.12
CA PHE A 28 -9.75 19.70 -34.06
C PHE A 28 -8.40 20.42 -34.11
N GLY A 29 -7.83 20.68 -32.93
CA GLY A 29 -6.51 21.27 -32.88
C GLY A 29 -5.47 20.41 -33.56
N ARG A 30 -5.50 19.12 -33.27
CA ARG A 30 -4.57 18.20 -33.90
C ARG A 30 -4.72 18.25 -35.41
N PHE A 31 -5.96 18.15 -35.88
CA PHE A 31 -6.25 18.12 -37.31
C PHE A 31 -5.84 19.40 -38.04
N ARG A 32 -6.01 20.56 -37.41
CA ARG A 32 -5.61 21.81 -38.03
C ARG A 32 -4.08 21.92 -38.04
N GLN A 33 -3.44 21.32 -37.04
CA GLN A 33 -1.97 21.35 -36.94
C GLN A 33 -1.31 20.38 -37.91
N ALA A 34 -1.98 19.27 -38.20
CA ALA A 34 -1.35 18.16 -38.91
C ALA A 34 -0.81 18.55 -40.28
N THR A 35 -1.50 19.47 -40.94
CA THR A 35 -1.10 19.85 -42.30
C THR A 35 0.31 20.42 -42.29
N SER A 36 0.54 21.38 -41.40
CA SER A 36 1.84 22.00 -41.22
C SER A 36 2.88 21.00 -40.67
N GLY A 37 2.43 20.06 -39.84
CA GLY A 37 3.31 19.06 -39.26
C GLY A 37 3.76 18.03 -40.28
N LEU A 38 2.81 17.51 -41.07
CA LEU A 38 3.16 16.53 -42.10
C LEU A 38 4.06 17.17 -43.16
N ALA A 39 3.81 18.43 -43.50
CA ALA A 39 4.71 19.17 -44.41
C ALA A 39 6.12 19.33 -43.85
N ALA A 40 6.25 19.60 -42.54
CA ALA A 40 7.57 19.64 -41.91
C ALA A 40 8.29 18.29 -41.99
N ALA A 41 7.54 17.22 -41.70
CA ALA A 41 8.10 15.87 -41.76
C ALA A 41 8.62 15.55 -43.16
N LYS A 42 7.83 15.89 -44.18
CA LYS A 42 8.23 15.63 -45.56
C LYS A 42 9.50 16.39 -45.95
N ALA A 43 9.49 17.70 -45.69
CA ALA A 43 10.63 18.56 -46.01
C ALA A 43 11.91 18.20 -45.24
N LEU A 44 11.78 17.90 -43.96
CA LEU A 44 12.93 17.46 -43.17
C LEU A 44 13.51 16.17 -43.74
N SER A 45 12.65 15.20 -43.97
CA SER A 45 13.06 13.95 -44.59
C SER A 45 13.85 14.17 -45.89
N GLU A 46 13.37 15.08 -46.71
CA GLU A 46 13.99 15.31 -48.03
C GLU A 46 15.40 15.92 -47.88
N LYS A 47 15.63 16.61 -46.77
CA LYS A 47 16.92 17.22 -46.51
C LYS A 47 17.73 16.43 -45.48
N ALA A 48 17.23 15.27 -45.09
CA ALA A 48 17.80 14.53 -43.97
C ALA A 48 19.29 14.23 -44.11
N GLU A 49 19.67 13.67 -45.25
CA GLU A 49 21.06 13.30 -45.49
C GLU A 49 21.97 14.52 -45.45
N SER A 50 21.54 15.59 -46.10
CA SER A 50 22.33 16.81 -46.14
C SER A 50 22.47 17.43 -44.75
N LEU A 51 21.37 17.45 -44.01
CA LEU A 51 21.35 18.03 -42.67
C LEU A 51 22.26 17.29 -41.67
N ALA A 52 22.22 15.96 -41.72
CA ALA A 52 23.01 15.14 -40.79
C ALA A 52 24.50 15.34 -41.01
N SER A 53 24.93 15.36 -42.26
N SER A 53 24.91 15.36 -42.27
CA SER A 53 26.35 15.51 -42.55
CA SER A 53 26.33 15.52 -42.60
C SER A 53 26.80 16.93 -42.30
C SER A 53 26.78 16.92 -42.28
N GLY A 54 25.95 17.89 -42.64
CA GLY A 54 26.24 19.28 -42.34
C GLY A 54 26.32 19.48 -40.83
N ALA A 55 25.40 18.87 -40.10
CA ALA A 55 25.39 18.99 -38.64
C ALA A 55 26.64 18.37 -38.03
N ALA A 56 27.00 17.18 -38.50
CA ALA A 56 28.20 16.52 -38.04
C ALA A 56 29.41 17.44 -38.22
N ASN A 57 29.55 17.99 -39.42
CA ASN A 57 30.65 18.91 -39.69
C ASN A 57 30.63 20.10 -38.74
N ALA A 58 29.44 20.61 -38.43
CA ALA A 58 29.33 21.71 -37.48
C ALA A 58 29.89 21.32 -36.11
N VAL A 59 29.59 20.10 -35.66
CA VAL A 59 30.10 19.64 -34.36
C VAL A 59 31.63 19.53 -34.40
N TYR A 60 32.18 18.99 -35.49
CA TYR A 60 33.62 18.86 -35.61
C TYR A 60 34.29 20.26 -35.56
N SER A 61 33.64 21.25 -36.16
CA SER A 61 34.19 22.63 -36.14
C SER A 61 34.20 23.23 -34.75
N LYS A 62 33.10 23.03 -34.01
CA LYS A 62 32.95 23.62 -32.69
C LYS A 62 33.79 22.87 -31.65
N PHE A 63 33.97 21.57 -31.85
CA PHE A 63 34.76 20.76 -30.94
C PHE A 63 35.85 20.00 -31.69
N PRO A 64 36.90 20.70 -32.13
CA PRO A 64 37.85 20.05 -33.05
C PRO A 64 38.56 18.84 -32.46
N TYR A 65 38.72 18.77 -31.14
CA TYR A 65 39.40 17.62 -30.53
C TYR A 65 38.66 16.32 -30.86
N THR A 66 37.41 16.47 -31.26
CA THR A 66 36.52 15.36 -31.53
C THR A 66 36.98 14.59 -32.79
N THR A 67 37.70 15.25 -33.68
CA THR A 67 38.24 14.55 -34.85
C THR A 67 39.76 14.29 -34.77
N SER A 68 40.39 14.66 -33.67
CA SER A 68 41.82 14.42 -33.52
C SER A 68 42.13 13.42 -32.40
N MET A 69 41.48 13.55 -31.26
CA MET A 69 41.76 12.67 -30.13
C MET A 69 41.50 11.19 -30.43
N THR A 70 42.40 10.34 -29.97
CA THR A 70 42.22 8.90 -30.07
C THR A 70 41.24 8.46 -29.01
N GLY A 71 40.34 7.55 -29.39
CA GLY A 71 39.33 7.04 -28.47
C GLY A 71 38.14 6.54 -29.25
N ALA A 72 37.50 5.49 -28.73
CA ALA A 72 36.35 4.92 -29.39
C ALA A 72 35.14 5.87 -29.36
N ASN A 73 35.17 6.80 -28.42
CA ASN A 73 34.07 7.76 -28.27
C ASN A 73 34.21 8.98 -29.17
N TYR A 74 35.33 9.07 -29.90
CA TYR A 74 35.55 10.23 -30.76
C TYR A 74 35.42 9.91 -32.24
N ALA A 75 35.33 10.97 -33.04
CA ALA A 75 35.13 10.84 -34.47
C ALA A 75 36.44 11.00 -35.24
N SER A 76 37.54 10.55 -34.64
CA SER A 76 38.85 10.62 -35.30
C SER A 76 38.98 9.61 -36.45
N SER A 77 38.30 8.47 -36.32
CA SER A 77 38.31 7.44 -37.34
C SER A 77 37.04 7.55 -38.17
N GLN A 78 37.05 6.96 -39.36
CA GLN A 78 35.87 6.96 -40.20
C GLN A 78 34.74 6.28 -39.44
N THR A 79 35.09 5.22 -38.71
CA THR A 79 34.13 4.51 -37.90
C THR A 79 33.40 5.46 -36.94
N GLY A 80 34.18 6.27 -36.22
CA GLY A 80 33.62 7.26 -35.31
C GLY A 80 32.79 8.31 -36.05
N LYS A 81 33.24 8.70 -37.24
CA LYS A 81 32.49 9.68 -38.02
C LYS A 81 31.14 9.12 -38.45
N ASP A 82 31.14 7.85 -38.84
CA ASP A 82 29.94 7.16 -39.27
C ASP A 82 28.92 6.99 -38.12
N LYS A 83 29.40 6.67 -36.93
CA LYS A 83 28.54 6.61 -35.74
C LYS A 83 27.92 7.99 -35.52
N CYS A 84 28.72 9.02 -35.65
CA CYS A 84 28.26 10.36 -35.35
C CYS A 84 27.14 10.85 -36.29
N VAL A 85 27.34 10.68 -37.60
CA VAL A 85 26.31 11.07 -38.55
C VAL A 85 25.06 10.21 -38.41
N ARG A 86 25.23 8.95 -38.05
CA ARG A 86 24.11 8.05 -37.77
C ARG A 86 23.27 8.60 -36.59
N ASP A 87 23.95 8.94 -35.51
CA ASP A 87 23.26 9.45 -34.31
C ASP A 87 22.49 10.70 -34.70
N ILE A 88 23.15 11.60 -35.41
CA ILE A 88 22.51 12.87 -35.73
C ILE A 88 21.29 12.59 -36.60
N GLY A 89 21.41 11.62 -37.51
CA GLY A 89 20.31 11.23 -38.35
C GLY A 89 19.14 10.69 -37.53
N TYR A 90 19.46 9.99 -36.46
CA TYR A 90 18.44 9.50 -35.52
C TYR A 90 17.65 10.67 -34.91
N TYR A 91 18.35 11.70 -34.43
CA TYR A 91 17.71 12.91 -33.91
C TYR A 91 16.78 13.53 -34.95
N ILE A 92 17.26 13.68 -36.17
CA ILE A 92 16.44 14.27 -37.23
C ILE A 92 15.23 13.41 -37.52
N ARG A 93 15.44 12.10 -37.56
CA ARG A 93 14.34 11.19 -37.87
C ARG A 93 13.26 11.26 -36.78
N MET A 94 13.68 11.27 -35.52
CA MET A 94 12.75 11.47 -34.40
C MET A 94 11.99 12.79 -34.50
N VAL A 95 12.67 13.84 -34.94
CA VAL A 95 11.97 15.11 -35.13
C VAL A 95 10.84 14.95 -36.18
N THR A 96 11.12 14.24 -37.27
CA THR A 96 10.07 14.06 -38.27
C THR A 96 8.89 13.28 -37.68
N TYR A 97 9.19 12.29 -36.84
CA TYR A 97 8.12 11.50 -36.22
C TYR A 97 7.24 12.34 -35.30
N CYS A 98 7.88 13.25 -34.57
CA CYS A 98 7.15 14.14 -33.67
C CYS A 98 6.20 15.01 -34.48
N CYS A 99 6.63 15.40 -35.67
CA CYS A 99 5.84 16.25 -36.55
C CYS A 99 4.68 15.44 -37.09
N VAL A 100 4.91 14.15 -37.30
CA VAL A 100 3.86 13.27 -37.80
C VAL A 100 2.72 13.08 -36.79
N VAL A 101 3.06 12.93 -35.50
CA VAL A 101 2.03 12.64 -34.49
C VAL A 101 1.60 13.86 -33.66
N GLY A 102 2.28 14.98 -33.85
CA GLY A 102 1.96 16.21 -33.13
C GLY A 102 2.37 16.23 -31.66
N GLY A 103 3.49 15.59 -31.34
CA GLY A 103 3.96 15.54 -29.96
C GLY A 103 5.35 14.97 -29.81
N THR A 104 5.87 14.98 -28.59
CA THR A 104 7.22 14.52 -28.31
C THR A 104 7.29 13.01 -28.11
N GLY A 105 6.15 12.33 -28.12
CA GLY A 105 6.09 10.90 -27.84
C GLY A 105 7.14 10.00 -28.51
N PRO A 106 7.27 10.09 -29.84
CA PRO A 106 8.27 9.29 -30.55
C PRO A 106 9.68 9.54 -30.01
N MET A 107 10.04 10.80 -29.85
CA MET A 107 11.39 11.11 -29.39
C MET A 107 11.62 10.64 -27.96
N ASP A 108 10.61 10.80 -27.11
CA ASP A 108 10.66 10.25 -25.76
C ASP A 108 10.83 8.74 -25.80
N ASP A 109 9.94 8.05 -26.50
CA ASP A 109 9.94 6.60 -26.48
C ASP A 109 11.22 6.00 -27.05
N TYR A 110 11.75 6.61 -28.12
CA TYR A 110 12.82 5.97 -28.86
C TYR A 110 14.23 6.53 -28.60
N LEU A 111 14.32 7.74 -28.05
CA LEU A 111 15.62 8.40 -27.93
C LEU A 111 15.89 9.06 -26.56
N VAL A 112 14.95 9.86 -26.06
CA VAL A 112 15.19 10.58 -24.80
C VAL A 112 15.25 9.68 -23.55
N ALA A 113 14.30 8.75 -23.44
CA ALA A 113 14.31 7.82 -22.31
C ALA A 113 15.54 6.92 -22.34
N GLY A 114 16.47 7.16 -21.42
CA GLY A 114 17.70 6.38 -21.36
C GLY A 114 18.91 7.02 -22.03
N ILE A 115 18.73 8.20 -22.60
CA ILE A 115 19.84 8.87 -23.29
C ILE A 115 20.98 9.23 -22.33
N ALA A 116 20.66 9.69 -21.13
CA ALA A 116 21.69 10.02 -20.12
C ALA A 116 22.59 8.83 -19.86
N GLU A 117 22.00 7.66 -19.69
CA GLU A 117 22.76 6.44 -19.45
C GLU A 117 23.72 6.15 -20.61
N ILE A 118 23.20 6.30 -21.83
CA ILE A 118 23.99 6.00 -23.00
C ILE A 118 25.20 6.93 -23.09
N ASN A 119 24.99 8.23 -22.92
CA ASN A 119 26.07 9.21 -23.02
C ASN A 119 27.11 9.04 -21.93
N ARG A 120 26.66 8.77 -20.70
CA ARG A 120 27.57 8.45 -19.59
C ARG A 120 28.40 7.21 -19.90
N THR A 121 27.74 6.13 -20.30
CA THR A 121 28.43 4.85 -20.51
C THR A 121 29.47 4.94 -21.61
N PHE A 122 29.12 5.60 -22.70
CA PHE A 122 30.00 5.64 -23.86
C PHE A 122 30.83 6.92 -23.97
N ASP A 123 30.75 7.78 -22.96
CA ASP A 123 31.60 8.97 -22.89
C ASP A 123 31.34 9.92 -24.04
N LEU A 124 30.06 10.13 -24.34
CA LEU A 124 29.63 11.02 -25.41
C LEU A 124 29.09 12.27 -24.75
N SER A 125 29.51 13.44 -25.22
CA SER A 125 29.10 14.69 -24.59
C SER A 125 27.76 15.19 -25.12
N PRO A 126 26.82 15.48 -24.21
CA PRO A 126 25.53 16.07 -24.61
C PRO A 126 25.76 17.31 -25.48
N SER A 127 26.79 18.09 -25.19
CA SER A 127 27.06 19.35 -25.89
C SER A 127 27.31 19.15 -27.39
N TRP A 128 27.91 18.03 -27.74
CA TRP A 128 28.11 17.71 -29.16
C TRP A 128 26.76 17.70 -29.88
N TYR A 129 25.78 17.03 -29.28
CA TYR A 129 24.48 16.88 -29.91
C TYR A 129 23.67 18.18 -29.91
N VAL A 130 23.79 18.96 -28.84
CA VAL A 130 23.16 20.27 -28.76
C VAL A 130 23.61 21.12 -29.95
N GLU A 131 24.91 21.07 -30.27
CA GLU A 131 25.45 21.79 -31.43
C GLU A 131 24.90 21.25 -32.76
N ALA A 132 24.82 19.94 -32.89
CA ALA A 132 24.21 19.33 -34.06
C ALA A 132 22.78 19.81 -34.20
N LEU A 133 22.04 19.82 -33.09
CA LEU A 133 20.65 20.25 -33.12
C LEU A 133 20.53 21.73 -33.52
N LYS A 134 21.44 22.57 -33.03
CA LYS A 134 21.46 23.99 -33.42
C LYS A 134 21.69 24.15 -34.93
N TYR A 135 22.56 23.33 -35.50
CA TYR A 135 22.76 23.37 -36.94
C TYR A 135 21.47 23.01 -37.68
N VAL A 136 20.83 21.91 -37.30
CA VAL A 136 19.61 21.48 -37.97
C VAL A 136 18.58 22.61 -37.94
N LYS A 137 18.42 23.24 -36.78
CA LYS A 137 17.46 24.33 -36.65
C LYS A 137 17.72 25.46 -37.65
N ALA A 138 18.99 25.79 -37.83
CA ALA A 138 19.39 26.93 -38.67
C ALA A 138 19.37 26.60 -40.16
N ASN A 139 19.27 25.31 -40.51
CA ASN A 139 19.47 24.91 -41.90
C ASN A 139 18.33 24.11 -42.53
N HIS A 140 17.27 23.82 -41.79
CA HIS A 140 16.20 22.99 -42.34
C HIS A 140 15.35 23.69 -43.40
N GLY A 141 15.44 25.01 -43.46
CA GLY A 141 14.73 25.80 -44.44
C GLY A 141 13.22 25.87 -44.27
N LEU A 142 12.73 25.52 -43.08
CA LEU A 142 11.28 25.52 -42.83
C LEU A 142 10.76 26.90 -42.50
N SER A 143 9.50 27.16 -42.81
CA SER A 143 8.90 28.45 -42.49
C SER A 143 7.52 28.28 -41.86
N GLY A 144 6.98 29.37 -41.33
CA GLY A 144 5.65 29.35 -40.74
C GLY A 144 5.47 28.30 -39.67
N ASP A 145 4.27 27.75 -39.57
CA ASP A 145 3.94 26.81 -38.51
C ASP A 145 4.80 25.55 -38.57
N SER A 146 5.19 25.14 -39.77
CA SER A 146 6.06 23.97 -39.94
C SER A 146 7.38 24.16 -39.19
N ALA A 147 7.95 25.35 -39.28
CA ALA A 147 9.19 25.67 -38.58
C ALA A 147 9.01 25.78 -37.07
N VAL A 148 7.97 26.50 -36.64
CA VAL A 148 7.68 26.64 -35.22
C VAL A 148 7.53 25.24 -34.57
N GLU A 149 6.77 24.35 -35.20
CA GLU A 149 6.57 23.03 -34.63
C GLU A 149 7.85 22.20 -34.63
N ALA A 150 8.51 22.11 -35.79
CA ALA A 150 9.76 21.37 -35.90
C ALA A 150 10.77 21.86 -34.85
N ASN A 151 10.96 23.18 -34.79
CA ASN A 151 11.83 23.78 -33.78
C ASN A 151 11.42 23.44 -32.33
N SER A 152 10.12 23.30 -32.08
CA SER A 152 9.68 22.95 -30.73
C SER A 152 10.26 21.60 -30.33
N TYR A 153 10.33 20.68 -31.27
CA TYR A 153 10.86 19.36 -30.98
C TYR A 153 12.38 19.35 -30.89
N ILE A 154 13.02 20.17 -31.73
CA ILE A 154 14.46 20.30 -31.67
C ILE A 154 14.88 20.88 -30.32
N ASP A 155 14.18 21.92 -29.88
CA ASP A 155 14.50 22.56 -28.59
C ASP A 155 14.15 21.64 -27.42
N TYR A 156 13.12 20.82 -27.58
CA TYR A 156 12.79 19.83 -26.57
C TYR A 156 13.95 18.85 -26.35
N ALA A 157 14.53 18.35 -27.45
CA ALA A 157 15.73 17.53 -27.34
C ALA A 157 16.92 18.28 -26.72
N ILE A 158 17.15 19.52 -27.15
CA ILE A 158 18.21 20.34 -26.54
C ILE A 158 18.02 20.46 -25.01
N ASN A 159 16.79 20.76 -24.58
CA ASN A 159 16.51 20.82 -23.14
C ASN A 159 16.83 19.51 -22.41
N ALA A 160 16.53 18.38 -23.05
CA ALA A 160 16.72 17.08 -22.44
C ALA A 160 18.20 16.80 -22.25
N LEU A 161 19.03 17.40 -23.09
CA LEU A 161 20.47 17.19 -23.04
C LEU A 161 21.19 18.20 -22.12
N SER A 162 20.46 19.15 -21.56
CA SER A 162 21.11 20.25 -20.85
C SER A 162 20.32 20.70 -19.62
N MET B 1 -1.06 2.83 -25.91
CA MET B 1 -1.89 2.78 -27.11
C MET B 1 -1.27 3.57 -28.25
N TYR B 2 -1.70 3.27 -29.48
CA TYR B 2 -1.39 4.08 -30.65
C TYR B 2 -2.66 4.74 -31.18
N ASP B 3 -2.51 5.93 -31.76
CA ASP B 3 -3.56 6.45 -32.64
C ASP B 3 -3.07 6.15 -34.06
N ALA B 4 -3.78 6.58 -35.09
CA ALA B 4 -3.38 6.18 -36.45
C ALA B 4 -2.00 6.70 -36.84
N PHE B 5 -1.68 7.92 -36.42
CA PHE B 5 -0.40 8.54 -36.78
C PHE B 5 0.75 7.81 -36.07
N ALA B 6 0.54 7.51 -34.80
CA ALA B 6 1.56 6.84 -33.99
C ALA B 6 1.84 5.43 -34.48
N LYS B 7 0.78 4.73 -34.90
CA LYS B 7 0.94 3.38 -35.42
C LYS B 7 1.90 3.42 -36.60
N VAL B 8 1.71 4.40 -37.49
CA VAL B 8 2.57 4.56 -38.66
C VAL B 8 4.02 4.80 -38.26
N VAL B 9 4.22 5.73 -37.33
CA VAL B 9 5.56 5.98 -36.81
C VAL B 9 6.23 4.71 -36.28
N SER B 10 5.51 3.92 -35.48
CA SER B 10 6.16 2.76 -34.87
C SER B 10 6.57 1.75 -35.93
N GLN B 11 5.77 1.63 -36.99
CA GLN B 11 6.11 0.70 -38.06
C GLN B 11 7.34 1.21 -38.79
N ALA B 12 7.43 2.53 -38.93
CA ALA B 12 8.57 3.15 -39.61
C ALA B 12 9.86 3.03 -38.80
N ASP B 13 9.77 3.26 -37.50
CA ASP B 13 10.97 3.23 -36.67
C ASP B 13 11.58 1.84 -36.59
N SER B 14 10.72 0.81 -36.61
CA SER B 14 11.22 -0.55 -36.55
C SER B 14 12.04 -0.88 -37.80
N ARG B 15 11.92 -0.06 -38.84
CA ARG B 15 12.73 -0.22 -40.06
C ARG B 15 13.74 0.91 -40.22
N GLY B 16 13.80 1.80 -39.23
CA GLY B 16 14.71 2.93 -39.30
C GLY B 16 14.43 3.85 -40.48
N ALA B 17 13.14 3.92 -40.85
CA ALA B 17 12.71 4.59 -42.07
C ALA B 17 12.01 5.90 -41.78
N TYR B 18 12.21 6.90 -42.64
CA TYR B 18 11.34 8.06 -42.60
C TYR B 18 9.94 7.67 -43.10
N ILE B 19 8.95 8.49 -42.78
CA ILE B 19 7.57 8.19 -43.17
C ILE B 19 7.43 7.99 -44.68
N SER B 20 6.82 6.87 -45.07
CA SER B 20 6.70 6.51 -46.49
C SER B 20 5.56 7.23 -47.20
N ALA B 21 5.62 7.22 -48.53
CA ALA B 21 4.61 7.88 -49.35
C ALA B 21 3.22 7.32 -49.06
N SER B 22 3.10 6.00 -49.13
CA SER B 22 1.81 5.32 -48.86
C SER B 22 1.27 5.65 -47.47
N GLN B 23 2.17 5.90 -46.52
CA GLN B 23 1.78 6.34 -45.18
C GLN B 23 1.50 7.84 -45.15
N ILE B 24 2.36 8.62 -45.79
CA ILE B 24 2.19 10.07 -45.94
C ILE B 24 1.18 10.33 -47.06
N ASP B 25 0.84 11.60 -47.30
CA ASP B 25 -0.29 11.97 -48.15
C ASP B 25 -1.58 11.22 -47.73
N ALA B 26 -1.46 9.91 -47.49
CA ALA B 26 -2.56 9.13 -46.91
C ALA B 26 -3.05 9.71 -45.58
N LEU B 27 -2.23 9.64 -44.54
CA LEU B 27 -2.54 10.25 -43.24
C LEU B 27 -3.23 11.60 -43.45
N SER B 28 -2.73 12.37 -44.42
CA SER B 28 -3.38 13.62 -44.86
C SER B 28 -4.86 13.37 -45.18
N ALA B 29 -5.12 12.24 -45.84
CA ALA B 29 -6.48 11.84 -46.17
C ALA B 29 -7.32 11.56 -44.92
N MET B 30 -6.73 10.90 -43.92
CA MET B 30 -7.47 10.66 -42.68
C MET B 30 -7.74 11.98 -41.97
N VAL B 31 -6.77 12.89 -42.03
CA VAL B 31 -6.94 14.20 -41.43
C VAL B 31 -8.08 14.94 -42.13
N ALA B 32 -8.21 14.73 -43.43
CA ALA B 32 -9.22 15.41 -44.23
C ALA B 32 -10.62 14.90 -43.91
N ASP B 33 -10.71 13.67 -43.40
CA ASP B 33 -11.97 13.08 -42.99
C ASP B 33 -12.21 13.29 -41.51
N GLY B 34 -11.36 14.10 -40.88
CA GLY B 34 -11.36 14.25 -39.44
C GLY B 34 -12.68 14.76 -38.86
N SER B 35 -13.29 15.73 -39.50
CA SER B 35 -14.56 16.25 -39.00
C SER B 35 -15.68 15.20 -39.05
N LYS B 36 -15.71 14.39 -40.10
CA LYS B 36 -16.70 13.31 -40.20
C LYS B 36 -16.48 12.29 -39.08
N ARG B 37 -15.22 11.92 -38.87
CA ARG B 37 -14.86 11.04 -37.77
C ARG B 37 -15.38 11.57 -36.43
N LEU B 38 -15.20 12.87 -36.18
CA LEU B 38 -15.67 13.47 -34.93
C LEU B 38 -17.21 13.57 -34.85
N ASP B 39 -17.88 13.77 -35.99
CA ASP B 39 -19.34 13.67 -36.00
C ASP B 39 -19.76 12.27 -35.52
N ALA B 40 -19.14 11.23 -36.08
CA ALA B 40 -19.48 9.87 -35.68
C ALA B 40 -19.27 9.62 -34.17
N VAL B 41 -18.14 10.07 -33.66
CA VAL B 41 -17.85 9.86 -32.24
C VAL B 41 -18.88 10.56 -31.39
N ASN B 42 -19.19 11.79 -31.75
CA ASN B 42 -20.14 12.59 -30.99
C ASN B 42 -21.55 11.99 -31.01
N ARG B 43 -21.95 11.51 -32.17
CA ARG B 43 -23.31 10.98 -32.33
C ARG B 43 -23.48 9.68 -31.54
N ILE B 44 -22.52 8.77 -31.70
CA ILE B 44 -22.56 7.52 -30.96
C ILE B 44 -22.53 7.83 -29.45
N THR B 45 -21.57 8.65 -29.04
CA THR B 45 -21.41 8.99 -27.62
C THR B 45 -22.67 9.61 -27.04
N SER B 46 -23.23 10.57 -27.76
CA SER B 46 -24.40 11.32 -27.31
C SER B 46 -25.64 10.44 -27.13
N ASN B 47 -25.56 9.20 -27.62
CA ASN B 47 -26.67 8.28 -27.50
C ASN B 47 -26.27 6.99 -26.77
N SER B 48 -25.18 7.06 -26.02
CA SER B 48 -24.60 5.86 -25.40
C SER B 48 -25.53 5.14 -24.42
N SER B 49 -26.28 5.88 -23.60
CA SER B 49 -27.17 5.21 -22.65
C SER B 49 -28.29 4.46 -23.38
N ALA B 50 -28.86 5.10 -24.40
CA ALA B 50 -29.95 4.49 -25.16
C ALA B 50 -29.47 3.28 -25.97
N ILE B 51 -28.28 3.39 -26.56
CA ILE B 51 -27.71 2.30 -27.34
C ILE B 51 -27.48 1.07 -26.46
N VAL B 52 -27.02 1.28 -25.23
CA VAL B 52 -26.80 0.18 -24.31
C VAL B 52 -28.13 -0.40 -23.89
N ALA B 53 -29.05 0.46 -23.46
CA ALA B 53 -30.35 -0.03 -22.95
C ALA B 53 -31.15 -0.78 -24.01
N ASN B 54 -31.23 -0.21 -25.22
CA ASN B 54 -31.99 -0.85 -26.30
C ASN B 54 -31.37 -2.17 -26.76
N ALA B 55 -30.04 -2.20 -26.84
CA ALA B 55 -29.35 -3.42 -27.26
C ALA B 55 -29.51 -4.51 -26.19
N ALA B 56 -29.43 -4.11 -24.93
CA ALA B 56 -29.64 -5.06 -23.82
C ALA B 56 -31.07 -5.59 -23.85
N ARG B 57 -32.06 -4.70 -23.99
CA ARG B 57 -33.45 -5.13 -24.00
C ARG B 57 -33.71 -6.17 -25.10
N ALA B 58 -33.17 -5.90 -26.28
CA ALA B 58 -33.31 -6.80 -27.43
C ALA B 58 -32.57 -8.12 -27.23
N LEU B 59 -31.36 -8.08 -26.66
CA LEU B 59 -30.66 -9.31 -26.33
C LEU B 59 -31.49 -10.20 -25.38
N PHE B 60 -32.00 -9.63 -24.31
CA PHE B 60 -32.77 -10.41 -23.33
C PHE B 60 -34.10 -10.91 -23.91
N ALA B 61 -34.68 -10.13 -24.82
CA ALA B 61 -35.92 -10.52 -25.48
C ALA B 61 -35.67 -11.73 -26.37
N GLU B 62 -34.54 -11.70 -27.07
CA GLU B 62 -34.16 -12.80 -27.96
C GLU B 62 -33.70 -14.04 -27.23
N GLN B 63 -33.01 -13.85 -26.11
CA GLN B 63 -32.44 -14.94 -25.34
C GLN B 63 -32.94 -14.90 -23.89
N PRO B 64 -34.22 -15.23 -23.69
CA PRO B 64 -34.86 -15.16 -22.37
C PRO B 64 -34.17 -16.03 -21.31
N ALA B 65 -33.42 -17.05 -21.71
CA ALA B 65 -32.72 -17.86 -20.72
C ALA B 65 -31.70 -17.06 -19.91
N LEU B 66 -31.21 -15.95 -20.48
CA LEU B 66 -30.23 -15.13 -19.80
C LEU B 66 -30.80 -14.50 -18.54
N ILE B 67 -32.09 -14.22 -18.53
CA ILE B 67 -32.70 -13.53 -17.40
C ILE B 67 -33.64 -14.38 -16.54
N ALA B 68 -33.89 -15.61 -16.96
CA ALA B 68 -34.59 -16.56 -16.08
C ALA B 68 -33.70 -16.90 -14.90
N PRO B 69 -34.31 -17.18 -13.72
CA PRO B 69 -33.49 -17.56 -12.56
C PRO B 69 -32.44 -18.56 -12.97
N GLY B 70 -31.22 -18.41 -12.46
CA GLY B 70 -30.12 -19.26 -12.90
C GLY B 70 -29.38 -18.81 -14.15
N GLY B 71 -29.95 -17.84 -14.87
CA GLY B 71 -29.28 -17.25 -16.01
C GLY B 71 -28.16 -16.34 -15.57
N MEN B 72 -27.21 -16.07 -16.46
CA MEN B 72 -26.05 -15.27 -16.10
C MEN B 72 -26.40 -13.82 -15.92
O MEN B 72 -25.61 -13.08 -15.31
CB MEN B 72 -24.97 -15.40 -17.16
CG MEN B 72 -23.64 -15.04 -16.55
OD1 MEN B 72 -22.94 -14.17 -17.03
ND2 MEN B 72 -23.30 -15.71 -15.46
CE2 MEN B 72 -22.01 -15.53 -14.82
N ALA B 73 -27.55 -13.39 -16.43
CA ALA B 73 -27.97 -12.00 -16.29
C ALA B 73 -29.03 -11.85 -15.21
N TYR B 74 -29.37 -12.96 -14.55
CA TYR B 74 -30.36 -12.97 -13.47
C TYR B 74 -29.74 -12.46 -12.15
N THR B 75 -30.57 -11.89 -11.27
CA THR B 75 -30.15 -11.11 -10.08
C THR B 75 -29.67 -9.71 -10.47
N SER B 76 -29.89 -8.73 -9.59
CA SER B 76 -29.57 -7.35 -9.92
C SER B 76 -28.08 -7.11 -10.14
N ARG B 77 -27.24 -7.77 -9.34
CA ARG B 77 -25.80 -7.56 -9.42
C ARG B 77 -25.25 -8.06 -10.75
N ARG B 78 -25.76 -9.18 -11.22
CA ARG B 78 -25.34 -9.70 -12.53
C ARG B 78 -25.92 -8.88 -13.70
N MET B 79 -27.19 -8.51 -13.61
CA MET B 79 -27.79 -7.63 -14.60
C MET B 79 -26.97 -6.35 -14.68
N ALA B 80 -26.71 -5.75 -13.53
CA ALA B 80 -25.93 -4.51 -13.49
C ALA B 80 -24.56 -4.69 -14.14
N ALA B 81 -23.86 -5.79 -13.82
CA ALA B 81 -22.54 -6.03 -14.39
C ALA B 81 -22.61 -6.19 -15.91
N CYS B 82 -23.68 -6.84 -16.36
CA CYS B 82 -23.90 -7.07 -17.79
C CYS B 82 -24.05 -5.71 -18.51
N LEU B 83 -24.90 -4.86 -17.98
CA LEU B 83 -25.10 -3.52 -18.57
C LEU B 83 -23.79 -2.73 -18.57
N ARG B 84 -23.02 -2.88 -17.50
CA ARG B 84 -21.69 -2.26 -17.38
C ARG B 84 -20.74 -2.69 -18.52
N ASP B 85 -20.63 -4.00 -18.76
CA ASP B 85 -19.79 -4.52 -19.84
C ASP B 85 -20.16 -3.93 -21.20
N MET B 86 -21.46 -3.92 -21.50
CA MET B 86 -21.97 -3.32 -22.74
C MET B 86 -21.57 -1.85 -22.86
N GLU B 87 -21.71 -1.11 -21.78
CA GLU B 87 -21.29 0.29 -21.75
C GLU B 87 -19.78 0.39 -21.96
N ILE B 88 -19.05 -0.49 -21.29
CA ILE B 88 -17.59 -0.52 -21.40
C ILE B 88 -17.12 -0.81 -22.83
N VAL B 89 -17.66 -1.86 -23.46
CA VAL B 89 -17.28 -2.14 -24.84
C VAL B 89 -17.60 -0.97 -25.79
N LEU B 90 -18.79 -0.39 -25.64
CA LEU B 90 -19.18 0.76 -26.46
C LEU B 90 -18.20 1.91 -26.23
N ARG B 91 -17.82 2.11 -24.98
CA ARG B 91 -16.91 3.20 -24.64
C ARG B 91 -15.57 3.00 -25.33
N TYR B 92 -15.00 1.81 -25.17
CA TYR B 92 -13.69 1.50 -25.80
C TYR B 92 -13.74 1.53 -27.33
N VAL B 93 -14.87 1.12 -27.90
CA VAL B 93 -15.05 1.24 -29.34
C VAL B 93 -15.00 2.72 -29.73
N THR B 94 -15.66 3.61 -28.99
CA THR B 94 -15.59 5.02 -29.35
C THR B 94 -14.15 5.56 -29.31
N TYR B 95 -13.33 5.06 -28.37
CA TYR B 95 -11.92 5.46 -28.32
C TYR B 95 -11.19 5.04 -29.59
N ALA B 96 -11.49 3.84 -30.08
CA ALA B 96 -10.90 3.33 -31.30
C ALA B 96 -11.27 4.22 -32.50
N ILE B 97 -12.55 4.58 -32.60
CA ILE B 97 -13.00 5.44 -33.69
C ILE B 97 -12.26 6.77 -33.64
N TYR B 98 -12.22 7.36 -32.44
CA TYR B 98 -11.62 8.68 -32.25
C TYR B 98 -10.13 8.66 -32.60
N SER B 99 -9.41 7.63 -32.16
CA SER B 99 -7.95 7.59 -32.36
C SER B 99 -7.56 7.00 -33.71
N GLY B 100 -8.51 6.39 -34.40
CA GLY B 100 -8.26 5.75 -35.69
C GLY B 100 -7.36 4.53 -35.61
N ASP B 101 -7.39 3.85 -34.47
CA ASP B 101 -6.58 2.65 -34.30
C ASP B 101 -7.22 1.73 -33.24
N ALA B 102 -7.14 0.43 -33.45
CA ALA B 102 -7.83 -0.54 -32.57
C ALA B 102 -7.07 -0.84 -31.27
N SER B 103 -5.84 -0.33 -31.14
CA SER B 103 -5.00 -0.73 -30.00
C SER B 103 -5.61 -0.42 -28.62
N ILE B 104 -6.30 0.72 -28.48
CA ILE B 104 -6.92 1.05 -27.19
C ILE B 104 -7.96 -0.04 -26.82
N LEU B 105 -8.74 -0.45 -27.81
CA LEU B 105 -9.80 -1.43 -27.62
C LEU B 105 -9.21 -2.81 -27.28
N GLU B 106 -8.17 -3.19 -28.01
CA GLU B 106 -7.52 -4.50 -27.80
C GLU B 106 -6.75 -4.59 -26.48
N ASP B 107 -6.01 -3.53 -26.14
CA ASP B 107 -5.11 -3.58 -24.98
C ASP B 107 -5.85 -3.44 -23.64
N ARG B 108 -6.86 -2.58 -23.59
CA ARG B 108 -7.49 -2.28 -22.30
C ARG B 108 -8.84 -2.95 -22.12
N CYS B 109 -9.47 -3.33 -23.23
CA CYS B 109 -10.80 -3.92 -23.13
C CYS B 109 -10.86 -5.41 -23.47
N LEU B 110 -10.39 -5.78 -24.66
CA LEU B 110 -10.61 -7.13 -25.17
C LEU B 110 -9.63 -8.18 -24.64
N ASN B 111 -8.39 -7.75 -24.36
CA ASN B 111 -7.35 -8.69 -23.97
C ASN B 111 -7.68 -9.42 -22.68
N GLY B 112 -7.87 -10.74 -22.79
CA GLY B 112 -8.18 -11.57 -21.64
C GLY B 112 -9.63 -11.55 -21.21
N LEU B 113 -10.48 -10.95 -22.04
CA LEU B 113 -11.89 -10.86 -21.72
C LEU B 113 -12.59 -12.19 -21.95
N LYS B 114 -12.23 -12.86 -23.05
CA LYS B 114 -12.78 -14.17 -23.38
C LYS B 114 -12.52 -15.11 -22.21
N GLU B 115 -11.29 -15.10 -21.74
CA GLU B 115 -10.85 -15.95 -20.64
C GLU B 115 -11.59 -15.62 -19.34
N THR B 116 -11.84 -14.34 -19.12
CA THR B 116 -12.55 -13.91 -17.93
C THR B 116 -13.97 -14.47 -17.92
N TYR B 117 -14.66 -14.35 -19.06
CA TYR B 117 -16.02 -14.85 -19.19
C TYR B 117 -16.10 -16.38 -19.00
N LEU B 118 -15.10 -17.10 -19.53
CA LEU B 118 -15.02 -18.54 -19.36
C LEU B 118 -14.86 -18.93 -17.89
N ALA B 119 -14.03 -18.19 -17.17
CA ALA B 119 -13.87 -18.39 -15.72
C ALA B 119 -15.13 -18.08 -14.91
N LEU B 120 -15.90 -17.08 -15.34
CA LEU B 120 -17.11 -16.67 -14.62
C LEU B 120 -18.36 -17.46 -15.02
N GLY B 121 -18.30 -18.17 -16.14
CA GLY B 121 -19.50 -18.80 -16.66
C GLY B 121 -20.40 -17.85 -17.44
N THR B 122 -19.85 -16.72 -17.85
CA THR B 122 -20.57 -15.76 -18.70
C THR B 122 -20.53 -16.21 -20.15
N PRO B 123 -21.68 -16.26 -20.82
CA PRO B 123 -21.69 -16.79 -22.19
C PRO B 123 -21.19 -15.77 -23.21
N GLY B 124 -19.94 -15.89 -23.62
CA GLY B 124 -19.34 -14.97 -24.58
C GLY B 124 -20.16 -14.85 -25.84
N SER B 125 -20.69 -15.97 -26.31
N SER B 125 -20.71 -15.96 -26.32
CA SER B 125 -21.57 -16.00 -27.47
CA SER B 125 -21.54 -15.90 -27.51
C SER B 125 -22.70 -14.97 -27.36
C SER B 125 -22.75 -14.96 -27.38
N SER B 126 -23.32 -14.89 -26.19
CA SER B 126 -24.41 -13.95 -25.96
C SER B 126 -23.90 -12.51 -25.90
N VAL B 127 -22.72 -12.31 -25.33
CA VAL B 127 -22.14 -10.97 -25.30
C VAL B 127 -21.91 -10.47 -26.74
N ALA B 128 -21.42 -11.36 -27.59
CA ALA B 128 -21.17 -10.99 -28.98
C ALA B 128 -22.47 -10.54 -29.65
N VAL B 129 -23.58 -11.19 -29.32
CA VAL B 129 -24.87 -10.81 -29.89
C VAL B 129 -25.26 -9.40 -29.45
N GLY B 130 -25.04 -9.10 -28.17
CA GLY B 130 -25.33 -7.75 -27.70
C GLY B 130 -24.47 -6.70 -28.38
N ILE B 131 -23.18 -7.00 -28.53
CA ILE B 131 -22.26 -6.09 -29.21
C ILE B 131 -22.69 -5.83 -30.65
N GLY B 132 -23.11 -6.89 -31.34
CA GLY B 132 -23.63 -6.76 -32.69
C GLY B 132 -24.81 -5.82 -32.72
N LYS B 133 -25.66 -5.87 -31.71
CA LYS B 133 -26.82 -4.97 -31.69
C LYS B 133 -26.42 -3.52 -31.46
N MET B 134 -25.41 -3.30 -30.62
CA MET B 134 -24.90 -1.95 -30.44
C MET B 134 -24.29 -1.45 -31.74
N LYS B 135 -23.54 -2.30 -32.42
CA LYS B 135 -22.91 -1.93 -33.70
C LYS B 135 -23.97 -1.36 -34.63
N ASP B 136 -25.05 -2.10 -34.84
CA ASP B 136 -26.08 -1.71 -35.80
C ASP B 136 -26.69 -0.38 -35.40
N ALA B 137 -27.00 -0.22 -34.11
CA ALA B 137 -27.60 1.02 -33.63
C ALA B 137 -26.62 2.17 -33.81
N ALA B 138 -25.37 1.95 -33.42
CA ALA B 138 -24.35 2.98 -33.46
C ALA B 138 -24.10 3.49 -34.87
N ILE B 139 -24.03 2.56 -35.83
CA ILE B 139 -23.79 2.93 -37.21
C ILE B 139 -24.99 3.68 -37.79
N ALA B 140 -26.19 3.22 -37.47
CA ALA B 140 -27.40 3.93 -37.90
C ALA B 140 -27.40 5.38 -37.39
N ILE B 141 -26.99 5.56 -36.15
CA ILE B 141 -26.96 6.89 -35.56
C ILE B 141 -25.86 7.74 -36.19
N ALA B 142 -24.66 7.18 -36.29
CA ALA B 142 -23.51 7.90 -36.82
C ALA B 142 -23.74 8.32 -38.27
N ASN B 143 -24.44 7.47 -39.03
CA ASN B 143 -24.58 7.68 -40.48
C ASN B 143 -25.96 8.25 -40.84
N ASP B 144 -26.63 8.85 -39.88
CA ASP B 144 -27.93 9.44 -40.11
C ASP B 144 -27.74 10.66 -41.02
N PRO B 145 -28.48 10.69 -42.16
CA PRO B 145 -28.30 11.80 -43.12
C PRO B 145 -28.83 13.14 -42.60
N ASN B 146 -29.71 13.13 -41.60
CA ASN B 146 -30.28 14.37 -41.08
C ASN B 146 -29.32 15.17 -40.20
N GLY B 147 -29.44 16.49 -40.25
CA GLY B 147 -28.74 17.35 -39.33
C GLY B 147 -27.24 17.45 -39.55
N VAL B 148 -26.78 17.16 -40.76
CA VAL B 148 -25.34 17.28 -41.04
C VAL B 148 -25.08 17.55 -42.52
N THR B 149 -23.97 18.22 -42.82
CA THR B 149 -23.57 18.42 -44.19
C THR B 149 -23.43 17.06 -44.85
N ARG B 150 -24.11 16.85 -45.97
CA ARG B 150 -24.06 15.54 -46.61
C ARG B 150 -22.72 15.22 -47.29
N GLY B 151 -22.37 13.94 -47.32
CA GLY B 151 -21.15 13.47 -47.96
C GLY B 151 -21.03 11.98 -47.73
N ASP B 152 -19.92 11.41 -48.18
CA ASP B 152 -19.68 9.98 -48.14
C ASP B 152 -18.90 9.61 -46.86
N CYS B 153 -19.58 8.92 -45.96
CA CYS B 153 -18.95 8.43 -44.75
C CYS B 153 -18.83 6.90 -44.77
N SER B 154 -18.92 6.31 -45.96
CA SER B 154 -18.92 4.86 -46.07
C SER B 154 -17.65 4.19 -45.56
N ALA B 155 -16.49 4.75 -45.90
CA ALA B 155 -15.23 4.17 -45.46
C ALA B 155 -15.18 4.20 -43.93
N LEU B 156 -15.57 5.34 -43.37
CA LEU B 156 -15.66 5.48 -41.92
C LEU B 156 -16.60 4.45 -41.27
N MET B 157 -17.80 4.25 -41.83
CA MET B 157 -18.74 3.31 -41.25
C MET B 157 -18.15 1.91 -41.31
N SER B 158 -17.37 1.67 -42.35
CA SER B 158 -16.72 0.38 -42.48
C SER B 158 -15.65 0.18 -41.39
N GLU B 159 -14.92 1.24 -41.08
CA GLU B 159 -13.93 1.18 -40.01
C GLU B 159 -14.62 1.00 -38.64
N ILE B 160 -15.67 1.78 -38.40
CA ILE B 160 -16.45 1.65 -37.18
C ILE B 160 -16.97 0.22 -37.01
N GLY B 161 -17.58 -0.33 -38.05
CA GLY B 161 -18.05 -1.70 -38.01
C GLY B 161 -16.97 -2.71 -37.65
N SER B 162 -15.77 -2.49 -38.18
CA SER B 162 -14.65 -3.40 -37.94
C SER B 162 -14.24 -3.41 -36.46
N TYR B 163 -14.30 -2.25 -35.81
CA TYR B 163 -14.02 -2.20 -34.37
C TYR B 163 -15.07 -2.98 -33.59
N PHE B 164 -16.34 -2.76 -33.90
CA PHE B 164 -17.39 -3.55 -33.25
C PHE B 164 -17.21 -5.04 -33.51
N ASP B 165 -16.84 -5.38 -34.74
CA ASP B 165 -16.69 -6.77 -35.14
C ASP B 165 -15.51 -7.40 -34.42
N LYS B 166 -14.43 -6.65 -34.24
CA LYS B 166 -13.30 -7.15 -33.47
C LYS B 166 -13.71 -7.49 -32.04
N ALA B 167 -14.53 -6.62 -31.44
CA ALA B 167 -14.96 -6.82 -30.05
C ALA B 167 -15.85 -8.06 -29.92
N ALA B 168 -16.84 -8.19 -30.81
CA ALA B 168 -17.71 -9.36 -30.81
C ALA B 168 -16.91 -10.65 -31.04
N ALA B 169 -15.99 -10.62 -32.00
CA ALA B 169 -15.13 -11.76 -32.32
C ALA B 169 -14.31 -12.19 -31.10
N ALA B 170 -13.80 -11.22 -30.35
CA ALA B 170 -12.94 -11.51 -29.20
C ALA B 170 -13.64 -12.32 -28.11
N VAL B 171 -14.98 -12.19 -28.00
CA VAL B 171 -15.75 -12.89 -26.98
C VAL B 171 -16.62 -14.06 -27.48
N ALA B 172 -17.00 -14.02 -28.75
CA ALA B 172 -17.97 -14.99 -29.31
C ALA B 172 -17.65 -16.46 -28.96
N MET C 1 20.24 -17.59 5.16
CA MET C 1 20.70 -17.56 6.54
C MET C 1 21.61 -16.37 6.75
N LYS C 2 21.45 -15.70 7.88
CA LYS C 2 22.30 -14.57 8.23
C LYS C 2 23.68 -14.99 8.70
N THR C 3 24.70 -14.36 8.10
CA THR C 3 26.08 -14.43 8.55
C THR C 3 26.63 -13.02 8.31
N PRO C 4 27.85 -12.73 8.79
CA PRO C 4 28.34 -11.39 8.49
C PRO C 4 28.47 -11.17 6.98
N LEU C 5 28.87 -12.19 6.24
CA LEU C 5 29.02 -12.01 4.80
C LEU C 5 27.67 -11.82 4.08
N THR C 6 26.67 -12.65 4.39
CA THR C 6 25.38 -12.53 3.69
C THR C 6 24.64 -11.24 4.04
N GLU C 7 24.86 -10.75 5.25
CA GLU C 7 24.25 -9.49 5.69
C GLU C 7 24.87 -8.32 4.93
N ALA C 8 26.18 -8.35 4.75
CA ALA C 8 26.85 -7.30 3.99
C ALA C 8 26.33 -7.31 2.55
N VAL C 9 26.28 -8.49 1.94
CA VAL C 9 25.74 -8.60 0.59
C VAL C 9 24.28 -8.12 0.54
N SER C 10 23.47 -8.56 1.50
CA SER C 10 22.06 -8.16 1.56
C SER C 10 21.90 -6.66 1.62
N ALA C 11 22.74 -5.99 2.41
CA ALA C 11 22.64 -4.54 2.54
C ALA C 11 22.99 -3.85 1.23
N ALA C 12 24.08 -4.31 0.59
CA ALA C 12 24.48 -3.76 -0.70
C ALA C 12 23.40 -4.01 -1.75
N ASP C 13 22.93 -5.24 -1.84
CA ASP C 13 21.87 -5.60 -2.79
C ASP C 13 20.60 -4.73 -2.65
N SER C 14 20.11 -4.56 -1.42
CA SER C 14 18.90 -3.74 -1.22
C SER C 14 19.09 -2.28 -1.65
N GLN C 15 20.33 -1.83 -1.71
CA GLN C 15 20.64 -0.49 -2.21
C GLN C 15 21.04 -0.52 -3.68
N GLY C 16 21.05 -1.72 -4.26
CA GLY C 16 21.42 -1.88 -5.66
C GLY C 16 22.88 -1.56 -5.95
N ARG C 17 23.72 -1.65 -4.92
CA ARG C 17 25.11 -1.19 -5.00
C ARG C 17 26.14 -2.31 -5.15
N PHE C 18 27.23 -2.02 -5.85
CA PHE C 18 28.41 -2.90 -5.75
C PHE C 18 28.97 -2.85 -4.33
N LEU C 19 29.71 -3.88 -3.96
CA LEU C 19 30.39 -3.92 -2.68
C LEU C 19 31.47 -2.86 -2.66
N SER C 20 31.79 -2.37 -1.47
CA SER C 20 32.87 -1.41 -1.32
C SER C 20 33.82 -1.82 -0.19
N THR C 21 34.69 -0.89 0.20
CA THR C 21 35.61 -1.14 1.30
C THR C 21 34.87 -1.36 2.62
N THR C 22 33.65 -0.87 2.72
CA THR C 22 32.81 -1.16 3.88
C THR C 22 32.64 -2.66 3.99
N GLU C 23 32.24 -3.31 2.90
CA GLU C 23 32.06 -4.77 2.92
C GLU C 23 33.36 -5.51 3.02
N THR C 24 34.45 -4.91 2.53
CA THR C 24 35.75 -5.54 2.67
C THR C 24 36.13 -5.66 4.15
N GLN C 25 35.87 -4.58 4.89
CA GLN C 25 36.13 -4.58 6.31
C GLN C 25 35.31 -5.66 7.01
N VAL C 26 34.03 -5.75 6.70
CA VAL C 26 33.21 -6.84 7.26
C VAL C 26 33.90 -8.20 7.08
N ALA C 27 34.40 -8.47 5.88
CA ALA C 27 35.00 -9.77 5.57
C ALA C 27 36.33 -9.98 6.31
N PHE C 28 37.13 -8.92 6.42
CA PHE C 28 38.37 -8.99 7.18
C PHE C 28 38.04 -9.32 8.64
N GLY C 29 36.99 -8.69 9.16
CA GLY C 29 36.58 -8.95 10.54
C GLY C 29 36.15 -10.39 10.69
N ARG C 30 35.41 -10.89 9.70
CA ARG C 30 34.99 -12.27 9.65
C ARG C 30 36.19 -13.23 9.60
N PHE C 31 37.17 -12.93 8.77
CA PHE C 31 38.31 -13.85 8.58
C PHE C 31 39.23 -13.83 9.78
N ARG C 32 39.25 -12.72 10.50
CA ARG C 32 40.00 -12.63 11.73
C ARG C 32 39.37 -13.57 12.78
N GLN C 33 38.04 -13.67 12.75
CA GLN C 33 37.29 -14.39 13.76
C GLN C 33 37.20 -15.89 13.45
N ALA C 34 37.24 -16.21 12.17
CA ALA C 34 36.82 -17.52 11.69
C ALA C 34 37.69 -18.66 12.19
N THR C 35 38.97 -18.37 12.43
CA THR C 35 39.91 -19.40 12.83
C THR C 35 39.65 -19.83 14.27
N SER C 36 39.51 -18.84 15.15
N SER C 36 39.51 -18.86 15.16
CA SER C 36 39.13 -19.06 16.53
CA SER C 36 39.15 -19.15 16.54
C SER C 36 37.74 -19.70 16.63
C SER C 36 37.73 -19.73 16.63
N GLY C 37 36.89 -19.39 15.65
CA GLY C 37 35.54 -19.89 15.61
C GLY C 37 35.49 -21.36 15.25
N LEU C 38 36.24 -21.74 14.22
CA LEU C 38 36.31 -23.12 13.77
C LEU C 38 36.99 -23.99 14.83
N ALA C 39 37.92 -23.40 15.57
CA ALA C 39 38.57 -24.12 16.65
C ALA C 39 37.55 -24.45 17.73
N ALA C 40 36.68 -23.49 18.04
CA ALA C 40 35.66 -23.71 19.06
C ALA C 40 34.67 -24.76 18.57
N ALA C 41 34.24 -24.65 17.32
CA ALA C 41 33.33 -25.65 16.75
C ALA C 41 33.92 -27.06 16.91
N LYS C 42 35.21 -27.20 16.66
CA LYS C 42 35.88 -28.50 16.70
C LYS C 42 35.99 -29.01 18.14
N ALA C 43 36.46 -28.16 19.04
CA ALA C 43 36.53 -28.53 20.45
C ALA C 43 35.18 -28.97 21.00
N LEU C 44 34.11 -28.24 20.65
CA LEU C 44 32.77 -28.54 21.15
C LEU C 44 32.27 -29.88 20.62
N SER C 45 32.52 -30.11 19.34
CA SER C 45 32.12 -31.33 18.68
C SER C 45 32.72 -32.55 19.36
N GLU C 46 34.00 -32.45 19.76
CA GLU C 46 34.69 -33.56 20.41
C GLU C 46 34.13 -33.85 21.81
N LYS C 47 33.70 -32.80 22.51
CA LYS C 47 33.13 -32.92 23.85
C LYS C 47 31.60 -33.00 23.90
N ALA C 48 30.95 -32.94 22.74
CA ALA C 48 29.49 -32.78 22.67
C ALA C 48 28.74 -33.80 23.52
N GLU C 49 29.09 -35.06 23.36
CA GLU C 49 28.37 -36.14 24.04
C GLU C 49 28.53 -36.04 25.57
N SER C 50 29.74 -35.76 26.01
CA SER C 50 30.02 -35.58 27.43
C SER C 50 29.32 -34.35 28.01
N LEU C 51 29.36 -33.26 27.27
CA LEU C 51 28.70 -32.01 27.69
C LEU C 51 27.18 -32.14 27.79
N ALA C 52 26.56 -32.77 26.80
CA ALA C 52 25.12 -33.00 26.80
C ALA C 52 24.67 -33.85 27.99
N SER C 53 25.32 -35.00 28.20
CA SER C 53 24.97 -35.85 29.33
C SER C 53 25.23 -35.14 30.69
N GLY C 54 26.39 -34.49 30.81
CA GLY C 54 26.70 -33.73 32.01
C GLY C 54 25.72 -32.58 32.26
N ALA C 55 25.26 -31.96 31.19
CA ALA C 55 24.31 -30.85 31.29
C ALA C 55 22.96 -31.39 31.76
N ALA C 56 22.54 -32.51 31.18
CA ALA C 56 21.29 -33.14 31.57
C ALA C 56 21.32 -33.43 33.08
N ASN C 57 22.40 -34.04 33.54
CA ASN C 57 22.55 -34.34 34.98
C ASN C 57 22.50 -33.08 35.84
N ALA C 58 23.08 -32.00 35.33
CA ALA C 58 23.05 -30.76 36.08
C ALA C 58 21.61 -30.26 36.17
N VAL C 59 20.83 -30.46 35.11
CA VAL C 59 19.43 -30.04 35.17
C VAL C 59 18.67 -30.83 36.25
N TYR C 60 18.82 -32.15 36.23
CA TYR C 60 18.16 -33.03 37.20
C TYR C 60 18.51 -32.67 38.64
N SER C 61 19.77 -32.30 38.87
CA SER C 61 20.21 -31.89 40.21
C SER C 61 19.58 -30.57 40.66
N LYS C 62 19.46 -29.63 39.73
CA LYS C 62 18.83 -28.35 40.03
C LYS C 62 17.32 -28.55 40.26
N PHE C 63 16.72 -29.37 39.41
CA PHE C 63 15.27 -29.56 39.42
C PHE C 63 14.95 -31.06 39.56
N PRO C 64 15.12 -31.60 40.77
CA PRO C 64 14.96 -33.05 40.92
C PRO C 64 13.59 -33.54 40.48
N TYR C 65 12.56 -32.69 40.59
CA TYR C 65 11.18 -33.08 40.25
C TYR C 65 11.02 -33.50 38.79
N THR C 66 11.97 -33.10 37.94
CA THR C 66 11.90 -33.45 36.52
C THR C 66 12.18 -34.94 36.32
N THR C 67 12.70 -35.59 37.36
CA THR C 67 12.96 -37.03 37.29
C THR C 67 11.98 -37.89 38.12
N SER C 68 11.02 -37.24 38.78
CA SER C 68 10.02 -37.98 39.57
C SER C 68 8.58 -37.72 39.12
N MET C 69 8.27 -36.50 38.69
CA MET C 69 6.88 -36.19 38.32
C MET C 69 6.47 -36.93 37.07
N THR C 70 5.22 -37.36 37.06
CA THR C 70 4.73 -38.19 35.97
C THR C 70 4.20 -37.29 34.85
N GLY C 71 4.52 -37.64 33.62
CA GLY C 71 4.12 -36.85 32.47
C GLY C 71 5.14 -36.93 31.34
N ALA C 72 4.66 -36.88 30.10
CA ALA C 72 5.55 -37.03 28.97
C ALA C 72 6.52 -35.85 28.85
N ASN C 73 6.25 -34.76 29.56
CA ASN C 73 7.11 -33.58 29.48
C ASN C 73 8.33 -33.67 30.38
N TYR C 74 8.38 -34.70 31.22
CA TYR C 74 9.46 -34.83 32.19
C TYR C 74 10.42 -35.95 31.86
N ALA C 75 11.58 -35.90 32.51
CA ALA C 75 12.62 -36.93 32.41
C ALA C 75 12.49 -38.01 33.49
N SER C 76 11.26 -38.37 33.85
CA SER C 76 11.01 -39.39 34.86
C SER C 76 10.87 -40.76 34.21
N SER C 77 11.23 -40.84 32.94
CA SER C 77 11.27 -42.09 32.21
C SER C 77 12.54 -42.08 31.36
N GLN C 78 13.03 -43.26 30.96
CA GLN C 78 14.20 -43.29 30.09
C GLN C 78 13.95 -42.54 28.78
N THR C 79 12.75 -42.69 28.23
CA THR C 79 12.40 -41.98 27.00
C THR C 79 12.54 -40.48 27.22
N GLY C 80 12.07 -40.02 28.37
CA GLY C 80 12.12 -38.60 28.73
C GLY C 80 13.54 -38.11 28.91
N LYS C 81 14.39 -38.92 29.55
CA LYS C 81 15.79 -38.54 29.72
C LYS C 81 16.49 -38.48 28.37
N ASP C 82 16.16 -39.40 27.48
CA ASP C 82 16.76 -39.42 26.15
C ASP C 82 16.36 -38.17 25.37
N LYS C 83 15.08 -37.79 25.45
CA LYS C 83 14.60 -36.57 24.81
C LYS C 83 15.39 -35.39 25.28
N CYS C 84 15.59 -35.33 26.59
CA CYS C 84 16.26 -34.18 27.21
C CYS C 84 17.71 -34.05 26.75
N VAL C 85 18.44 -35.16 26.75
CA VAL C 85 19.84 -35.17 26.33
C VAL C 85 19.97 -34.85 24.85
N ARG C 86 19.05 -35.40 24.06
CA ARG C 86 18.89 -35.00 22.67
C ARG C 86 18.76 -33.46 22.57
N ASP C 87 17.79 -32.90 23.28
CA ASP C 87 17.51 -31.46 23.19
C ASP C 87 18.77 -30.64 23.49
N ILE C 88 19.50 -31.03 24.53
CA ILE C 88 20.68 -30.29 24.92
C ILE C 88 21.76 -30.45 23.84
N GLY C 89 21.83 -31.63 23.26
CA GLY C 89 22.73 -31.87 22.15
C GLY C 89 22.42 -30.95 20.98
N TYR C 90 21.12 -30.73 20.72
CA TYR C 90 20.72 -29.80 19.68
C TYR C 90 21.32 -28.42 19.95
N TYR C 91 21.15 -27.93 21.17
CA TYR C 91 21.67 -26.63 21.54
C TYR C 91 23.17 -26.55 21.30
N ILE C 92 23.89 -27.57 21.76
CA ILE C 92 25.32 -27.59 21.63
C ILE C 92 25.69 -27.59 20.14
N ARG C 93 24.98 -28.40 19.35
CA ARG C 93 25.28 -28.44 17.93
C ARG C 93 25.00 -27.09 17.26
N MET C 94 23.89 -26.44 17.61
CA MET C 94 23.60 -25.10 17.08
C MET C 94 24.71 -24.09 17.42
N VAL C 95 25.29 -24.21 18.61
CA VAL C 95 26.38 -23.31 18.98
C VAL C 95 27.60 -23.52 18.04
N THR C 96 27.93 -24.77 17.71
CA THR C 96 29.07 -24.98 16.82
C THR C 96 28.79 -24.37 15.44
N TYR C 97 27.57 -24.52 14.96
CA TYR C 97 27.17 -23.92 13.69
C TYR C 97 27.36 -22.41 13.73
N CYS C 98 26.91 -21.78 14.80
CA CYS C 98 27.11 -20.35 14.99
C CYS C 98 28.59 -19.97 14.93
N CYS C 99 29.44 -20.78 15.54
CA CYS C 99 30.90 -20.57 15.50
C CYS C 99 31.45 -20.75 14.08
N VAL C 100 30.82 -21.64 13.31
CA VAL C 100 31.27 -21.89 11.93
C VAL C 100 30.94 -20.71 11.00
N VAL C 101 29.77 -20.10 11.17
CA VAL C 101 29.38 -19.01 10.29
C VAL C 101 29.66 -17.60 10.84
N GLY C 102 30.04 -17.52 12.11
CA GLY C 102 30.27 -16.24 12.75
C GLY C 102 29.01 -15.43 13.06
N GLY C 103 27.92 -16.09 13.47
CA GLY C 103 26.72 -15.36 13.87
C GLY C 103 25.63 -16.27 14.44
N THR C 104 24.53 -15.70 14.94
CA THR C 104 23.43 -16.50 15.49
C THR C 104 22.56 -17.14 14.43
N GLY C 105 22.81 -16.85 13.16
CA GLY C 105 21.97 -17.34 12.08
C GLY C 105 21.41 -18.76 12.22
N PRO C 106 22.32 -19.75 12.38
CA PRO C 106 21.93 -21.16 12.47
C PRO C 106 21.03 -21.42 13.69
N MET C 107 21.42 -20.91 14.85
CA MET C 107 20.55 -21.02 16.01
C MET C 107 19.17 -20.40 15.77
N ASP C 108 19.14 -19.21 15.19
CA ASP C 108 17.87 -18.59 14.88
C ASP C 108 17.01 -19.47 13.97
N ASP C 109 17.56 -19.83 12.81
CA ASP C 109 16.82 -20.55 11.77
C ASP C 109 16.34 -21.94 12.21
N TYR C 110 17.19 -22.67 12.94
CA TYR C 110 16.92 -24.07 13.28
C TYR C 110 16.31 -24.29 14.66
N LEU C 111 16.49 -23.33 15.57
CA LEU C 111 16.11 -23.56 16.97
C LEU C 111 15.29 -22.44 17.64
N VAL C 112 15.79 -21.21 17.62
CA VAL C 112 15.12 -20.13 18.35
C VAL C 112 13.76 -19.74 17.73
N ALA C 113 13.68 -19.61 16.40
CA ALA C 113 12.38 -19.29 15.80
C ALA C 113 11.40 -20.46 15.99
N GLY C 114 10.39 -20.25 16.82
CA GLY C 114 9.44 -21.28 17.13
C GLY C 114 9.63 -21.97 18.50
N ILE C 115 10.72 -21.66 19.19
CA ILE C 115 11.03 -22.37 20.44
C ILE C 115 9.95 -22.10 21.50
N ALA C 116 9.46 -20.86 21.55
CA ALA C 116 8.47 -20.51 22.56
C ALA C 116 7.20 -21.32 22.35
N GLU C 117 6.84 -21.55 21.09
CA GLU C 117 5.65 -22.32 20.77
C GLU C 117 5.84 -23.78 21.20
N ILE C 118 6.99 -24.35 20.88
CA ILE C 118 7.31 -25.70 21.31
C ILE C 118 7.26 -25.87 22.83
N ASN C 119 7.91 -24.96 23.55
CA ASN C 119 7.93 -25.04 25.01
C ASN C 119 6.52 -24.90 25.61
N ARG C 120 5.72 -23.99 25.07
CA ARG C 120 4.34 -23.89 25.50
C ARG C 120 3.56 -25.18 25.25
N THR C 121 3.62 -25.69 24.03
CA THR C 121 2.79 -26.84 23.62
C THR C 121 3.16 -28.11 24.38
N PHE C 122 4.46 -28.37 24.50
CA PHE C 122 4.94 -29.60 25.14
C PHE C 122 5.22 -29.44 26.64
N ASP C 123 4.89 -28.27 27.17
CA ASP C 123 4.98 -28.04 28.61
C ASP C 123 6.40 -28.25 29.17
N LEU C 124 7.39 -27.70 28.47
CA LEU C 124 8.78 -27.77 28.89
C LEU C 124 9.18 -26.40 29.42
N SER C 125 9.94 -26.38 30.51
CA SER C 125 10.32 -25.12 31.11
C SER C 125 11.61 -24.56 30.53
N PRO C 126 11.58 -23.30 30.07
CA PRO C 126 12.78 -22.64 29.53
C PRO C 126 13.92 -22.68 30.54
N SER C 127 13.56 -22.66 31.81
CA SER C 127 14.53 -22.66 32.90
C SER C 127 15.37 -23.93 32.92
N TRP C 128 14.77 -25.06 32.52
CA TRP C 128 15.53 -26.29 32.46
C TRP C 128 16.69 -26.08 31.49
N TYR C 129 16.39 -25.47 30.35
CA TYR C 129 17.42 -25.31 29.32
C TYR C 129 18.47 -24.25 29.66
N VAL C 130 18.07 -23.20 30.38
CA VAL C 130 19.03 -22.21 30.83
C VAL C 130 20.09 -22.85 31.75
N GLU C 131 19.63 -23.75 32.63
CA GLU C 131 20.54 -24.42 33.56
C GLU C 131 21.50 -25.30 32.78
N ALA C 132 20.98 -26.02 31.81
CA ALA C 132 21.81 -26.86 30.93
C ALA C 132 22.83 -26.00 30.17
N LEU C 133 22.43 -24.81 29.74
CA LEU C 133 23.33 -23.95 28.98
C LEU C 133 24.47 -23.42 29.86
N LYS C 134 24.16 -23.10 31.11
CA LYS C 134 25.15 -22.65 32.08
C LYS C 134 26.18 -23.74 32.35
N TYR C 135 25.74 -24.99 32.39
CA TYR C 135 26.66 -26.10 32.53
C TYR C 135 27.62 -26.18 31.34
N VAL C 136 27.11 -26.11 30.11
CA VAL C 136 28.05 -26.22 28.98
C VAL C 136 29.06 -25.05 28.96
N LYS C 137 28.59 -23.86 29.30
CA LYS C 137 29.47 -22.70 29.44
C LYS C 137 30.58 -22.96 30.47
N ALA C 138 30.23 -23.60 31.59
CA ALA C 138 31.22 -23.85 32.65
C ALA C 138 32.13 -25.05 32.37
N ASN C 139 31.78 -25.86 31.38
CA ASN C 139 32.54 -27.08 31.12
C ASN C 139 33.13 -27.29 29.71
N HIS C 140 32.90 -26.39 28.76
CA HIS C 140 33.42 -26.64 27.42
C HIS C 140 34.96 -26.57 27.36
N GLY C 141 35.58 -25.93 28.34
CA GLY C 141 37.02 -25.88 28.40
C GLY C 141 37.72 -25.01 27.36
N LEU C 142 36.96 -24.15 26.67
CA LEU C 142 37.55 -23.21 25.71
C LEU C 142 38.16 -22.00 26.41
N SER C 143 39.11 -21.34 25.76
CA SER C 143 39.60 -20.03 26.24
C SER C 143 39.98 -19.10 25.09
N GLY C 144 40.41 -17.89 25.41
CA GLY C 144 40.67 -16.88 24.40
C GLY C 144 39.42 -16.60 23.59
N ASP C 145 39.60 -16.17 22.35
CA ASP C 145 38.45 -15.80 21.51
C ASP C 145 37.49 -16.96 21.28
N SER C 146 37.99 -18.20 21.35
CA SER C 146 37.14 -19.35 21.14
C SER C 146 36.03 -19.39 22.20
N ALA C 147 36.42 -19.17 23.46
CA ALA C 147 35.47 -19.11 24.57
C ALA C 147 34.56 -17.89 24.46
N VAL C 148 35.15 -16.72 24.22
CA VAL C 148 34.34 -15.50 24.10
C VAL C 148 33.22 -15.67 23.05
N GLU C 149 33.58 -16.14 21.86
CA GLU C 149 32.59 -16.33 20.80
C GLU C 149 31.55 -17.42 21.12
N ALA C 150 32.02 -18.58 21.56
CA ALA C 150 31.10 -19.68 21.92
C ALA C 150 30.13 -19.21 22.99
N ASN C 151 30.65 -18.50 23.99
CA ASN C 151 29.79 -18.04 25.09
C ASN C 151 28.78 -16.99 24.64
N SER C 152 29.15 -16.16 23.67
CA SER C 152 28.21 -15.15 23.18
C SER C 152 26.97 -15.83 22.60
N TYR C 153 27.14 -16.96 21.92
CA TYR C 153 26.02 -17.70 21.34
C TYR C 153 25.20 -18.44 22.40
N ILE C 154 25.89 -19.02 23.39
CA ILE C 154 25.22 -19.70 24.50
C ILE C 154 24.36 -18.69 25.26
N ASP C 155 24.95 -17.52 25.56
CA ASP C 155 24.25 -16.45 26.25
C ASP C 155 23.13 -15.86 25.41
N TYR C 156 23.29 -15.87 24.09
CA TYR C 156 22.23 -15.43 23.21
C TYR C 156 21.03 -16.34 23.38
N ALA C 157 21.30 -17.64 23.53
CA ALA C 157 20.22 -18.60 23.69
C ALA C 157 19.57 -18.44 25.06
N ILE C 158 20.38 -18.23 26.09
CA ILE C 158 19.84 -17.95 27.42
C ILE C 158 18.94 -16.70 27.38
N ASN C 159 19.39 -15.66 26.66
CA ASN C 159 18.59 -14.45 26.53
C ASN C 159 17.25 -14.77 25.84
N ALA C 160 17.26 -15.64 24.83
CA ALA C 160 16.03 -16.00 24.11
C ALA C 160 15.03 -16.70 25.02
N LEU C 161 15.56 -17.38 26.04
CA LEU C 161 14.72 -18.18 26.93
C LEU C 161 14.29 -17.43 28.20
N SER C 162 14.67 -16.16 28.31
CA SER C 162 14.39 -15.43 29.54
C SER C 162 14.07 -13.95 29.30
N MET D 1 20.00 -16.47 1.12
CA MET D 1 21.24 -16.86 0.47
C MET D 1 22.15 -17.57 1.47
N TYR D 2 23.12 -18.31 0.96
CA TYR D 2 24.18 -18.91 1.77
C TYR D 2 25.51 -18.28 1.36
N ASP D 3 26.41 -18.08 2.31
CA ASP D 3 27.81 -17.92 1.96
C ASP D 3 28.42 -19.31 2.14
N ALA D 4 29.73 -19.43 1.98
CA ALA D 4 30.36 -20.76 1.97
C ALA D 4 30.19 -21.46 3.31
N PHE D 5 30.29 -20.69 4.38
CA PHE D 5 30.20 -21.25 5.72
C PHE D 5 28.79 -21.78 5.98
N ALA D 6 27.79 -20.96 5.67
CA ALA D 6 26.39 -21.30 5.89
C ALA D 6 25.94 -22.48 5.04
N LYS D 7 26.46 -22.58 3.81
CA LYS D 7 26.12 -23.70 2.94
C LYS D 7 26.49 -25.02 3.63
N VAL D 8 27.71 -25.07 4.19
CA VAL D 8 28.20 -26.26 4.88
C VAL D 8 27.34 -26.60 6.10
N VAL D 9 26.97 -25.58 6.88
CA VAL D 9 26.08 -25.76 8.03
C VAL D 9 24.73 -26.38 7.64
N SER D 10 24.12 -25.89 6.57
CA SER D 10 22.81 -26.40 6.16
C SER D 10 22.90 -27.86 5.72
N GLN D 11 23.97 -28.21 5.03
CA GLN D 11 24.17 -29.60 4.62
C GLN D 11 24.38 -30.47 5.86
N ALA D 12 25.04 -29.92 6.88
CA ALA D 12 25.30 -30.67 8.09
C ALA D 12 24.02 -30.85 8.93
N ASP D 13 23.26 -29.77 9.06
CA ASP D 13 22.05 -29.84 9.87
C ASP D 13 21.02 -30.86 9.37
N SER D 14 20.85 -30.94 8.06
CA SER D 14 19.89 -31.87 7.48
C SER D 14 20.22 -33.33 7.81
N ARG D 15 21.42 -33.57 8.31
CA ARG D 15 21.83 -34.91 8.74
C ARG D 15 22.04 -34.96 10.25
N GLY D 16 21.79 -33.84 10.92
CA GLY D 16 21.97 -33.75 12.36
C GLY D 16 23.41 -33.97 12.81
N ALA D 17 24.36 -33.48 12.01
CA ALA D 17 25.76 -33.80 12.21
C ALA D 17 26.62 -32.57 12.47
N TYR D 18 27.69 -32.75 13.26
CA TYR D 18 28.69 -31.71 13.45
C TYR D 18 29.47 -31.67 12.14
N ILE D 19 29.96 -30.50 11.73
CA ILE D 19 30.62 -30.44 10.43
C ILE D 19 31.85 -31.36 10.50
N SER D 20 32.17 -32.03 9.40
CA SER D 20 33.28 -32.99 9.43
C SER D 20 34.59 -32.23 9.55
N ALA D 21 35.51 -32.74 10.35
CA ALA D 21 36.83 -32.15 10.48
C ALA D 21 37.40 -31.84 9.08
N SER D 22 36.93 -32.58 8.09
CA SER D 22 37.33 -32.36 6.71
C SER D 22 36.72 -31.06 6.19
N GLN D 23 35.41 -30.92 6.40
CA GLN D 23 34.69 -29.72 5.99
C GLN D 23 35.28 -28.47 6.63
N ILE D 24 35.79 -28.63 7.86
CA ILE D 24 36.36 -27.53 8.60
C ILE D 24 37.63 -27.03 7.92
N ASP D 25 38.42 -27.98 7.42
CA ASP D 25 39.66 -27.62 6.76
C ASP D 25 39.41 -26.89 5.43
N ALA D 26 38.39 -27.30 4.70
CA ALA D 26 38.05 -26.62 3.44
C ALA D 26 37.58 -25.17 3.65
N LEU D 27 36.84 -24.92 4.73
CA LEU D 27 36.39 -23.58 5.05
C LEU D 27 37.56 -22.75 5.57
N SER D 28 38.44 -23.42 6.30
CA SER D 28 39.62 -22.76 6.86
C SER D 28 40.52 -22.31 5.69
N ALA D 29 40.48 -23.07 4.59
CA ALA D 29 41.21 -22.72 3.37
C ALA D 29 40.71 -21.41 2.79
N MET D 30 39.40 -21.31 2.53
CA MET D 30 38.84 -20.06 2.05
C MET D 30 39.30 -18.91 2.95
N VAL D 31 39.27 -19.15 4.25
CA VAL D 31 39.68 -18.12 5.18
C VAL D 31 41.14 -17.72 4.94
N ALA D 32 42.01 -18.72 4.81
CA ALA D 32 43.43 -18.48 4.57
C ALA D 32 43.68 -17.59 3.36
N ASP D 33 42.97 -17.84 2.26
CA ASP D 33 43.09 -17.02 1.06
C ASP D 33 42.04 -15.90 0.96
N GLY D 34 41.46 -15.51 2.09
CA GLY D 34 40.50 -14.43 2.12
C GLY D 34 41.01 -13.10 1.58
N SER D 35 42.26 -12.76 1.88
CA SER D 35 42.78 -11.47 1.42
C SER D 35 42.83 -11.39 -0.09
N LYS D 36 43.21 -12.51 -0.70
CA LYS D 36 43.24 -12.63 -2.16
C LYS D 36 41.84 -12.45 -2.71
N ARG D 37 40.87 -13.13 -2.11
CA ARG D 37 39.48 -13.06 -2.57
C ARG D 37 39.02 -11.61 -2.58
N LEU D 38 39.37 -10.86 -1.53
CA LEU D 38 38.92 -9.50 -1.37
C LEU D 38 39.65 -8.57 -2.32
N ASP D 39 40.89 -8.90 -2.67
CA ASP D 39 41.58 -8.16 -3.73
C ASP D 39 40.83 -8.34 -5.05
N ALA D 40 40.43 -9.57 -5.33
CA ALA D 40 39.70 -9.87 -6.56
C ALA D 40 38.37 -9.12 -6.64
N VAL D 41 37.61 -9.13 -5.53
CA VAL D 41 36.35 -8.41 -5.48
C VAL D 41 36.60 -6.91 -5.64
N ASN D 42 37.59 -6.39 -4.92
CA ASN D 42 37.91 -4.96 -5.02
C ASN D 42 38.28 -4.55 -6.43
N ARG D 43 39.14 -5.33 -7.08
CA ARG D 43 39.63 -4.96 -8.41
C ARG D 43 38.52 -5.00 -9.45
N ILE D 44 37.72 -6.06 -9.43
CA ILE D 44 36.64 -6.21 -10.39
C ILE D 44 35.64 -5.08 -10.23
N THR D 45 35.24 -4.86 -8.99
CA THR D 45 34.30 -3.82 -8.65
C THR D 45 34.83 -2.45 -9.06
N SER D 46 36.11 -2.23 -8.79
CA SER D 46 36.74 -0.95 -9.09
C SER D 46 36.81 -0.64 -10.58
N ASN D 47 36.54 -1.65 -11.41
CA ASN D 47 36.57 -1.46 -12.86
C ASN D 47 35.23 -1.79 -13.51
N SER D 48 34.18 -1.79 -12.69
CA SER D 48 32.87 -2.24 -13.13
C SER D 48 32.34 -1.48 -14.34
N SER D 49 32.34 -0.15 -14.28
CA SER D 49 31.81 0.62 -15.40
C SER D 49 32.59 0.32 -16.69
N ALA D 50 33.91 0.20 -16.56
CA ALA D 50 34.74 -0.08 -17.74
C ALA D 50 34.48 -1.50 -18.27
N ILE D 51 34.33 -2.45 -17.36
CA ILE D 51 34.07 -3.82 -17.77
C ILE D 51 32.78 -3.92 -18.58
N VAL D 52 31.72 -3.30 -18.09
CA VAL D 52 30.44 -3.28 -18.79
C VAL D 52 30.55 -2.55 -20.15
N ALA D 53 31.10 -1.34 -20.12
CA ALA D 53 31.21 -0.54 -21.34
C ALA D 53 31.97 -1.27 -22.46
N ASN D 54 33.14 -1.80 -22.13
CA ASN D 54 34.00 -2.44 -23.15
C ASN D 54 33.40 -3.75 -23.65
N ALA D 55 32.79 -4.50 -22.75
CA ALA D 55 32.17 -5.76 -23.15
C ALA D 55 30.97 -5.50 -24.06
N ALA D 56 30.22 -4.44 -23.80
CA ALA D 56 29.04 -4.12 -24.59
C ALA D 56 29.48 -3.65 -25.97
N ARG D 57 30.42 -2.70 -25.99
CA ARG D 57 31.02 -2.27 -27.25
C ARG D 57 31.44 -3.48 -28.10
N ALA D 58 32.20 -4.39 -27.50
CA ALA D 58 32.69 -5.57 -28.21
C ALA D 58 31.54 -6.42 -28.76
N LEU D 59 30.52 -6.65 -27.95
CA LEU D 59 29.34 -7.38 -28.37
C LEU D 59 28.67 -6.73 -29.59
N PHE D 60 28.44 -5.41 -29.53
CA PHE D 60 27.74 -4.72 -30.62
C PHE D 60 28.59 -4.70 -31.89
N ALA D 61 29.90 -4.63 -31.72
CA ALA D 61 30.79 -4.66 -32.87
C ALA D 61 30.70 -6.02 -33.56
N GLU D 62 30.61 -7.08 -32.77
CA GLU D 62 30.55 -8.44 -33.32
C GLU D 62 29.16 -8.77 -33.84
N GLN D 63 28.13 -8.15 -33.27
CA GLN D 63 26.77 -8.43 -33.70
C GLN D 63 26.02 -7.13 -34.04
N PRO D 64 26.37 -6.51 -35.19
CA PRO D 64 25.72 -5.25 -35.53
C PRO D 64 24.19 -5.35 -35.55
N ALA D 65 23.64 -6.54 -35.79
CA ALA D 65 22.18 -6.67 -35.83
C ALA D 65 21.51 -6.21 -34.53
N LEU D 66 22.21 -6.34 -33.41
CA LEU D 66 21.58 -5.95 -32.13
C LEU D 66 21.28 -4.46 -32.13
N ILE D 67 22.11 -3.65 -32.77
CA ILE D 67 21.91 -2.22 -32.64
C ILE D 67 21.29 -1.57 -33.87
N ALA D 68 21.14 -2.33 -34.95
CA ALA D 68 20.42 -1.83 -36.12
C ALA D 68 18.98 -1.54 -35.74
N PRO D 69 18.35 -0.59 -36.45
CA PRO D 69 16.96 -0.27 -36.14
C PRO D 69 16.09 -1.52 -36.18
N GLY D 70 15.23 -1.64 -35.17
CA GLY D 70 14.43 -2.85 -34.99
C GLY D 70 15.14 -3.90 -34.16
N GLY D 71 16.42 -3.66 -33.89
CA GLY D 71 17.21 -4.57 -33.07
C GLY D 71 16.80 -4.50 -31.60
N MEN D 72 17.09 -5.56 -30.86
CA MEN D 72 16.69 -5.65 -29.47
C MEN D 72 17.36 -4.61 -28.62
O MEN D 72 16.81 -4.23 -27.58
CB MEN D 72 17.00 -7.04 -28.92
CG MEN D 72 16.14 -7.27 -27.69
OD1 MEN D 72 16.64 -7.42 -26.60
ND2 MEN D 72 14.82 -7.31 -27.90
CE2 MEN D 72 13.91 -6.64 -26.99
N ALA D 73 18.54 -4.15 -29.04
CA ALA D 73 19.27 -3.12 -28.27
C ALA D 73 19.20 -1.76 -28.97
N TYR D 74 18.33 -1.65 -29.95
CA TYR D 74 18.07 -0.38 -30.62
C TYR D 74 17.05 0.47 -29.85
N THR D 75 17.19 1.80 -29.97
CA THR D 75 16.49 2.79 -29.13
C THR D 75 17.22 2.99 -27.81
N SER D 76 17.16 4.21 -27.29
CA SER D 76 17.89 4.50 -26.06
C SER D 76 17.36 3.65 -24.89
N ARG D 77 16.05 3.49 -24.79
CA ARG D 77 15.49 2.72 -23.68
C ARG D 77 16.01 1.29 -23.65
N ARG D 78 16.04 0.62 -24.80
CA ARG D 78 16.49 -0.76 -24.82
C ARG D 78 18.00 -0.88 -24.63
N MET D 79 18.75 0.06 -25.19
CA MET D 79 20.20 0.06 -24.98
C MET D 79 20.52 0.24 -23.50
N ALA D 80 19.86 1.20 -22.86
CA ALA D 80 20.06 1.43 -21.43
C ALA D 80 19.73 0.17 -20.62
N ALA D 81 18.65 -0.51 -21.03
CA ALA D 81 18.23 -1.74 -20.37
C ALA D 81 19.30 -2.82 -20.53
N CYS D 82 19.84 -2.92 -21.74
CA CYS D 82 20.85 -3.91 -22.07
C CYS D 82 22.09 -3.69 -21.22
N LEU D 83 22.55 -2.43 -21.15
CA LEU D 83 23.69 -2.04 -20.32
C LEU D 83 23.42 -2.33 -18.84
N ARG D 84 22.19 -2.04 -18.43
CA ARG D 84 21.76 -2.33 -17.06
C ARG D 84 21.88 -3.82 -16.73
N ASP D 85 21.36 -4.67 -17.62
CA ASP D 85 21.46 -6.11 -17.42
C ASP D 85 22.91 -6.57 -17.26
N MET D 86 23.82 -5.96 -18.01
CA MET D 86 25.22 -6.37 -17.97
C MET D 86 25.79 -6.02 -16.61
N GLU D 87 25.44 -4.84 -16.11
CA GLU D 87 25.93 -4.37 -14.84
C GLU D 87 25.34 -5.20 -13.72
N ILE D 88 24.08 -5.57 -13.86
CA ILE D 88 23.41 -6.39 -12.86
C ILE D 88 24.12 -7.74 -12.75
N VAL D 89 24.35 -8.40 -13.88
CA VAL D 89 25.02 -9.70 -13.81
C VAL D 89 26.41 -9.59 -13.18
N LEU D 90 27.20 -8.59 -13.59
CA LEU D 90 28.52 -8.39 -13.00
C LEU D 90 28.42 -8.21 -11.47
N ARG D 91 27.46 -7.40 -11.04
CA ARG D 91 27.33 -7.10 -9.63
C ARG D 91 27.02 -8.39 -8.84
N TYR D 92 26.05 -9.16 -9.31
CA TYR D 92 25.70 -10.41 -8.65
C TYR D 92 26.81 -11.46 -8.65
N VAL D 93 27.61 -11.47 -9.72
CA VAL D 93 28.80 -12.30 -9.76
C VAL D 93 29.79 -11.88 -8.67
N THR D 94 29.99 -10.57 -8.48
CA THR D 94 30.88 -10.12 -7.40
C THR D 94 30.33 -10.53 -6.03
N TYR D 95 29.00 -10.51 -5.89
CA TYR D 95 28.38 -10.98 -4.64
C TYR D 95 28.75 -12.45 -4.42
N ALA D 96 28.74 -13.24 -5.48
CA ALA D 96 29.07 -14.68 -5.38
C ALA D 96 30.53 -14.89 -5.01
N ILE D 97 31.42 -14.11 -5.62
CA ILE D 97 32.85 -14.17 -5.29
C ILE D 97 33.10 -13.82 -3.82
N TYR D 98 32.55 -12.69 -3.38
CA TYR D 98 32.67 -12.26 -2.00
C TYR D 98 32.16 -13.35 -1.03
N SER D 99 31.01 -13.92 -1.31
CA SER D 99 30.41 -14.88 -0.37
C SER D 99 30.93 -16.31 -0.51
N GLY D 100 31.63 -16.60 -1.60
CA GLY D 100 32.09 -17.97 -1.83
C GLY D 100 30.98 -18.98 -2.05
N ASP D 101 29.85 -18.51 -2.54
CA ASP D 101 28.74 -19.39 -2.87
C ASP D 101 27.90 -18.76 -3.99
N ALA D 102 27.31 -19.60 -4.84
CA ALA D 102 26.61 -19.12 -6.01
C ALA D 102 25.13 -18.76 -5.74
N SER D 103 24.64 -19.10 -4.55
CA SER D 103 23.23 -18.98 -4.26
C SER D 103 22.66 -17.57 -4.49
N ILE D 104 23.39 -16.54 -4.05
CA ILE D 104 22.92 -15.17 -4.26
C ILE D 104 22.65 -14.92 -5.76
N LEU D 105 23.58 -15.34 -6.60
CA LEU D 105 23.50 -15.17 -8.06
C LEU D 105 22.30 -15.94 -8.64
N GLU D 106 22.22 -17.21 -8.27
CA GLU D 106 21.17 -18.08 -8.79
C GLU D 106 19.78 -17.63 -8.38
N ASP D 107 19.63 -17.31 -7.10
CA ASP D 107 18.35 -16.94 -6.50
C ASP D 107 17.84 -15.55 -6.89
N ARG D 108 18.73 -14.56 -6.93
CA ARG D 108 18.27 -13.19 -7.11
C ARG D 108 18.55 -12.63 -8.49
N CYS D 109 19.23 -13.42 -9.32
CA CYS D 109 19.59 -12.92 -10.63
C CYS D 109 19.21 -13.89 -11.76
N LEU D 110 19.68 -15.12 -11.67
CA LEU D 110 19.54 -16.06 -12.78
C LEU D 110 18.16 -16.73 -12.81
N ASN D 111 17.57 -16.92 -11.64
CA ASN D 111 16.28 -17.59 -11.55
C ASN D 111 15.21 -16.83 -12.35
N GLY D 112 14.67 -17.49 -13.38
CA GLY D 112 13.63 -16.89 -14.19
C GLY D 112 14.12 -16.01 -15.32
N LEU D 113 15.43 -15.87 -15.47
CA LEU D 113 15.96 -14.90 -16.42
C LEU D 113 15.80 -15.33 -17.88
N LYS D 114 16.08 -16.60 -18.15
CA LYS D 114 15.92 -17.16 -19.49
C LYS D 114 14.49 -16.99 -19.94
N GLU D 115 13.55 -17.23 -19.03
CA GLU D 115 12.13 -17.13 -19.34
C GLU D 115 11.72 -15.68 -19.60
N THR D 116 12.30 -14.77 -18.82
CA THR D 116 12.08 -13.34 -19.03
C THR D 116 12.54 -12.93 -20.42
N TYR D 117 13.76 -13.33 -20.77
CA TYR D 117 14.31 -13.04 -22.09
C TYR D 117 13.47 -13.62 -23.23
N LEU D 118 13.09 -14.89 -23.12
CA LEU D 118 12.30 -15.51 -24.19
C LEU D 118 11.02 -14.72 -24.42
N ALA D 119 10.36 -14.33 -23.34
CA ALA D 119 9.12 -13.58 -23.40
C ALA D 119 9.26 -12.19 -24.03
N LEU D 120 10.41 -11.54 -23.81
CA LEU D 120 10.65 -10.21 -24.34
C LEU D 120 11.12 -10.26 -25.79
N GLY D 121 11.74 -11.38 -26.16
CA GLY D 121 12.42 -11.49 -27.44
C GLY D 121 13.86 -11.02 -27.37
N THR D 122 14.41 -10.93 -26.16
CA THR D 122 15.84 -10.64 -25.99
C THR D 122 16.63 -11.92 -26.26
N PRO D 123 17.65 -11.83 -27.11
CA PRO D 123 18.44 -13.02 -27.43
C PRO D 123 19.41 -13.44 -26.32
N GLY D 124 19.04 -14.44 -25.52
CA GLY D 124 19.89 -14.89 -24.43
C GLY D 124 21.27 -15.32 -24.86
N SER D 125 21.37 -15.92 -26.05
CA SER D 125 22.66 -16.31 -26.60
C SER D 125 23.59 -15.09 -26.73
N SER D 126 23.03 -13.94 -27.09
CA SER D 126 23.84 -12.72 -27.14
C SER D 126 24.27 -12.23 -25.75
N VAL D 127 23.33 -12.26 -24.79
CA VAL D 127 23.65 -11.91 -23.41
C VAL D 127 24.79 -12.80 -22.90
N ALA D 128 24.70 -14.10 -23.20
CA ALA D 128 25.75 -15.04 -22.81
C ALA D 128 27.10 -14.61 -23.39
N VAL D 129 27.14 -14.19 -24.65
CA VAL D 129 28.41 -13.71 -25.23
C VAL D 129 28.99 -12.48 -24.50
N GLY D 130 28.14 -11.51 -24.19
CA GLY D 130 28.57 -10.35 -23.43
C GLY D 130 29.10 -10.72 -22.06
N ILE D 131 28.48 -11.72 -21.44
CA ILE D 131 28.88 -12.15 -20.10
C ILE D 131 30.28 -12.78 -20.14
N GLY D 132 30.54 -13.58 -21.17
CA GLY D 132 31.84 -14.18 -21.37
C GLY D 132 32.93 -13.13 -21.52
N LYS D 133 32.60 -12.06 -22.22
CA LYS D 133 33.53 -10.95 -22.38
C LYS D 133 33.81 -10.26 -21.04
N MET D 134 32.75 -10.05 -20.25
CA MET D 134 32.94 -9.52 -18.90
C MET D 134 33.85 -10.44 -18.06
N LYS D 135 33.60 -11.74 -18.16
CA LYS D 135 34.43 -12.73 -17.46
C LYS D 135 35.91 -12.55 -17.79
N ASP D 136 36.24 -12.61 -19.07
CA ASP D 136 37.64 -12.55 -19.48
C ASP D 136 38.29 -11.28 -18.99
N ALA D 137 37.54 -10.17 -19.04
CA ALA D 137 38.07 -8.91 -18.54
C ALA D 137 38.20 -8.91 -17.01
N ALA D 138 37.20 -9.45 -16.32
CA ALA D 138 37.22 -9.43 -14.86
C ALA D 138 38.40 -10.23 -14.33
N ILE D 139 38.65 -11.38 -14.92
CA ILE D 139 39.75 -12.22 -14.46
C ILE D 139 41.09 -11.59 -14.80
N ALA D 140 41.16 -10.95 -15.96
CA ALA D 140 42.38 -10.25 -16.34
C ALA D 140 42.72 -9.17 -15.32
N ILE D 141 41.71 -8.41 -14.90
CA ILE D 141 41.91 -7.35 -13.92
C ILE D 141 42.25 -7.94 -12.55
N ALA D 142 41.54 -9.00 -12.18
CA ALA D 142 41.67 -9.58 -10.84
C ALA D 142 43.03 -10.26 -10.66
N ASN D 143 43.55 -10.83 -11.74
CA ASN D 143 44.75 -11.66 -11.70
C ASN D 143 46.01 -10.96 -12.19
N ASP D 144 45.99 -9.64 -12.17
CA ASP D 144 47.13 -8.84 -12.63
C ASP D 144 48.16 -8.66 -11.51
N PRO D 145 49.38 -9.21 -11.69
CA PRO D 145 50.38 -9.22 -10.63
C PRO D 145 50.92 -7.83 -10.26
N ASN D 146 50.59 -6.80 -11.03
CA ASN D 146 51.03 -5.45 -10.71
C ASN D 146 50.26 -4.84 -9.55
N GLY D 147 50.98 -4.22 -8.62
CA GLY D 147 50.37 -3.46 -7.56
C GLY D 147 49.78 -4.29 -6.43
N VAL D 148 50.18 -5.55 -6.35
CA VAL D 148 49.74 -6.41 -5.26
C VAL D 148 50.89 -7.33 -4.83
N THR D 149 50.90 -7.74 -3.56
CA THR D 149 51.84 -8.74 -3.11
C THR D 149 51.72 -9.97 -4.01
N ARG D 150 52.83 -10.41 -4.57
CA ARG D 150 52.83 -11.52 -5.52
C ARG D 150 52.44 -12.84 -4.86
N GLY D 151 51.62 -13.63 -5.54
CA GLY D 151 51.25 -14.95 -5.05
C GLY D 151 50.35 -15.68 -6.04
N ASP D 152 49.91 -16.88 -5.70
CA ASP D 152 49.10 -17.67 -6.62
C ASP D 152 47.60 -17.51 -6.35
N CYS D 153 46.85 -17.05 -7.35
CA CYS D 153 45.42 -16.86 -7.22
C CYS D 153 44.64 -17.76 -8.17
N SER D 154 45.32 -18.79 -8.69
CA SER D 154 44.73 -19.63 -9.73
C SER D 154 43.41 -20.30 -9.32
N ALA D 155 43.35 -20.85 -8.11
CA ALA D 155 42.14 -21.53 -7.68
C ALA D 155 40.97 -20.55 -7.56
N LEU D 156 41.27 -19.34 -7.14
CA LEU D 156 40.29 -18.28 -7.04
C LEU D 156 39.78 -17.84 -8.43
N MET D 157 40.68 -17.69 -9.39
CA MET D 157 40.26 -17.31 -10.75
C MET D 157 39.36 -18.38 -11.35
N SER D 158 39.68 -19.64 -11.06
CA SER D 158 38.84 -20.74 -11.49
C SER D 158 37.44 -20.65 -10.86
N GLU D 159 37.37 -20.33 -9.57
CA GLU D 159 36.07 -20.15 -8.93
C GLU D 159 35.33 -18.97 -9.58
N ILE D 160 36.04 -17.87 -9.81
CA ILE D 160 35.42 -16.69 -10.42
C ILE D 160 34.84 -17.01 -11.80
N GLY D 161 35.64 -17.66 -12.65
CA GLY D 161 35.15 -18.11 -13.95
C GLY D 161 33.92 -18.99 -13.86
N SER D 162 33.84 -19.80 -12.82
CA SER D 162 32.69 -20.69 -12.65
C SER D 162 31.38 -19.88 -12.49
N TYR D 163 31.42 -18.81 -11.70
CA TYR D 163 30.22 -17.98 -11.52
C TYR D 163 29.77 -17.33 -12.83
N PHE D 164 30.71 -16.70 -13.55
CA PHE D 164 30.41 -16.10 -14.86
C PHE D 164 29.85 -17.17 -15.81
N ASP D 165 30.50 -18.33 -15.85
CA ASP D 165 30.02 -19.43 -16.66
C ASP D 165 28.60 -19.85 -16.25
N LYS D 166 28.34 -19.89 -14.94
CA LYS D 166 26.96 -20.15 -14.45
C LYS D 166 25.96 -19.17 -15.06
N ALA D 167 26.28 -17.88 -14.99
CA ALA D 167 25.37 -16.87 -15.49
C ALA D 167 25.14 -17.00 -17.01
N ALA D 168 26.21 -17.11 -17.79
CA ALA D 168 26.05 -17.31 -19.22
C ALA D 168 25.22 -18.56 -19.54
N ALA D 169 25.53 -19.69 -18.90
CA ALA D 169 24.83 -20.94 -19.22
C ALA D 169 23.34 -20.85 -18.94
N ALA D 170 22.96 -19.96 -18.02
CA ALA D 170 21.56 -19.78 -17.64
C ALA D 170 20.71 -19.09 -18.71
N VAL D 171 21.35 -18.35 -19.61
CA VAL D 171 20.60 -17.66 -20.67
C VAL D 171 21.03 -18.08 -22.08
N ALA D 172 22.13 -18.81 -22.21
CA ALA D 172 22.64 -19.17 -23.53
C ALA D 172 21.64 -19.98 -24.36
N MET E 1 -22.34 -15.84 1.62
CA MET E 1 -23.52 -15.08 2.03
C MET E 1 -23.45 -14.72 3.51
N LYS E 2 -23.96 -13.54 3.85
CA LYS E 2 -24.01 -13.10 5.24
C LYS E 2 -25.25 -13.61 5.97
N THR E 3 -25.01 -14.26 7.12
CA THR E 3 -26.05 -14.71 8.03
C THR E 3 -25.48 -14.44 9.41
N PRO E 4 -26.31 -14.48 10.46
CA PRO E 4 -25.70 -14.26 11.77
C PRO E 4 -24.60 -15.27 12.03
N LEU E 5 -24.74 -16.48 11.49
CA LEU E 5 -23.74 -17.53 11.73
C LEU E 5 -22.47 -17.31 10.91
N THR E 6 -22.59 -17.01 9.63
CA THR E 6 -21.39 -16.80 8.81
C THR E 6 -20.67 -15.54 9.25
N GLU E 7 -21.43 -14.56 9.72
CA GLU E 7 -20.81 -13.33 10.18
C GLU E 7 -20.01 -13.57 11.45
N ALA E 8 -20.55 -14.39 12.35
CA ALA E 8 -19.81 -14.78 13.56
C ALA E 8 -18.52 -15.50 13.18
N VAL E 9 -18.64 -16.46 12.28
CA VAL E 9 -17.48 -17.23 11.85
C VAL E 9 -16.45 -16.31 11.19
N SER E 10 -16.93 -15.39 10.35
CA SER E 10 -16.03 -14.49 9.64
C SER E 10 -15.25 -13.59 10.60
N ALA E 11 -15.93 -13.11 11.63
CA ALA E 11 -15.28 -12.26 12.61
C ALA E 11 -14.17 -13.01 13.35
N ALA E 12 -14.45 -14.25 13.76
CA ALA E 12 -13.45 -15.05 14.45
C ALA E 12 -12.28 -15.38 13.52
N ASP E 13 -12.60 -15.76 12.29
CA ASP E 13 -11.58 -16.15 11.33
C ASP E 13 -10.60 -14.99 11.08
N SER E 14 -11.13 -13.78 10.94
CA SER E 14 -10.28 -12.62 10.65
C SER E 14 -9.26 -12.40 11.78
N GLN E 15 -9.61 -12.84 12.98
CA GLN E 15 -8.76 -12.69 14.16
C GLN E 15 -7.97 -13.95 14.45
N GLY E 16 -8.07 -14.95 13.56
CA GLY E 16 -7.42 -16.24 13.77
C GLY E 16 -7.85 -16.94 15.06
N ARG E 17 -9.09 -16.70 15.49
CA ARG E 17 -9.55 -17.18 16.81
C ARG E 17 -10.49 -18.37 16.72
N PHE E 18 -10.38 -19.28 17.69
CA PHE E 18 -11.44 -20.26 17.87
C PHE E 18 -12.73 -19.53 18.27
N LEU E 19 -13.86 -20.15 18.01
CA LEU E 19 -15.13 -19.58 18.45
C LEU E 19 -15.18 -19.60 19.98
N SER E 20 -15.98 -18.70 20.56
CA SER E 20 -16.14 -18.66 22.00
C SER E 20 -17.60 -18.43 22.41
N THR E 21 -17.81 -18.16 23.69
CA THR E 21 -19.17 -17.95 24.19
C THR E 21 -19.82 -16.76 23.48
N THR E 22 -19.00 -15.82 23.01
CA THR E 22 -19.54 -14.74 22.20
C THR E 22 -20.33 -15.30 21.02
N GLU E 23 -19.70 -16.20 20.25
CA GLU E 23 -20.36 -16.75 19.08
C GLU E 23 -21.46 -17.75 19.45
N THR E 24 -21.34 -18.38 20.62
CA THR E 24 -22.43 -19.21 21.11
C THR E 24 -23.69 -18.36 21.25
N GLN E 25 -23.54 -17.19 21.86
CA GLN E 25 -24.67 -16.30 22.01
C GLN E 25 -25.30 -15.96 20.66
N VAL E 26 -24.48 -15.65 19.67
CA VAL E 26 -25.00 -15.38 18.34
C VAL E 26 -25.90 -16.52 17.87
N ALA E 27 -25.45 -17.75 18.08
CA ALA E 27 -26.20 -18.91 17.59
C ALA E 27 -27.51 -19.10 18.36
N PHE E 28 -27.46 -18.91 19.66
CA PHE E 28 -28.68 -19.01 20.47
C PHE E 28 -29.69 -17.96 20.03
N GLY E 29 -29.21 -16.78 19.65
CA GLY E 29 -30.08 -15.75 19.12
C GLY E 29 -30.66 -16.22 17.79
N ARG E 30 -29.80 -16.78 16.94
CA ARG E 30 -30.23 -17.31 15.65
C ARG E 30 -31.30 -18.39 15.83
N PHE E 31 -31.05 -19.32 16.76
CA PHE E 31 -31.96 -20.44 16.97
C PHE E 31 -33.28 -19.97 17.61
N ARG E 32 -33.20 -18.95 18.44
CA ARG E 32 -34.42 -18.36 19.00
C ARG E 32 -35.24 -17.71 17.89
N GLN E 33 -34.57 -17.16 16.89
CA GLN E 33 -35.26 -16.42 15.83
C GLN E 33 -35.82 -17.35 14.76
N ALA E 34 -35.15 -18.48 14.55
CA ALA E 34 -35.40 -19.32 13.39
C ALA E 34 -36.81 -19.93 13.32
N THR E 35 -37.39 -20.20 14.48
CA THR E 35 -38.72 -20.82 14.52
C THR E 35 -39.75 -19.94 13.81
N SER E 36 -39.86 -18.69 14.25
CA SER E 36 -40.79 -17.77 13.62
C SER E 36 -40.31 -17.31 12.24
N GLY E 37 -38.99 -17.26 12.06
CA GLY E 37 -38.43 -16.91 10.75
C GLY E 37 -38.85 -17.92 9.70
N LEU E 38 -38.63 -19.20 9.98
CA LEU E 38 -39.03 -20.27 9.08
C LEU E 38 -40.55 -20.27 8.86
N ALA E 39 -41.33 -19.99 9.92
CA ALA E 39 -42.77 -19.91 9.81
C ALA E 39 -43.21 -18.80 8.86
N ALA E 40 -42.54 -17.65 8.94
CA ALA E 40 -42.84 -16.54 8.04
C ALA E 40 -42.55 -16.95 6.60
N ALA E 41 -41.44 -17.67 6.39
CA ALA E 41 -41.05 -18.07 5.04
C ALA E 41 -42.10 -18.99 4.43
N LYS E 42 -42.59 -19.92 5.24
CA LYS E 42 -43.55 -20.90 4.76
C LYS E 42 -44.86 -20.19 4.43
N ALA E 43 -45.31 -19.33 5.33
CA ALA E 43 -46.60 -18.65 5.14
C ALA E 43 -46.56 -17.68 3.96
N LEU E 44 -45.46 -16.94 3.83
CA LEU E 44 -45.31 -16.04 2.67
C LEU E 44 -45.30 -16.82 1.37
N SER E 45 -44.54 -17.90 1.33
CA SER E 45 -44.47 -18.74 0.14
C SER E 45 -45.86 -19.20 -0.31
N GLU E 46 -46.68 -19.61 0.65
CA GLU E 46 -48.05 -20.05 0.36
C GLU E 46 -48.94 -18.94 -0.21
N LYS E 47 -48.68 -17.71 0.19
CA LYS E 47 -49.49 -16.58 -0.22
C LYS E 47 -48.82 -15.78 -1.34
N ALA E 48 -47.65 -16.23 -1.76
CA ALA E 48 -46.82 -15.48 -2.69
C ALA E 48 -47.56 -15.05 -3.94
N GLU E 49 -48.19 -16.01 -4.61
CA GLU E 49 -48.89 -15.73 -5.86
C GLU E 49 -49.94 -14.64 -5.65
N SER E 50 -50.72 -14.76 -4.58
CA SER E 50 -51.77 -13.80 -4.28
C SER E 50 -51.25 -12.43 -3.84
N LEU E 51 -50.18 -12.41 -3.06
CA LEU E 51 -49.60 -11.15 -2.64
C LEU E 51 -49.01 -10.39 -3.84
N ALA E 52 -48.36 -11.12 -4.73
CA ALA E 52 -47.73 -10.50 -5.89
C ALA E 52 -48.75 -9.86 -6.82
N SER E 53 -49.83 -10.59 -7.11
CA SER E 53 -50.89 -10.08 -7.97
C SER E 53 -51.60 -8.90 -7.31
N GLY E 54 -51.97 -9.07 -6.05
CA GLY E 54 -52.57 -7.99 -5.29
C GLY E 54 -51.69 -6.77 -5.18
N ALA E 55 -50.38 -6.98 -5.07
CA ALA E 55 -49.45 -5.85 -4.94
C ALA E 55 -49.37 -5.09 -6.26
N ALA E 56 -49.32 -5.82 -7.37
CA ALA E 56 -49.24 -5.16 -8.67
C ALA E 56 -50.50 -4.32 -8.92
N ASN E 57 -51.66 -4.86 -8.53
CA ASN E 57 -52.91 -4.10 -8.63
C ASN E 57 -52.90 -2.84 -7.73
N ALA E 58 -52.32 -2.93 -6.54
CA ALA E 58 -52.21 -1.76 -5.67
C ALA E 58 -51.33 -0.68 -6.32
N VAL E 59 -50.27 -1.10 -6.99
CA VAL E 59 -49.41 -0.17 -7.72
C VAL E 59 -50.15 0.49 -8.88
N TYR E 60 -50.84 -0.32 -9.68
CA TYR E 60 -51.65 0.20 -10.78
C TYR E 60 -52.66 1.23 -10.31
N SER E 61 -53.24 1.01 -9.14
CA SER E 61 -54.24 1.93 -8.58
C SER E 61 -53.61 3.22 -8.04
N LYS E 62 -52.47 3.09 -7.38
CA LYS E 62 -51.74 4.26 -6.90
C LYS E 62 -51.15 5.10 -8.03
N PHE E 63 -50.71 4.44 -9.10
CA PHE E 63 -50.09 5.11 -10.23
C PHE E 63 -50.81 4.71 -11.51
N PRO E 64 -52.04 5.21 -11.71
CA PRO E 64 -52.83 4.78 -12.87
C PRO E 64 -52.10 4.93 -14.21
N TYR E 65 -51.30 5.98 -14.36
CA TYR E 65 -50.59 6.20 -15.63
C TYR E 65 -49.75 5.00 -16.04
N THR E 66 -49.37 4.17 -15.06
CA THR E 66 -48.54 3.01 -15.34
C THR E 66 -49.21 1.97 -16.24
N THR E 67 -50.53 1.95 -16.25
CA THR E 67 -51.26 1.04 -17.14
C THR E 67 -51.82 1.78 -18.35
N SER E 68 -51.53 3.07 -18.44
CA SER E 68 -52.05 3.91 -19.49
C SER E 68 -50.97 4.26 -20.52
N MET E 69 -49.88 4.87 -20.05
CA MET E 69 -48.82 5.35 -20.93
C MET E 69 -48.13 4.24 -21.71
N THR E 70 -47.80 4.51 -22.96
CA THR E 70 -47.10 3.52 -23.75
C THR E 70 -45.62 3.59 -23.42
N GLY E 71 -44.93 2.47 -23.58
CA GLY E 71 -43.53 2.39 -23.25
C GLY E 71 -43.20 1.01 -22.69
N ALA E 72 -42.00 0.53 -22.97
CA ALA E 72 -41.59 -0.78 -22.51
C ALA E 72 -41.42 -0.81 -20.99
N ASN E 73 -41.25 0.36 -20.38
CA ASN E 73 -41.05 0.45 -18.93
C ASN E 73 -42.36 0.43 -18.13
N TYR E 74 -43.49 0.51 -18.84
CA TYR E 74 -44.79 0.56 -18.18
C TYR E 74 -45.55 -0.75 -18.27
N ALA E 75 -46.62 -0.86 -17.49
CA ALA E 75 -47.47 -2.04 -17.51
C ALA E 75 -48.74 -1.79 -18.30
N SER E 76 -48.60 -1.06 -19.41
CA SER E 76 -49.72 -0.78 -20.30
C SER E 76 -49.95 -1.96 -21.26
N SER E 77 -48.97 -2.82 -21.37
CA SER E 77 -49.10 -4.01 -22.22
C SER E 77 -49.14 -5.26 -21.35
N GLN E 78 -49.58 -6.37 -21.92
CA GLN E 78 -49.58 -7.63 -21.21
C GLN E 78 -48.17 -8.00 -20.75
N THR E 79 -47.21 -7.88 -21.65
CA THR E 79 -45.81 -8.14 -21.33
C THR E 79 -45.34 -7.29 -20.16
N GLY E 80 -45.77 -6.03 -20.12
CA GLY E 80 -45.37 -5.13 -19.06
C GLY E 80 -45.98 -5.55 -17.74
N LYS E 81 -47.25 -5.92 -17.79
CA LYS E 81 -47.95 -6.40 -16.60
C LYS E 81 -47.23 -7.63 -16.05
N ASP E 82 -46.82 -8.52 -16.95
CA ASP E 82 -46.13 -9.73 -16.54
C ASP E 82 -44.77 -9.46 -15.90
N LYS E 83 -43.99 -8.54 -16.50
CA LYS E 83 -42.72 -8.12 -15.89
C LYS E 83 -42.96 -7.62 -14.47
N CYS E 84 -44.03 -6.85 -14.30
CA CYS E 84 -44.28 -6.19 -13.04
C CYS E 84 -44.56 -7.18 -11.91
N VAL E 85 -45.50 -8.10 -12.14
CA VAL E 85 -45.83 -9.09 -11.12
C VAL E 85 -44.66 -10.06 -10.89
N ARG E 86 -43.91 -10.35 -11.96
CA ARG E 86 -42.65 -11.09 -11.83
C ARG E 86 -41.66 -10.39 -10.88
N ASP E 87 -41.50 -9.07 -11.05
CA ASP E 87 -40.58 -8.29 -10.22
C ASP E 87 -41.05 -8.30 -8.77
N ILE E 88 -42.35 -8.09 -8.57
CA ILE E 88 -42.91 -8.05 -7.22
C ILE E 88 -42.73 -9.40 -6.52
N GLY E 89 -42.91 -10.49 -7.28
CA GLY E 89 -42.68 -11.83 -6.75
C GLY E 89 -41.23 -12.05 -6.34
N TYR E 90 -40.29 -11.48 -7.09
CA TYR E 90 -38.88 -11.54 -6.70
C TYR E 90 -38.64 -10.95 -5.31
N TYR E 91 -39.22 -9.77 -5.05
CA TYR E 91 -39.11 -9.13 -3.74
C TYR E 91 -39.67 -10.03 -2.64
N ILE E 92 -40.87 -10.57 -2.88
CA ILE E 92 -41.50 -11.45 -1.90
C ILE E 92 -40.62 -12.66 -1.64
N ARG E 93 -40.08 -13.25 -2.70
CA ARG E 93 -39.22 -14.41 -2.57
C ARG E 93 -37.96 -14.08 -1.77
N MET E 94 -37.30 -12.98 -2.12
CA MET E 94 -36.12 -12.53 -1.35
C MET E 94 -36.46 -12.34 0.14
N VAL E 95 -37.62 -11.78 0.43
CA VAL E 95 -38.05 -11.68 1.83
C VAL E 95 -38.09 -13.05 2.49
N THR E 96 -38.67 -14.04 1.81
CA THR E 96 -38.70 -15.39 2.39
C THR E 96 -37.28 -15.92 2.69
N TYR E 97 -36.34 -15.69 1.77
CA TYR E 97 -34.95 -16.12 1.94
C TYR E 97 -34.31 -15.44 3.15
N CYS E 98 -34.55 -14.14 3.30
CA CYS E 98 -34.03 -13.41 4.45
C CYS E 98 -34.55 -14.01 5.75
N CYS E 99 -35.80 -14.46 5.75
CA CYS E 99 -36.40 -15.08 6.93
C CYS E 99 -35.76 -16.43 7.18
N VAL E 100 -35.40 -17.14 6.10
CA VAL E 100 -34.75 -18.44 6.25
C VAL E 100 -33.34 -18.35 6.87
N VAL E 101 -32.56 -17.34 6.46
CA VAL E 101 -31.19 -17.23 6.96
C VAL E 101 -31.06 -16.30 8.19
N GLY E 102 -32.09 -15.51 8.47
CA GLY E 102 -32.03 -14.55 9.55
C GLY E 102 -31.20 -13.30 9.23
N GLY E 103 -31.26 -12.81 8.00
CA GLY E 103 -30.53 -11.59 7.65
C GLY E 103 -30.87 -11.03 6.27
N THR E 104 -30.32 -9.86 5.95
CA THR E 104 -30.61 -9.25 4.66
C THR E 104 -29.75 -9.83 3.55
N GLY E 105 -28.87 -10.76 3.88
CA GLY E 105 -27.89 -11.29 2.94
C GLY E 105 -28.44 -11.67 1.57
N PRO E 106 -29.48 -12.52 1.55
CA PRO E 106 -30.01 -12.97 0.26
C PRO E 106 -30.58 -11.80 -0.54
N MET E 107 -31.27 -10.93 0.17
CA MET E 107 -31.83 -9.74 -0.45
C MET E 107 -30.72 -8.88 -1.07
N ASP E 108 -29.64 -8.69 -0.34
CA ASP E 108 -28.50 -7.91 -0.85
C ASP E 108 -27.84 -8.55 -2.06
N ASP E 109 -27.51 -9.83 -1.92
CA ASP E 109 -26.76 -10.53 -2.98
C ASP E 109 -27.57 -10.65 -4.27
N TYR E 110 -28.87 -10.87 -4.15
CA TYR E 110 -29.66 -11.19 -5.34
C TYR E 110 -30.45 -10.03 -5.90
N LEU E 111 -30.76 -9.02 -5.08
CA LEU E 111 -31.68 -7.98 -5.51
C LEU E 111 -31.20 -6.54 -5.30
N VAL E 112 -30.71 -6.23 -4.11
CA VAL E 112 -30.40 -4.84 -3.79
C VAL E 112 -29.12 -4.30 -4.44
N ALA E 113 -28.04 -5.07 -4.38
CA ALA E 113 -26.82 -4.65 -5.05
C ALA E 113 -27.08 -4.56 -6.55
N GLY E 114 -27.03 -3.34 -7.08
CA GLY E 114 -27.25 -3.13 -8.50
C GLY E 114 -28.66 -2.67 -8.85
N ILE E 115 -29.55 -2.64 -7.86
CA ILE E 115 -30.95 -2.27 -8.15
C ILE E 115 -31.05 -0.85 -8.72
N ALA E 116 -30.20 0.05 -8.23
CA ALA E 116 -30.20 1.44 -8.73
C ALA E 116 -29.86 1.51 -10.21
N GLU E 117 -28.84 0.76 -10.62
CA GLU E 117 -28.44 0.71 -12.02
C GLU E 117 -29.60 0.22 -12.87
N ILE E 118 -30.30 -0.81 -12.38
CA ILE E 118 -31.38 -1.40 -13.15
C ILE E 118 -32.53 -0.42 -13.34
N ASN E 119 -32.92 0.24 -12.27
CA ASN E 119 -34.04 1.18 -12.35
C ASN E 119 -33.72 2.40 -13.22
N ARG E 120 -32.47 2.83 -13.18
CA ARG E 120 -32.03 3.94 -14.01
C ARG E 120 -32.06 3.54 -15.49
N THR E 121 -31.42 2.42 -15.82
CA THR E 121 -31.33 1.98 -17.20
C THR E 121 -32.69 1.69 -17.82
N PHE E 122 -33.57 1.02 -17.09
CA PHE E 122 -34.84 0.57 -17.66
C PHE E 122 -35.97 1.54 -17.39
N ASP E 123 -35.64 2.65 -16.74
CA ASP E 123 -36.61 3.72 -16.49
C ASP E 123 -37.78 3.21 -15.65
N LEU E 124 -37.45 2.46 -14.60
CA LEU E 124 -38.43 1.99 -13.65
C LEU E 124 -38.37 2.90 -12.43
N SER E 125 -39.53 3.25 -11.88
CA SER E 125 -39.54 4.12 -10.71
C SER E 125 -39.48 3.32 -9.40
N PRO E 126 -38.54 3.69 -8.52
CA PRO E 126 -38.44 3.01 -7.24
C PRO E 126 -39.76 3.08 -6.47
N SER E 127 -40.47 4.20 -6.59
CA SER E 127 -41.70 4.40 -5.85
C SER E 127 -42.79 3.38 -6.18
N TRP E 128 -42.78 2.83 -7.39
CA TRP E 128 -43.69 1.74 -7.75
C TRP E 128 -43.45 0.55 -6.83
N TYR E 129 -42.18 0.23 -6.63
CA TYR E 129 -41.84 -0.91 -5.80
C TYR E 129 -42.08 -0.67 -4.31
N VAL E 130 -41.88 0.57 -3.86
CA VAL E 130 -42.20 0.94 -2.49
C VAL E 130 -43.69 0.69 -2.22
N GLU E 131 -44.54 1.14 -3.14
CA GLU E 131 -45.97 0.88 -3.02
C GLU E 131 -46.26 -0.63 -2.96
N ALA E 132 -45.69 -1.39 -3.88
CA ALA E 132 -45.85 -2.85 -3.84
C ALA E 132 -45.49 -3.43 -2.47
N LEU E 133 -44.35 -3.00 -1.93
CA LEU E 133 -43.84 -3.51 -0.66
C LEU E 133 -44.78 -3.14 0.51
N LYS E 134 -45.31 -1.93 0.49
CA LYS E 134 -46.30 -1.52 1.47
C LYS E 134 -47.52 -2.45 1.41
N TYR E 135 -47.98 -2.80 0.22
CA TYR E 135 -49.14 -3.71 0.12
C TYR E 135 -48.81 -5.10 0.70
N VAL E 136 -47.65 -5.65 0.37
CA VAL E 136 -47.26 -6.94 0.95
C VAL E 136 -47.29 -6.89 2.47
N LYS E 137 -46.69 -5.84 3.03
CA LYS E 137 -46.65 -5.66 4.48
C LYS E 137 -48.07 -5.61 5.10
N ALA E 138 -49.01 -4.94 4.40
CA ALA E 138 -50.36 -4.79 4.93
C ALA E 138 -51.22 -6.03 4.72
N ASN E 139 -50.71 -7.01 3.99
CA ASN E 139 -51.54 -8.14 3.58
C ASN E 139 -50.94 -9.53 3.74
N HIS E 140 -49.74 -9.64 4.29
CA HIS E 140 -49.16 -10.98 4.44
C HIS E 140 -49.87 -11.85 5.50
N GLY E 141 -50.55 -11.19 6.44
CA GLY E 141 -51.29 -11.91 7.47
C GLY E 141 -50.48 -12.47 8.62
N LEU E 142 -49.20 -12.12 8.68
CA LEU E 142 -48.33 -12.62 9.74
C LEU E 142 -48.56 -11.88 11.06
N SER E 143 -48.29 -12.54 12.18
CA SER E 143 -48.32 -11.88 13.49
C SER E 143 -47.05 -12.19 14.29
N GLY E 144 -46.94 -11.57 15.46
CA GLY E 144 -45.81 -11.81 16.36
C GLY E 144 -44.46 -11.59 15.71
N ASP E 145 -43.47 -12.34 16.16
CA ASP E 145 -42.09 -12.21 15.68
C ASP E 145 -41.96 -12.50 14.18
N SER E 146 -42.81 -13.37 13.67
CA SER E 146 -42.84 -13.64 12.24
C SER E 146 -43.03 -12.33 11.48
N ALA E 147 -44.03 -11.55 11.89
CA ALA E 147 -44.36 -10.30 11.21
C ALA E 147 -43.25 -9.26 11.43
N VAL E 148 -42.78 -9.13 12.68
CA VAL E 148 -41.73 -8.17 12.93
C VAL E 148 -40.52 -8.46 12.02
N GLU E 149 -40.13 -9.73 11.93
CA GLU E 149 -38.96 -10.06 11.12
C GLU E 149 -39.22 -9.84 9.62
N ALA E 150 -40.33 -10.35 9.12
CA ALA E 150 -40.60 -10.20 7.69
C ALA E 150 -40.67 -8.71 7.35
N ASN E 151 -41.31 -7.95 8.21
CA ASN E 151 -41.44 -6.51 7.99
C ASN E 151 -40.09 -5.81 8.02
N SER E 152 -39.18 -6.28 8.86
CA SER E 152 -37.85 -5.67 8.90
C SER E 152 -37.16 -5.79 7.54
N TYR E 153 -37.34 -6.93 6.87
CA TYR E 153 -36.76 -7.12 5.52
C TYR E 153 -37.49 -6.31 4.45
N ILE E 154 -38.81 -6.23 4.57
CA ILE E 154 -39.58 -5.39 3.66
C ILE E 154 -39.13 -3.93 3.81
N ASP E 155 -39.06 -3.45 5.05
CA ASP E 155 -38.64 -2.06 5.27
C ASP E 155 -37.19 -1.80 4.84
N TYR E 156 -36.35 -2.82 4.99
CA TYR E 156 -34.98 -2.74 4.49
C TYR E 156 -34.96 -2.43 3.00
N ALA E 157 -35.75 -3.20 2.24
CA ALA E 157 -35.89 -2.97 0.79
C ALA E 157 -36.42 -1.55 0.51
N ILE E 158 -37.42 -1.11 1.27
CA ILE E 158 -37.99 0.22 1.04
C ILE E 158 -36.92 1.27 1.25
N ASN E 159 -36.15 1.14 2.34
CA ASN E 159 -35.01 2.02 2.59
C ASN E 159 -34.02 2.05 1.42
N ALA E 160 -33.68 0.89 0.87
CA ALA E 160 -32.68 0.84 -0.20
C ALA E 160 -33.20 1.53 -1.45
N LEU E 161 -34.52 1.68 -1.54
CA LEU E 161 -35.18 2.27 -2.71
C LEU E 161 -35.50 3.76 -2.51
N SER E 162 -35.13 4.31 -1.36
CA SER E 162 -35.53 5.68 -1.02
C SER E 162 -34.47 6.42 -0.19
N MET F 1 -18.78 -17.97 2.36
CA MET F 1 -19.17 -19.26 2.90
C MET F 1 -20.69 -19.34 3.02
N TYR F 2 -21.19 -20.56 3.23
CA TYR F 2 -22.60 -20.77 3.54
C TYR F 2 -22.71 -21.45 4.90
N ASP F 3 -23.74 -21.10 5.66
CA ASP F 3 -24.17 -21.96 6.74
C ASP F 3 -25.28 -22.85 6.19
N ALA F 4 -25.85 -23.72 7.02
CA ALA F 4 -26.85 -24.65 6.52
C ALA F 4 -28.04 -23.95 5.85
N PHE F 5 -28.52 -22.87 6.47
CA PHE F 5 -29.63 -22.09 5.93
C PHE F 5 -29.31 -21.46 4.57
N ALA F 6 -28.15 -20.81 4.49
CA ALA F 6 -27.76 -20.08 3.29
C ALA F 6 -27.57 -21.04 2.14
N LYS F 7 -27.03 -22.23 2.44
CA LYS F 7 -26.79 -23.26 1.42
C LYS F 7 -28.09 -23.58 0.69
N VAL F 8 -29.17 -23.76 1.45
CA VAL F 8 -30.47 -24.13 0.90
C VAL F 8 -31.08 -22.98 0.09
N VAL F 9 -30.90 -21.76 0.58
CA VAL F 9 -31.34 -20.58 -0.15
C VAL F 9 -30.62 -20.42 -1.51
N SER F 10 -29.30 -20.61 -1.54
CA SER F 10 -28.57 -20.42 -2.80
C SER F 10 -29.03 -21.44 -3.83
N GLN F 11 -29.23 -22.69 -3.40
CA GLN F 11 -29.77 -23.71 -4.29
C GLN F 11 -31.20 -23.40 -4.77
N ALA F 12 -32.00 -22.75 -3.93
CA ALA F 12 -33.35 -22.39 -4.34
C ALA F 12 -33.34 -21.24 -5.34
N ASP F 13 -32.49 -20.25 -5.11
CA ASP F 13 -32.54 -19.06 -5.95
C ASP F 13 -32.12 -19.38 -7.38
N SER F 14 -31.22 -20.34 -7.54
CA SER F 14 -30.76 -20.69 -8.88
C SER F 14 -31.90 -21.35 -9.66
N ARG F 15 -32.95 -21.74 -8.95
CA ARG F 15 -34.11 -22.37 -9.56
C ARG F 15 -35.31 -21.45 -9.53
N GLY F 16 -35.13 -20.24 -8.98
CA GLY F 16 -36.24 -19.30 -8.86
C GLY F 16 -37.32 -19.85 -7.93
N ALA F 17 -36.94 -20.75 -7.04
CA ALA F 17 -37.90 -21.49 -6.21
C ALA F 17 -38.02 -20.99 -4.76
N TYR F 18 -39.22 -21.06 -4.22
CA TYR F 18 -39.41 -20.92 -2.78
C TYR F 18 -38.88 -22.18 -2.09
N ILE F 19 -38.29 -22.01 -0.92
CA ILE F 19 -37.85 -23.12 -0.10
C ILE F 19 -39.07 -23.97 0.23
N SER F 20 -38.97 -25.28 0.04
CA SER F 20 -40.12 -26.18 0.23
C SER F 20 -40.45 -26.45 1.70
N ALA F 21 -41.69 -26.84 1.97
CA ALA F 21 -42.09 -27.18 3.33
C ALA F 21 -41.15 -28.22 3.91
N SER F 22 -40.70 -29.15 3.07
CA SER F 22 -39.83 -30.22 3.54
C SER F 22 -38.41 -29.74 3.85
N GLN F 23 -37.89 -28.81 3.05
CA GLN F 23 -36.59 -28.20 3.35
C GLN F 23 -36.69 -27.42 4.65
N ILE F 24 -37.84 -26.79 4.88
CA ILE F 24 -38.04 -26.03 6.10
C ILE F 24 -38.02 -26.95 7.32
N ASP F 25 -38.71 -28.08 7.23
CA ASP F 25 -38.66 -29.10 8.29
C ASP F 25 -37.23 -29.55 8.61
N ALA F 26 -36.43 -29.81 7.59
CA ALA F 26 -35.03 -30.18 7.79
C ALA F 26 -34.26 -29.12 8.57
N LEU F 27 -34.48 -27.86 8.22
CA LEU F 27 -33.86 -26.75 8.94
C LEU F 27 -34.40 -26.67 10.36
N SER F 28 -35.70 -26.86 10.53
CA SER F 28 -36.29 -26.89 11.87
C SER F 28 -35.62 -27.96 12.72
N ALA F 29 -35.25 -29.08 12.09
CA ALA F 29 -34.65 -30.20 12.82
C ALA F 29 -33.24 -29.86 13.32
N MET F 30 -32.42 -29.26 12.48
CA MET F 30 -31.10 -28.86 12.94
C MET F 30 -31.25 -27.81 14.04
N VAL F 31 -32.21 -26.90 13.87
CA VAL F 31 -32.49 -25.91 14.91
C VAL F 31 -32.85 -26.58 16.23
N ALA F 32 -33.66 -27.64 16.15
CA ALA F 32 -34.05 -28.38 17.35
C ALA F 32 -32.83 -29.02 18.07
N ASP F 33 -31.79 -29.33 17.32
CA ASP F 33 -30.57 -29.87 17.92
C ASP F 33 -29.48 -28.80 18.06
N GLY F 34 -29.87 -27.53 18.02
CA GLY F 34 -28.92 -26.43 18.07
C GLY F 34 -28.05 -26.40 19.31
N SER F 35 -28.67 -26.51 20.48
CA SER F 35 -27.91 -26.47 21.71
C SER F 35 -26.93 -27.67 21.82
N LYS F 36 -27.32 -28.83 21.31
CA LYS F 36 -26.40 -29.96 21.24
C LYS F 36 -25.17 -29.59 20.41
N ARG F 37 -25.44 -28.95 19.28
CA ARG F 37 -24.40 -28.57 18.34
C ARG F 37 -23.45 -27.59 19.01
N LEU F 38 -24.02 -26.64 19.73
CA LEU F 38 -23.24 -25.62 20.42
C LEU F 38 -22.41 -26.20 21.56
N ASP F 39 -22.98 -27.16 22.29
CA ASP F 39 -22.22 -27.86 23.33
C ASP F 39 -21.01 -28.54 22.69
N ALA F 40 -21.23 -29.13 21.52
CA ALA F 40 -20.16 -29.82 20.81
C ALA F 40 -19.03 -28.86 20.46
N VAL F 41 -19.37 -27.76 19.79
CA VAL F 41 -18.39 -26.71 19.50
C VAL F 41 -17.63 -26.26 20.76
N ASN F 42 -18.35 -25.93 21.82
CA ASN F 42 -17.73 -25.47 23.05
C ASN F 42 -16.76 -26.50 23.64
N ARG F 43 -17.21 -27.76 23.70
CA ARG F 43 -16.38 -28.83 24.24
C ARG F 43 -15.08 -29.05 23.46
N ILE F 44 -15.20 -29.17 22.14
CA ILE F 44 -14.02 -29.34 21.31
C ILE F 44 -13.09 -28.14 21.43
N THR F 45 -13.64 -26.93 21.29
CA THR F 45 -12.84 -25.72 21.39
C THR F 45 -12.12 -25.60 22.73
N SER F 46 -12.86 -25.87 23.80
CA SER F 46 -12.34 -25.80 25.16
C SER F 46 -11.19 -26.77 25.43
N ASN F 47 -10.97 -27.68 24.50
CA ASN F 47 -9.86 -28.61 24.61
C ASN F 47 -8.91 -28.53 23.43
N SER F 48 -8.96 -27.42 22.70
CA SER F 48 -8.19 -27.33 21.46
C SER F 48 -6.69 -27.55 21.67
N SER F 49 -6.10 -26.90 22.67
CA SER F 49 -4.66 -27.05 22.89
C SER F 49 -4.27 -28.49 23.19
N ALA F 50 -5.04 -29.17 24.04
CA ALA F 50 -4.73 -30.57 24.36
C ALA F 50 -4.93 -31.51 23.18
N ILE F 51 -5.99 -31.30 22.40
CA ILE F 51 -6.27 -32.16 21.24
C ILE F 51 -5.13 -32.09 20.25
N VAL F 52 -4.64 -30.88 20.01
CA VAL F 52 -3.51 -30.68 19.10
C VAL F 52 -2.22 -31.34 19.62
N ALA F 53 -1.84 -31.00 20.85
CA ALA F 53 -0.61 -31.52 21.45
C ALA F 53 -0.60 -33.05 21.51
N ASN F 54 -1.69 -33.63 21.99
CA ASN F 54 -1.79 -35.08 22.13
C ASN F 54 -1.75 -35.80 20.79
N ALA F 55 -2.44 -35.26 19.79
CA ALA F 55 -2.43 -35.86 18.47
C ALA F 55 -1.06 -35.76 17.83
N ALA F 56 -0.41 -34.60 17.98
CA ALA F 56 0.94 -34.41 17.45
C ALA F 56 1.90 -35.38 18.15
N ARG F 57 1.85 -35.44 19.46
CA ARG F 57 2.74 -36.31 20.20
C ARG F 57 2.64 -37.76 19.68
N ALA F 58 1.40 -38.25 19.53
CA ALA F 58 1.18 -39.62 19.08
C ALA F 58 1.59 -39.82 17.62
N LEU F 59 1.42 -38.77 16.81
CA LEU F 59 1.87 -38.83 15.43
C LEU F 59 3.39 -39.00 15.38
N PHE F 60 4.11 -38.18 16.13
CA PHE F 60 5.57 -38.25 16.15
C PHE F 60 6.08 -39.59 16.70
N ALA F 61 5.36 -40.13 17.68
CA ALA F 61 5.73 -41.44 18.23
C ALA F 61 5.57 -42.54 17.19
N GLU F 62 4.49 -42.46 16.41
CA GLU F 62 4.24 -43.39 15.32
C GLU F 62 5.20 -43.24 14.13
N GLN F 63 5.60 -42.00 13.84
CA GLN F 63 6.49 -41.72 12.72
C GLN F 63 7.70 -40.91 13.16
N PRO F 64 8.65 -41.55 13.85
CA PRO F 64 9.86 -40.89 14.35
C PRO F 64 10.62 -40.19 13.24
N ALA F 65 10.52 -40.69 12.02
CA ALA F 65 11.23 -40.08 10.91
C ALA F 65 10.85 -38.60 10.74
N LEU F 66 9.61 -38.24 11.11
CA LEU F 66 9.17 -36.85 11.04
C LEU F 66 10.04 -35.92 11.88
N ILE F 67 10.49 -36.41 13.04
CA ILE F 67 11.25 -35.56 13.97
C ILE F 67 12.77 -35.84 13.99
N ALA F 68 13.20 -36.89 13.31
CA ALA F 68 14.61 -37.12 13.09
C ALA F 68 15.19 -35.94 12.31
N PRO F 69 16.45 -35.58 12.58
CA PRO F 69 17.04 -34.47 11.82
C PRO F 69 16.87 -34.71 10.32
N GLY F 70 16.51 -33.66 9.60
CA GLY F 70 16.23 -33.77 8.17
C GLY F 70 14.78 -34.11 7.87
N GLY F 71 14.04 -34.49 8.90
CA GLY F 71 12.62 -34.75 8.77
C GLY F 71 11.85 -33.44 8.59
N MEN F 72 10.61 -33.54 8.12
CA MEN F 72 9.82 -32.35 7.83
C MEN F 72 9.41 -31.62 9.08
O MEN F 72 9.09 -30.42 9.00
CB MEN F 72 8.59 -32.73 7.03
CG MEN F 72 8.08 -31.51 6.29
OD1 MEN F 72 6.95 -31.10 6.49
ND2 MEN F 72 8.92 -30.93 5.44
CE2 MEN F 72 8.49 -29.89 4.54
N ALA F 73 9.40 -32.30 10.22
CA ALA F 73 9.00 -31.68 11.48
C ALA F 73 10.20 -31.30 12.34
N TYR F 74 11.40 -31.55 11.82
CA TYR F 74 12.64 -31.22 12.54
C TYR F 74 12.98 -29.73 12.40
N THR F 75 13.66 -29.19 13.42
CA THR F 75 13.91 -27.74 13.63
C THR F 75 12.66 -27.12 14.25
N SER F 76 12.87 -26.10 15.08
CA SER F 76 11.75 -25.52 15.81
C SER F 76 10.75 -24.85 14.87
N ARG F 77 11.25 -24.24 13.81
CA ARG F 77 10.36 -23.52 12.90
C ARG F 77 9.42 -24.49 12.21
N ARG F 78 9.94 -25.62 11.76
CA ARG F 78 9.07 -26.60 11.11
C ARG F 78 8.11 -27.26 12.09
N MET F 79 8.59 -27.59 13.29
CA MET F 79 7.71 -28.14 14.33
C MET F 79 6.57 -27.17 14.61
N ALA F 80 6.91 -25.91 14.83
CA ALA F 80 5.91 -24.89 15.12
C ALA F 80 4.88 -24.78 13.98
N ALA F 81 5.36 -24.83 12.73
CA ALA F 81 4.45 -24.73 11.59
C ALA F 81 3.53 -25.96 11.58
N CYS F 82 4.09 -27.12 11.92
CA CYS F 82 3.32 -28.36 11.94
C CYS F 82 2.21 -28.28 12.99
N LEU F 83 2.56 -27.85 14.21
CA LEU F 83 1.56 -27.66 15.26
C LEU F 83 0.48 -26.66 14.83
N ARG F 84 0.94 -25.58 14.21
CA ARG F 84 0.03 -24.55 13.69
C ARG F 84 -0.96 -25.10 12.66
N ASP F 85 -0.49 -25.98 11.78
CA ASP F 85 -1.37 -26.61 10.79
C ASP F 85 -2.42 -27.46 11.48
N MET F 86 -2.01 -28.21 12.49
CA MET F 86 -2.91 -29.06 13.26
C MET F 86 -4.02 -28.22 13.91
N GLU F 87 -3.62 -27.10 14.51
CA GLU F 87 -4.57 -26.19 15.14
C GLU F 87 -5.47 -25.46 14.13
N ILE F 88 -4.90 -25.08 13.00
CA ILE F 88 -5.69 -24.48 11.92
C ILE F 88 -6.79 -25.42 11.42
N VAL F 89 -6.42 -26.66 11.11
CA VAL F 89 -7.42 -27.63 10.68
C VAL F 89 -8.52 -27.81 11.74
N LEU F 90 -8.12 -27.97 12.99
CA LEU F 90 -9.10 -28.11 14.07
C LEU F 90 -10.02 -26.89 14.11
N ARG F 91 -9.43 -25.71 14.01
CA ARG F 91 -10.21 -24.47 14.09
C ARG F 91 -11.25 -24.40 12.98
N TYR F 92 -10.82 -24.58 11.73
CA TYR F 92 -11.77 -24.58 10.61
C TYR F 92 -12.83 -25.69 10.70
N VAL F 93 -12.47 -26.86 11.23
CA VAL F 93 -13.46 -27.91 11.43
C VAL F 93 -14.57 -27.44 12.38
N THR F 94 -14.17 -26.79 13.49
CA THR F 94 -15.16 -26.27 14.44
C THR F 94 -16.04 -25.18 13.83
N TYR F 95 -15.50 -24.43 12.87
CA TYR F 95 -16.29 -23.44 12.13
C TYR F 95 -17.36 -24.15 11.31
N ALA F 96 -16.99 -25.30 10.72
CA ALA F 96 -17.92 -26.12 9.94
C ALA F 96 -19.03 -26.67 10.83
N ILE F 97 -18.65 -27.19 11.99
CA ILE F 97 -19.62 -27.70 12.95
C ILE F 97 -20.61 -26.61 13.37
N TYR F 98 -20.06 -25.45 13.72
CA TYR F 98 -20.86 -24.32 14.12
C TYR F 98 -21.84 -23.87 13.03
N SER F 99 -21.40 -23.88 11.77
CA SER F 99 -22.22 -23.33 10.71
C SER F 99 -23.10 -24.39 10.03
N GLY F 100 -22.82 -25.65 10.33
CA GLY F 100 -23.56 -26.76 9.72
C GLY F 100 -23.34 -26.89 8.23
N ASP F 101 -22.18 -26.46 7.75
CA ASP F 101 -21.85 -26.59 6.33
C ASP F 101 -20.34 -26.68 6.17
N ALA F 102 -19.89 -27.41 5.15
CA ALA F 102 -18.46 -27.63 4.97
C ALA F 102 -17.77 -26.48 4.24
N SER F 103 -18.54 -25.56 3.66
CA SER F 103 -17.95 -24.52 2.82
C SER F 103 -16.77 -23.77 3.45
N ILE F 104 -16.90 -23.35 4.71
CA ILE F 104 -15.82 -22.60 5.34
C ILE F 104 -14.54 -23.43 5.35
N LEU F 105 -14.65 -24.68 5.75
CA LEU F 105 -13.50 -25.58 5.80
C LEU F 105 -12.91 -25.81 4.40
N GLU F 106 -13.78 -26.01 3.42
CA GLU F 106 -13.35 -26.21 2.03
C GLU F 106 -12.66 -24.98 1.45
N ASP F 107 -13.32 -23.83 1.56
CA ASP F 107 -12.89 -22.63 0.86
C ASP F 107 -11.62 -21.99 1.43
N ARG F 108 -11.48 -22.01 2.74
CA ARG F 108 -10.45 -21.21 3.38
C ARG F 108 -9.31 -22.05 3.97
N CYS F 109 -9.47 -23.37 3.98
CA CYS F 109 -8.49 -24.22 4.63
C CYS F 109 -7.99 -25.33 3.70
N LEU F 110 -8.91 -26.15 3.19
CA LEU F 110 -8.56 -27.32 2.39
C LEU F 110 -8.18 -26.99 0.95
N ASN F 111 -8.74 -25.91 0.42
CA ASN F 111 -8.53 -25.59 -0.98
C ASN F 111 -7.09 -25.25 -1.24
N GLY F 112 -6.46 -26.04 -2.11
CA GLY F 112 -5.07 -25.83 -2.47
C GLY F 112 -4.08 -26.36 -1.44
N LEU F 113 -4.57 -27.03 -0.40
CA LEU F 113 -3.67 -27.50 0.66
C LEU F 113 -2.81 -28.68 0.21
N LYS F 114 -3.43 -29.71 -0.37
CA LYS F 114 -2.67 -30.86 -0.86
C LYS F 114 -1.54 -30.43 -1.78
N GLU F 115 -1.81 -29.43 -2.61
CA GLU F 115 -0.80 -28.92 -3.54
C GLU F 115 0.31 -28.20 -2.80
N THR F 116 -0.05 -27.44 -1.77
CA THR F 116 0.94 -26.74 -0.96
C THR F 116 1.92 -27.73 -0.33
N TYR F 117 1.38 -28.78 0.27
CA TYR F 117 2.22 -29.78 0.92
C TYR F 117 3.13 -30.47 -0.10
N LEU F 118 2.56 -30.87 -1.24
CA LEU F 118 3.34 -31.50 -2.31
C LEU F 118 4.54 -30.66 -2.73
N ALA F 119 4.33 -29.35 -2.91
CA ALA F 119 5.41 -28.43 -3.23
C ALA F 119 6.47 -28.36 -2.14
N LEU F 120 6.02 -28.25 -0.89
CA LEU F 120 6.93 -28.09 0.25
C LEU F 120 7.74 -29.34 0.54
N GLY F 121 7.17 -30.50 0.24
CA GLY F 121 7.75 -31.76 0.64
C GLY F 121 7.22 -32.22 1.99
N THR F 122 6.10 -31.62 2.41
CA THR F 122 5.42 -32.04 3.63
C THR F 122 4.58 -33.27 3.32
N PRO F 123 4.71 -34.33 4.13
CA PRO F 123 3.97 -35.57 3.83
C PRO F 123 2.48 -35.43 4.16
N GLY F 124 1.65 -35.25 3.12
CA GLY F 124 0.22 -35.16 3.30
C GLY F 124 -0.42 -36.30 4.06
N SER F 125 0.02 -37.52 3.81
CA SER F 125 -0.57 -38.69 4.48
C SER F 125 -0.33 -38.64 5.99
N SER F 126 0.82 -38.12 6.39
CA SER F 126 1.14 -37.92 7.79
C SER F 126 0.21 -36.89 8.45
N VAL F 127 -0.15 -35.85 7.71
CA VAL F 127 -1.09 -34.86 8.23
C VAL F 127 -2.46 -35.52 8.40
N ALA F 128 -2.84 -36.36 7.44
CA ALA F 128 -4.10 -37.07 7.50
C ALA F 128 -4.18 -37.91 8.77
N VAL F 129 -3.08 -38.58 9.11
CA VAL F 129 -3.02 -39.36 10.35
C VAL F 129 -3.26 -38.47 11.57
N GLY F 130 -2.61 -37.31 11.60
CA GLY F 130 -2.75 -36.38 12.72
C GLY F 130 -4.20 -35.90 12.87
N ILE F 131 -4.85 -35.65 11.74
CA ILE F 131 -6.24 -35.20 11.71
C ILE F 131 -7.21 -36.29 12.19
N GLY F 132 -6.97 -37.52 11.76
CA GLY F 132 -7.76 -38.65 12.24
C GLY F 132 -7.64 -38.76 13.75
N LYS F 133 -6.44 -38.52 14.27
CA LYS F 133 -6.24 -38.58 15.71
C LYS F 133 -7.02 -37.47 16.43
N MET F 134 -7.04 -36.29 15.82
CA MET F 134 -7.86 -35.20 16.37
C MET F 134 -9.35 -35.52 16.32
N LYS F 135 -9.81 -36.10 15.22
CA LYS F 135 -11.20 -36.53 15.12
C LYS F 135 -11.61 -37.40 16.32
N ASP F 136 -10.87 -38.48 16.56
CA ASP F 136 -11.24 -39.40 17.61
C ASP F 136 -11.28 -38.70 18.95
N ALA F 137 -10.31 -37.84 19.19
CA ALA F 137 -10.20 -37.13 20.45
C ALA F 137 -11.34 -36.14 20.60
N ALA F 138 -11.62 -35.42 19.52
CA ALA F 138 -12.65 -34.41 19.54
C ALA F 138 -14.04 -35.03 19.75
N ILE F 139 -14.34 -36.09 19.00
CA ILE F 139 -15.64 -36.74 19.13
C ILE F 139 -15.83 -37.33 20.51
N ALA F 140 -14.78 -37.96 21.05
CA ALA F 140 -14.86 -38.52 22.40
C ALA F 140 -15.16 -37.43 23.42
N ILE F 141 -14.57 -36.24 23.25
CA ILE F 141 -14.82 -35.13 24.17
C ILE F 141 -16.21 -34.50 23.95
N ALA F 142 -16.61 -34.37 22.68
CA ALA F 142 -17.89 -33.75 22.39
C ALA F 142 -19.04 -34.65 22.87
N ASN F 143 -18.87 -35.96 22.72
CA ASN F 143 -19.95 -36.90 23.04
C ASN F 143 -19.94 -37.47 24.47
N ASP F 144 -19.16 -36.85 25.36
CA ASP F 144 -19.06 -37.28 26.76
C ASP F 144 -20.37 -37.03 27.51
N PRO F 145 -20.98 -38.09 28.06
CA PRO F 145 -22.29 -37.91 28.72
C PRO F 145 -22.23 -37.15 30.05
N ASN F 146 -21.05 -37.01 30.64
CA ASN F 146 -20.94 -36.34 31.93
C ASN F 146 -20.96 -34.83 31.83
N GLY F 147 -21.72 -34.19 32.72
CA GLY F 147 -21.76 -32.74 32.81
C GLY F 147 -22.67 -32.05 31.82
N VAL F 148 -23.54 -32.82 31.16
CA VAL F 148 -24.47 -32.25 30.20
C VAL F 148 -25.86 -32.89 30.33
N THR F 149 -26.89 -32.16 29.95
CA THR F 149 -28.24 -32.73 29.92
C THR F 149 -28.22 -33.94 29.01
N ARG F 150 -28.76 -35.06 29.49
CA ARG F 150 -28.69 -36.31 28.75
C ARG F 150 -29.57 -36.32 27.50
N GLY F 151 -29.02 -36.82 26.39
CA GLY F 151 -29.77 -36.90 25.15
C GLY F 151 -28.97 -37.53 24.03
N ASP F 152 -29.57 -37.58 22.84
CA ASP F 152 -28.93 -38.23 21.69
C ASP F 152 -28.26 -37.24 20.73
N CYS F 153 -26.94 -37.35 20.61
CA CYS F 153 -26.19 -36.49 19.70
C CYS F 153 -25.58 -37.29 18.57
N SER F 154 -26.16 -38.45 18.25
CA SER F 154 -25.58 -39.36 17.27
C SER F 154 -25.52 -38.79 15.84
N ALA F 155 -26.55 -38.07 15.41
CA ALA F 155 -26.52 -37.45 14.09
C ALA F 155 -25.41 -36.38 14.02
N LEU F 156 -25.32 -35.58 15.06
CA LEU F 156 -24.28 -34.57 15.19
C LEU F 156 -22.87 -35.16 15.14
N MET F 157 -22.64 -36.26 15.85
CA MET F 157 -21.29 -36.86 15.83
C MET F 157 -20.93 -37.35 14.43
N SER F 158 -21.90 -37.88 13.71
CA SER F 158 -21.65 -38.32 12.35
C SER F 158 -21.27 -37.15 11.43
N GLU F 159 -21.99 -36.03 11.59
CA GLU F 159 -21.68 -34.82 10.83
C GLU F 159 -20.27 -34.33 11.18
N ILE F 160 -19.98 -34.25 12.47
CA ILE F 160 -18.65 -33.87 12.93
C ILE F 160 -17.57 -34.76 12.33
N GLY F 161 -17.74 -36.08 12.47
CA GLY F 161 -16.83 -37.03 11.85
C GLY F 161 -16.63 -36.74 10.38
N SER F 162 -17.71 -36.40 9.69
CA SER F 162 -17.62 -36.14 8.26
C SER F 162 -16.72 -34.95 7.93
N TYR F 163 -16.72 -33.91 8.76
CA TYR F 163 -15.84 -32.76 8.52
C TYR F 163 -14.37 -33.12 8.72
N PHE F 164 -14.07 -33.89 9.75
CA PHE F 164 -12.70 -34.35 9.97
C PHE F 164 -12.25 -35.25 8.81
N ASP F 165 -13.12 -36.14 8.36
CA ASP F 165 -12.78 -37.03 7.25
C ASP F 165 -12.48 -36.24 5.98
N LYS F 166 -13.28 -35.23 5.72
CA LYS F 166 -13.09 -34.38 4.56
C LYS F 166 -11.72 -33.71 4.58
N ALA F 167 -11.34 -33.19 5.75
CA ALA F 167 -10.02 -32.59 5.90
C ALA F 167 -8.94 -33.65 5.67
N ALA F 168 -9.09 -34.79 6.33
CA ALA F 168 -8.12 -35.87 6.18
C ALA F 168 -8.01 -36.27 4.72
N ALA F 169 -9.15 -36.36 4.05
CA ALA F 169 -9.19 -36.83 2.68
C ALA F 169 -8.53 -35.86 1.72
N ALA F 170 -8.52 -34.58 2.08
CA ALA F 170 -8.00 -33.55 1.19
C ALA F 170 -6.47 -33.59 1.06
N VAL F 171 -5.80 -34.19 2.03
CA VAL F 171 -4.34 -34.18 2.02
C VAL F 171 -3.73 -35.59 2.02
N ALA F 172 -4.59 -36.61 2.13
CA ALA F 172 -4.13 -37.99 2.15
C ALA F 172 -3.46 -38.44 0.84
N MET G 1 -11.40 22.47 -11.71
CA MET G 1 -12.43 22.17 -12.70
C MET G 1 -11.82 21.74 -14.02
N LYS G 2 -12.40 20.72 -14.62
CA LYS G 2 -11.95 20.23 -15.91
C LYS G 2 -12.36 21.12 -17.07
N THR G 3 -11.38 21.46 -17.90
CA THR G 3 -11.60 22.15 -19.15
C THR G 3 -10.51 21.63 -20.07
N PRO G 4 -10.62 21.85 -21.38
CA PRO G 4 -9.50 21.37 -22.21
C PRO G 4 -8.16 21.88 -21.69
N LEU G 5 -8.09 23.13 -21.26
CA LEU G 5 -6.82 23.71 -20.79
C LEU G 5 -6.31 23.13 -19.46
N THR G 6 -7.17 22.98 -18.47
CA THR G 6 -6.72 22.47 -17.17
C THR G 6 -6.36 21.00 -17.27
N GLU G 7 -7.04 20.26 -18.13
CA GLU G 7 -6.71 18.85 -18.33
C GLU G 7 -5.39 18.69 -19.07
N ALA G 8 -5.12 19.56 -20.05
CA ALA G 8 -3.81 19.58 -20.69
C ALA G 8 -2.73 19.85 -19.63
N VAL G 9 -2.98 20.83 -18.76
CA VAL G 9 -2.01 21.14 -17.71
C VAL G 9 -1.87 19.99 -16.71
N SER G 10 -3.01 19.43 -16.29
CA SER G 10 -3.02 18.34 -15.32
C SER G 10 -2.22 17.14 -15.81
N ALA G 11 -2.34 16.83 -17.08
CA ALA G 11 -1.60 15.71 -17.65
C ALA G 11 -0.09 15.97 -17.59
N ALA G 12 0.31 17.15 -18.07
CA ALA G 12 1.71 17.57 -18.04
C ALA G 12 2.25 17.56 -16.61
N ASP G 13 1.50 18.13 -15.68
CA ASP G 13 1.90 18.15 -14.28
C ASP G 13 2.21 16.77 -13.67
N SER G 14 1.29 15.83 -13.81
CA SER G 14 1.43 14.50 -13.19
C SER G 14 2.64 13.70 -13.71
N GLN G 15 3.19 14.18 -14.82
CA GLN G 15 4.33 13.58 -15.51
C GLN G 15 5.56 14.46 -15.25
N GLY G 16 5.36 15.56 -14.52
CA GLY G 16 6.43 16.50 -14.21
C GLY G 16 7.08 17.17 -15.42
N ARG G 17 6.28 17.38 -16.47
CA ARG G 17 6.79 17.87 -17.75
C ARG G 17 6.38 19.31 -18.03
N PHE G 18 7.18 20.00 -18.84
CA PHE G 18 6.78 21.27 -19.40
C PHE G 18 5.77 21.00 -20.50
N LEU G 19 4.97 22.02 -20.83
CA LEU G 19 3.99 21.93 -21.90
C LEU G 19 4.73 21.80 -23.22
N SER G 20 4.08 21.23 -24.22
CA SER G 20 4.72 20.99 -25.50
C SER G 20 3.74 21.33 -26.62
N THR G 21 4.11 21.02 -27.85
CA THR G 21 3.22 21.29 -28.98
C THR G 21 1.90 20.52 -28.85
N THR G 22 1.94 19.40 -28.15
CA THR G 22 0.71 18.66 -27.87
C THR G 22 -0.32 19.58 -27.18
N GLU G 23 0.11 20.24 -26.11
CA GLU G 23 -0.81 21.12 -25.37
C GLU G 23 -1.15 22.40 -26.14
N THR G 24 -0.23 22.86 -26.98
CA THR G 24 -0.53 23.97 -27.87
C THR G 24 -1.70 23.62 -28.78
N GLN G 25 -1.69 22.40 -29.33
CA GLN G 25 -2.78 21.97 -30.19
C GLN G 25 -4.10 21.90 -29.42
N VAL G 26 -4.03 21.47 -28.15
CA VAL G 26 -5.23 21.49 -27.32
C VAL G 26 -5.79 22.92 -27.18
N ALA G 27 -4.91 23.88 -26.95
CA ALA G 27 -5.35 25.27 -26.77
C ALA G 27 -5.82 25.91 -28.08
N PHE G 28 -5.16 25.59 -29.19
CA PHE G 28 -5.65 26.04 -30.49
C PHE G 28 -7.07 25.54 -30.74
N GLY G 29 -7.32 24.27 -30.41
CA GLY G 29 -8.65 23.70 -30.57
C GLY G 29 -9.64 24.43 -29.69
N ARG G 30 -9.25 24.68 -28.45
CA ARG G 30 -10.07 25.41 -27.50
C ARG G 30 -10.43 26.80 -28.02
N PHE G 31 -9.41 27.57 -28.41
CA PHE G 31 -9.61 28.93 -28.86
C PHE G 31 -10.49 29.04 -30.12
N ARG G 32 -10.38 28.05 -31.00
CA ARG G 32 -11.20 28.02 -32.21
C ARG G 32 -12.66 27.78 -31.84
N GLN G 33 -12.91 26.79 -30.99
CA GLN G 33 -14.25 26.44 -30.52
C GLN G 33 -14.92 27.52 -29.65
N ALA G 34 -14.10 28.29 -28.93
CA ALA G 34 -14.58 29.21 -27.89
C ALA G 34 -15.54 30.30 -28.41
N THR G 35 -15.28 30.78 -29.63
CA THR G 35 -16.14 31.77 -30.26
C THR G 35 -17.58 31.27 -30.29
N SER G 36 -17.75 30.08 -30.87
CA SER G 36 -19.04 29.43 -30.96
C SER G 36 -19.67 29.13 -29.59
N GLY G 37 -18.83 28.67 -28.66
CA GLY G 37 -19.27 28.30 -27.33
C GLY G 37 -19.75 29.50 -26.53
N LEU G 38 -18.96 30.57 -26.57
CA LEU G 38 -19.34 31.82 -25.92
C LEU G 38 -20.62 32.40 -26.51
N ALA G 39 -20.75 32.32 -27.83
CA ALA G 39 -21.97 32.74 -28.51
C ALA G 39 -23.17 31.94 -27.99
N ALA G 40 -22.97 30.63 -27.84
CA ALA G 40 -24.04 29.76 -27.36
C ALA G 40 -24.42 30.13 -25.92
N ALA G 41 -23.42 30.49 -25.11
CA ALA G 41 -23.66 30.81 -23.71
C ALA G 41 -24.45 32.11 -23.57
N LYS G 42 -24.13 33.08 -24.42
CA LYS G 42 -24.84 34.37 -24.36
C LYS G 42 -26.29 34.18 -24.74
N ALA G 43 -26.52 33.49 -25.85
CA ALA G 43 -27.87 33.31 -26.38
C ALA G 43 -28.77 32.50 -25.44
N LEU G 44 -28.20 31.50 -24.78
CA LEU G 44 -28.95 30.64 -23.87
C LEU G 44 -29.42 31.41 -22.64
N SER G 45 -28.54 32.24 -22.08
CA SER G 45 -28.86 33.01 -20.89
C SER G 45 -30.00 34.00 -21.17
N GLU G 46 -30.23 34.29 -22.44
CA GLU G 46 -31.28 35.22 -22.84
C GLU G 46 -32.62 34.51 -23.01
N LYS G 47 -32.56 33.21 -23.32
CA LYS G 47 -33.74 32.41 -23.54
C LYS G 47 -34.05 31.57 -22.30
N ALA G 48 -33.14 31.61 -21.32
CA ALA G 48 -33.20 30.75 -20.15
C ALA G 48 -34.55 30.80 -19.41
N GLU G 49 -35.06 32.01 -19.21
CA GLU G 49 -36.31 32.20 -18.47
C GLU G 49 -37.46 31.45 -19.13
N SER G 50 -37.63 31.67 -20.43
CA SER G 50 -38.77 31.10 -21.12
C SER G 50 -38.53 29.66 -21.51
N LEU G 51 -37.26 29.28 -21.67
CA LEU G 51 -36.93 27.88 -21.92
C LEU G 51 -37.22 27.02 -20.70
N ALA G 52 -36.84 27.50 -19.52
CA ALA G 52 -37.10 26.76 -18.30
C ALA G 52 -38.62 26.61 -18.07
N SER G 53 -39.34 27.70 -18.24
CA SER G 53 -40.80 27.67 -18.10
C SER G 53 -41.45 26.78 -19.15
N GLY G 54 -41.02 26.90 -20.40
CA GLY G 54 -41.56 26.06 -21.47
C GLY G 54 -41.26 24.58 -21.26
N ALA G 55 -40.06 24.29 -20.77
CA ALA G 55 -39.65 22.90 -20.55
C ALA G 55 -40.46 22.27 -19.41
N ALA G 56 -40.70 23.02 -18.35
CA ALA G 56 -41.53 22.52 -17.26
C ALA G 56 -42.89 22.10 -17.81
N ASN G 57 -43.52 23.01 -18.55
CA ASN G 57 -44.81 22.71 -19.19
C ASN G 57 -44.76 21.49 -20.09
N ALA G 58 -43.67 21.30 -20.81
CA ALA G 58 -43.49 20.07 -21.60
C ALA G 58 -43.47 18.83 -20.71
N VAL G 59 -42.90 18.96 -19.51
CA VAL G 59 -42.83 17.81 -18.62
C VAL G 59 -44.23 17.50 -18.10
N TYR G 60 -44.95 18.54 -17.67
CA TYR G 60 -46.32 18.37 -17.21
C TYR G 60 -47.20 17.73 -18.29
N SER G 61 -47.00 18.09 -19.54
CA SER G 61 -47.77 17.50 -20.66
C SER G 61 -47.44 16.02 -20.88
N LYS G 62 -46.17 15.67 -20.79
CA LYS G 62 -45.75 14.29 -20.97
C LYS G 62 -46.14 13.47 -19.76
N PHE G 63 -46.12 14.11 -18.59
CA PHE G 63 -46.32 13.42 -17.32
C PHE G 63 -47.43 14.06 -16.49
N PRO G 64 -48.68 13.97 -16.97
CA PRO G 64 -49.80 14.72 -16.37
C PRO G 64 -49.94 14.51 -14.86
N TYR G 65 -49.66 13.30 -14.38
CA TYR G 65 -49.77 12.99 -12.95
C TYR G 65 -48.90 13.92 -12.10
N THR G 66 -47.85 14.46 -12.71
CA THR G 66 -46.95 15.35 -11.99
C THR G 66 -47.64 16.61 -11.46
N THR G 67 -48.80 16.96 -12.01
CA THR G 67 -49.52 18.13 -11.50
C THR G 67 -50.84 17.80 -10.80
N SER G 68 -51.17 16.51 -10.72
CA SER G 68 -52.42 16.09 -10.10
C SER G 68 -52.17 15.33 -8.80
N MET G 69 -51.14 14.48 -8.82
CA MET G 69 -50.81 13.66 -7.66
C MET G 69 -50.34 14.52 -6.50
N THR G 70 -50.78 14.18 -5.30
CA THR G 70 -50.42 14.91 -4.10
C THR G 70 -49.07 14.44 -3.60
N GLY G 71 -48.27 15.37 -3.11
CA GLY G 71 -46.98 15.00 -2.55
C GLY G 71 -45.92 16.06 -2.81
N ALA G 72 -44.97 16.16 -1.90
CA ALA G 72 -43.93 17.19 -2.01
C ALA G 72 -43.02 17.02 -3.24
N ASN G 73 -42.90 15.79 -3.75
CA ASN G 73 -42.04 15.54 -4.91
C ASN G 73 -42.70 15.89 -6.24
N TYR G 74 -43.99 16.24 -6.20
CA TYR G 74 -44.73 16.56 -7.41
C TYR G 74 -44.92 18.07 -7.61
N ALA G 75 -45.34 18.45 -8.81
CA ALA G 75 -45.66 19.86 -9.09
C ALA G 75 -47.18 20.04 -9.11
N SER G 76 -47.86 19.44 -8.15
CA SER G 76 -49.31 19.58 -8.02
C SER G 76 -49.61 20.77 -7.13
N SER G 77 -48.56 21.45 -6.67
CA SER G 77 -48.69 22.65 -5.88
C SER G 77 -47.87 23.74 -6.54
N GLN G 78 -48.06 24.99 -6.11
CA GLN G 78 -47.31 26.10 -6.69
C GLN G 78 -45.84 25.99 -6.27
N THR G 79 -45.63 25.63 -5.01
CA THR G 79 -44.29 25.42 -4.50
C THR G 79 -43.58 24.32 -5.31
N GLY G 80 -44.33 23.30 -5.71
CA GLY G 80 -43.78 22.23 -6.53
C GLY G 80 -43.44 22.71 -7.93
N LYS G 81 -44.34 23.49 -8.54
CA LYS G 81 -44.08 24.02 -9.87
C LYS G 81 -42.84 24.92 -9.83
N ASP G 82 -42.72 25.73 -8.78
CA ASP G 82 -41.57 26.59 -8.63
C ASP G 82 -40.25 25.82 -8.48
N LYS G 83 -40.24 24.78 -7.63
CA LYS G 83 -39.06 23.94 -7.50
C LYS G 83 -38.67 23.42 -8.88
N CYS G 84 -39.66 22.97 -9.62
CA CYS G 84 -39.39 22.30 -10.89
C CYS G 84 -38.76 23.23 -11.92
N VAL G 85 -39.36 24.40 -12.11
CA VAL G 85 -38.82 25.43 -13.00
C VAL G 85 -37.41 25.84 -12.59
N ARG G 86 -37.19 25.96 -11.28
CA ARG G 86 -35.87 26.25 -10.75
C ARG G 86 -34.85 25.19 -11.16
N ASP G 87 -35.24 23.92 -11.01
CA ASP G 87 -34.34 22.82 -11.29
C ASP G 87 -33.91 22.89 -12.74
N ILE G 88 -34.91 23.02 -13.62
CA ILE G 88 -34.64 23.06 -15.04
C ILE G 88 -33.72 24.25 -15.35
N GLY G 89 -33.96 25.38 -14.69
CA GLY G 89 -33.09 26.54 -14.85
C GLY G 89 -31.67 26.20 -14.45
N TYR G 90 -31.52 25.41 -13.39
CA TYR G 90 -30.19 24.91 -13.01
C TYR G 90 -29.51 24.17 -14.18
N TYR G 91 -30.23 23.24 -14.82
CA TYR G 91 -29.64 22.51 -15.95
C TYR G 91 -29.19 23.43 -17.08
N ILE G 92 -30.05 24.36 -17.45
CA ILE G 92 -29.74 25.33 -18.51
C ILE G 92 -28.51 26.17 -18.17
N ARG G 93 -28.43 26.62 -16.93
CA ARG G 93 -27.31 27.44 -16.51
C ARG G 93 -26.00 26.66 -16.56
N MET G 94 -26.05 25.38 -16.17
CA MET G 94 -24.86 24.53 -16.23
C MET G 94 -24.43 24.32 -17.67
N VAL G 95 -25.41 24.19 -18.57
CA VAL G 95 -25.07 24.05 -19.98
C VAL G 95 -24.35 25.31 -20.51
N THR G 96 -24.76 26.49 -20.07
CA THR G 96 -24.06 27.70 -20.48
C THR G 96 -22.63 27.70 -19.95
N TYR G 97 -22.46 27.26 -18.71
CA TYR G 97 -21.13 27.17 -18.12
C TYR G 97 -20.25 26.24 -18.95
N CYS G 98 -20.79 25.09 -19.34
CA CYS G 98 -20.05 24.13 -20.17
C CYS G 98 -19.59 24.75 -21.49
N CYS G 99 -20.47 25.52 -22.11
CA CYS G 99 -20.11 26.20 -23.33
C CYS G 99 -18.99 27.21 -23.05
N VAL G 100 -19.03 27.84 -21.88
CA VAL G 100 -18.02 28.82 -21.53
C VAL G 100 -16.61 28.22 -21.35
N VAL G 101 -16.52 27.04 -20.74
CA VAL G 101 -15.21 26.41 -20.50
C VAL G 101 -14.79 25.40 -21.57
N GLY G 102 -15.71 25.00 -22.44
CA GLY G 102 -15.43 23.97 -23.43
C GLY G 102 -15.35 22.55 -22.86
N GLY G 103 -16.17 22.24 -21.87
CA GLY G 103 -16.23 20.89 -21.34
C GLY G 103 -17.38 20.67 -20.33
N THR G 104 -17.52 19.44 -19.87
CA THR G 104 -18.61 19.07 -18.96
C THR G 104 -18.29 19.43 -17.51
N GLY G 105 -17.11 19.99 -17.28
CA GLY G 105 -16.64 20.31 -15.94
C GLY G 105 -17.63 20.94 -14.97
N PRO G 106 -18.19 22.10 -15.33
CA PRO G 106 -19.08 22.81 -14.41
C PRO G 106 -20.30 21.97 -14.08
N MET G 107 -20.82 21.28 -15.11
CA MET G 107 -22.00 20.46 -14.98
C MET G 107 -21.77 19.24 -14.06
N ASP G 108 -20.58 18.65 -14.17
CA ASP G 108 -20.17 17.58 -13.24
C ASP G 108 -20.02 18.10 -11.80
N ASP G 109 -19.26 19.17 -11.63
CA ASP G 109 -18.92 19.66 -10.29
C ASP G 109 -20.14 20.11 -9.52
N TYR G 110 -21.06 20.79 -10.21
CA TYR G 110 -22.16 21.49 -9.57
C TYR G 110 -23.48 20.72 -9.62
N LEU G 111 -23.64 19.80 -10.58
CA LEU G 111 -24.94 19.15 -10.75
C LEU G 111 -24.93 17.62 -10.87
N VAL G 112 -24.11 17.06 -11.75
CA VAL G 112 -24.14 15.62 -11.98
C VAL G 112 -23.64 14.77 -10.78
N ALA G 113 -22.55 15.18 -10.16
CA ALA G 113 -22.05 14.45 -8.99
C ALA G 113 -23.02 14.60 -7.80
N GLY G 114 -23.70 13.52 -7.45
CA GLY G 114 -24.63 13.54 -6.34
C GLY G 114 -26.08 13.60 -6.80
N ILE G 115 -26.29 13.79 -8.09
CA ILE G 115 -27.65 13.91 -8.61
C ILE G 115 -28.44 12.63 -8.32
N ALA G 116 -27.81 11.47 -8.45
CA ALA G 116 -28.51 10.21 -8.17
C ALA G 116 -29.03 10.17 -6.72
N GLU G 117 -28.22 10.64 -5.77
CA GLU G 117 -28.64 10.69 -4.36
C GLU G 117 -29.81 11.65 -4.14
N ILE G 118 -29.80 12.79 -4.85
CA ILE G 118 -30.87 13.77 -4.73
C ILE G 118 -32.19 13.17 -5.23
N ASN G 119 -32.16 12.58 -6.42
CA ASN G 119 -33.38 12.04 -7.01
C ASN G 119 -33.97 10.87 -6.21
N ARG G 120 -33.09 10.04 -5.66
CA ARG G 120 -33.51 8.96 -4.77
C ARG G 120 -34.21 9.51 -3.53
N THR G 121 -33.50 10.36 -2.78
CA THR G 121 -34.00 10.84 -1.48
C THR G 121 -35.29 11.64 -1.59
N PHE G 122 -35.37 12.52 -2.59
CA PHE G 122 -36.56 13.32 -2.80
C PHE G 122 -37.60 12.70 -3.73
N ASP G 123 -37.33 11.49 -4.23
CA ASP G 123 -38.31 10.76 -5.00
C ASP G 123 -38.69 11.56 -6.27
N LEU G 124 -37.67 12.05 -6.95
CA LEU G 124 -37.83 12.76 -8.21
C LEU G 124 -37.43 11.80 -9.30
N SER G 125 -38.17 11.79 -10.40
CA SER G 125 -37.89 10.86 -11.49
C SER G 125 -36.89 11.45 -12.50
N PRO G 126 -35.80 10.72 -12.78
CA PRO G 126 -34.86 11.15 -13.82
C PRO G 126 -35.56 11.40 -15.16
N SER G 127 -36.62 10.66 -15.45
CA SER G 127 -37.31 10.80 -16.72
C SER G 127 -37.95 12.18 -16.89
N TRP G 128 -38.39 12.77 -15.78
CA TRP G 128 -38.91 14.12 -15.82
C TRP G 128 -37.86 15.06 -16.45
N TYR G 129 -36.62 14.88 -16.03
CA TYR G 129 -35.54 15.78 -16.41
C TYR G 129 -35.01 15.50 -17.81
N VAL G 130 -35.00 14.23 -18.20
CA VAL G 130 -34.69 13.88 -19.58
C VAL G 130 -35.69 14.58 -20.49
N GLU G 131 -36.96 14.62 -20.08
CA GLU G 131 -37.98 15.26 -20.91
C GLU G 131 -37.75 16.77 -20.99
N ALA G 132 -37.42 17.39 -19.86
CA ALA G 132 -37.08 18.81 -19.85
C ALA G 132 -35.91 19.10 -20.75
N LEU G 133 -34.88 18.25 -20.64
CA LEU G 133 -33.65 18.43 -21.40
C LEU G 133 -33.87 18.31 -22.92
N LYS G 134 -34.71 17.36 -23.33
CA LYS G 134 -35.08 17.25 -24.74
C LYS G 134 -35.78 18.52 -25.22
N TYR G 135 -36.63 19.09 -24.37
CA TYR G 135 -37.35 20.31 -24.73
C TYR G 135 -36.34 21.44 -24.96
N VAL G 136 -35.34 21.50 -24.09
CA VAL G 136 -34.34 22.56 -24.17
C VAL G 136 -33.56 22.45 -25.47
N LYS G 137 -33.14 21.23 -25.80
CA LYS G 137 -32.43 20.97 -27.05
C LYS G 137 -33.23 21.35 -28.31
N ALA G 138 -34.52 21.06 -28.31
CA ALA G 138 -35.36 21.32 -29.47
C ALA G 138 -35.80 22.78 -29.61
N ASN G 139 -35.58 23.59 -28.58
CA ASN G 139 -36.14 24.93 -28.56
C ASN G 139 -35.20 26.07 -28.20
N HIS G 140 -33.91 25.79 -28.04
CA HIS G 140 -32.99 26.83 -27.60
C HIS G 140 -32.66 27.83 -28.71
N GLY G 141 -33.03 27.49 -29.94
CA GLY G 141 -32.85 28.37 -31.08
C GLY G 141 -31.43 28.65 -31.52
N LEU G 142 -30.50 27.75 -31.18
CA LEU G 142 -29.11 27.90 -31.60
C LEU G 142 -28.89 27.19 -32.93
N SER G 143 -27.89 27.61 -33.70
CA SER G 143 -27.67 26.98 -34.97
C SER G 143 -26.20 26.57 -35.06
N GLY G 144 -25.87 25.80 -36.08
CA GLY G 144 -24.49 25.44 -36.36
C GLY G 144 -23.70 24.88 -35.21
N ASP G 145 -22.42 25.26 -35.14
CA ASP G 145 -21.53 24.72 -34.13
C ASP G 145 -21.96 25.07 -32.71
N SER G 146 -22.56 26.24 -32.51
CA SER G 146 -23.13 26.59 -31.22
C SER G 146 -24.11 25.51 -30.72
N ALA G 147 -25.07 25.16 -31.57
CA ALA G 147 -26.02 24.11 -31.27
C ALA G 147 -25.36 22.76 -31.07
N VAL G 148 -24.41 22.40 -31.93
CA VAL G 148 -23.77 21.10 -31.79
C VAL G 148 -23.08 20.98 -30.44
N GLU G 149 -22.39 22.04 -30.01
CA GLU G 149 -21.70 22.01 -28.73
C GLU G 149 -22.67 21.97 -27.54
N ALA G 150 -23.67 22.84 -27.55
CA ALA G 150 -24.65 22.89 -26.47
C ALA G 150 -25.42 21.57 -26.40
N ASN G 151 -25.77 21.03 -27.56
CA ASN G 151 -26.47 19.74 -27.57
C ASN G 151 -25.64 18.62 -26.95
N SER G 152 -24.33 18.63 -27.16
CA SER G 152 -23.46 17.61 -26.57
C SER G 152 -23.49 17.65 -25.03
N TYR G 153 -23.51 18.85 -24.45
CA TYR G 153 -23.65 18.99 -23.00
C TYR G 153 -25.05 18.58 -22.54
N ILE G 154 -26.07 18.93 -23.32
CA ILE G 154 -27.42 18.50 -22.97
C ILE G 154 -27.54 16.98 -23.00
N ASP G 155 -27.01 16.36 -24.05
CA ASP G 155 -27.06 14.92 -24.21
C ASP G 155 -26.17 14.22 -23.17
N TYR G 156 -25.11 14.90 -22.73
CA TYR G 156 -24.31 14.40 -21.63
C TYR G 156 -25.16 14.24 -20.36
N ALA G 157 -25.94 15.27 -20.05
CA ALA G 157 -26.81 15.21 -18.88
C ALA G 157 -27.89 14.12 -19.05
N ILE G 158 -28.46 14.03 -20.24
CA ILE G 158 -29.43 12.98 -20.49
C ILE G 158 -28.82 11.59 -20.24
N ASN G 159 -27.65 11.34 -20.83
CA ASN G 159 -26.93 10.09 -20.59
C ASN G 159 -26.72 9.80 -19.10
N ALA G 160 -26.45 10.85 -18.34
CA ALA G 160 -26.18 10.71 -16.91
C ALA G 160 -27.43 10.29 -16.14
N LEU G 161 -28.59 10.61 -16.68
CA LEU G 161 -29.85 10.37 -16.01
C LEU G 161 -30.48 9.04 -16.46
N SER G 162 -29.81 8.35 -17.38
CA SER G 162 -30.41 7.20 -18.05
C SER G 162 -29.44 6.05 -18.32
N MET H 1 -7.66 23.20 -10.19
CA MET H 1 -7.16 24.46 -10.74
C MET H 1 -8.23 25.10 -11.61
N TYR H 2 -8.07 26.39 -11.89
CA TYR H 2 -8.95 27.07 -12.83
C TYR H 2 -8.13 27.55 -14.02
N ASP H 3 -8.74 27.55 -15.20
CA ASP H 3 -8.20 28.40 -16.26
C ASP H 3 -9.05 29.65 -16.20
N ALA H 4 -8.78 30.61 -17.08
CA ALA H 4 -9.48 31.88 -17.04
C ALA H 4 -11.00 31.70 -17.19
N PHE H 5 -11.38 30.78 -18.07
CA PHE H 5 -12.78 30.52 -18.31
C PHE H 5 -13.43 29.92 -17.07
N ALA H 6 -12.77 28.92 -16.49
CA ALA H 6 -13.33 28.24 -15.33
C ALA H 6 -13.44 29.19 -14.13
N LYS H 7 -12.46 30.07 -13.95
CA LYS H 7 -12.50 31.06 -12.86
C LYS H 7 -13.80 31.87 -12.91
N VAL H 8 -14.12 32.43 -14.09
CA VAL H 8 -15.35 33.20 -14.26
C VAL H 8 -16.62 32.40 -13.89
N VAL H 9 -16.67 31.15 -14.35
CA VAL H 9 -17.81 30.28 -14.07
C VAL H 9 -18.00 30.06 -12.57
N SER H 10 -16.91 29.78 -11.87
CA SER H 10 -16.97 29.48 -10.43
C SER H 10 -17.46 30.69 -9.65
N GLN H 11 -17.10 31.89 -10.10
CA GLN H 11 -17.59 33.12 -9.49
C GLN H 11 -19.07 33.35 -9.79
N ALA H 12 -19.52 32.96 -10.98
CA ALA H 12 -20.92 33.10 -11.34
C ALA H 12 -21.82 32.10 -10.59
N ASP H 13 -21.49 30.82 -10.63
CA ASP H 13 -22.26 29.81 -9.92
C ASP H 13 -22.66 30.16 -8.46
N SER H 14 -21.70 30.58 -7.65
CA SER H 14 -21.95 30.87 -6.22
C SER H 14 -22.96 31.98 -6.01
N ARG H 15 -23.21 32.72 -7.08
CA ARG H 15 -24.17 33.81 -7.16
C ARG H 15 -25.39 33.35 -7.95
N GLY H 16 -25.42 32.08 -8.34
CA GLY H 16 -26.50 31.57 -9.19
C GLY H 16 -26.70 32.37 -10.47
N ALA H 17 -25.63 33.01 -10.95
CA ALA H 17 -25.72 33.95 -12.08
C ALA H 17 -25.20 33.39 -13.40
N TYR H 18 -25.82 33.83 -14.48
CA TYR H 18 -25.34 33.55 -15.81
C TYR H 18 -24.15 34.46 -16.04
N ILE H 19 -23.20 34.01 -16.86
CA ILE H 19 -22.07 34.86 -17.20
C ILE H 19 -22.61 36.07 -17.97
N SER H 20 -22.13 37.27 -17.61
CA SER H 20 -22.62 38.49 -18.23
C SER H 20 -22.13 38.65 -19.66
N ALA H 21 -22.86 39.44 -20.45
CA ALA H 21 -22.45 39.74 -21.82
C ALA H 21 -21.11 40.47 -21.81
N SER H 22 -20.81 41.11 -20.68
CA SER H 22 -19.55 41.81 -20.48
C SER H 22 -18.39 40.86 -20.19
N GLN H 23 -18.61 39.89 -19.30
CA GLN H 23 -17.56 38.93 -18.98
C GLN H 23 -17.23 38.10 -20.21
N ILE H 24 -18.24 37.85 -21.04
CA ILE H 24 -18.04 37.12 -22.28
C ILE H 24 -17.13 37.91 -23.23
N ASP H 25 -17.38 39.21 -23.31
CA ASP H 25 -16.50 40.09 -24.08
C ASP H 25 -15.06 39.96 -23.60
N ALA H 26 -14.83 40.04 -22.30
CA ALA H 26 -13.49 39.87 -21.77
C ALA H 26 -12.86 38.56 -22.22
N LEU H 27 -13.53 37.45 -21.95
CA LEU H 27 -13.02 36.15 -22.36
C LEU H 27 -12.75 36.14 -23.86
N SER H 28 -13.65 36.75 -24.64
CA SER H 28 -13.48 36.88 -26.07
C SER H 28 -12.15 37.55 -26.43
N ALA H 29 -11.80 38.58 -25.66
CA ALA H 29 -10.55 39.30 -25.85
C ALA H 29 -9.34 38.40 -25.57
N MET H 30 -9.44 37.53 -24.57
CA MET H 30 -8.34 36.62 -24.28
C MET H 30 -8.15 35.63 -25.41
N VAL H 31 -9.25 35.06 -25.89
CA VAL H 31 -9.20 34.13 -27.01
C VAL H 31 -8.49 34.81 -28.20
N ALA H 32 -8.83 36.08 -28.43
CA ALA H 32 -8.27 36.86 -29.52
C ALA H 32 -6.74 36.92 -29.48
N ASP H 33 -6.18 36.98 -28.29
CA ASP H 33 -4.72 37.04 -28.13
C ASP H 33 -4.10 35.67 -27.89
N GLY H 34 -4.89 34.63 -28.10
CA GLY H 34 -4.51 33.27 -27.78
C GLY H 34 -3.24 32.79 -28.46
N SER H 35 -3.08 33.10 -29.74
CA SER H 35 -1.88 32.65 -30.42
C SER H 35 -0.64 33.34 -29.87
N LYS H 36 -0.77 34.59 -29.43
CA LYS H 36 0.37 35.30 -28.85
C LYS H 36 0.73 34.60 -27.55
N ARG H 37 -0.29 34.23 -26.79
CA ARG H 37 -0.09 33.53 -25.53
C ARG H 37 0.70 32.24 -25.74
N LEU H 38 0.35 31.48 -26.78
CA LEU H 38 0.99 30.20 -27.03
C LEU H 38 2.42 30.33 -27.54
N ASP H 39 2.71 31.44 -28.24
CA ASP H 39 4.07 31.69 -28.67
C ASP H 39 4.92 31.89 -27.44
N ALA H 40 4.41 32.67 -26.49
CA ALA H 40 5.15 32.99 -25.28
C ALA H 40 5.45 31.72 -24.48
N VAL H 41 4.44 30.87 -24.36
CA VAL H 41 4.62 29.58 -23.69
C VAL H 41 5.64 28.73 -24.42
N ASN H 42 5.47 28.56 -25.73
CA ASN H 42 6.44 27.77 -26.50
C ASN H 42 7.85 28.34 -26.35
N ARG H 43 7.97 29.67 -26.46
CA ARG H 43 9.30 30.29 -26.44
C ARG H 43 9.99 30.15 -25.10
N ILE H 44 9.26 30.38 -24.02
CA ILE H 44 9.85 30.22 -22.70
C ILE H 44 10.19 28.75 -22.45
N THR H 45 9.22 27.86 -22.70
CA THR H 45 9.44 26.42 -22.51
C THR H 45 10.64 25.95 -23.32
N SER H 46 10.74 26.42 -24.55
CA SER H 46 11.81 25.98 -25.45
C SER H 46 13.20 26.42 -24.98
N ASN H 47 13.26 27.27 -23.97
CA ASN H 47 14.55 27.71 -23.44
C ASN H 47 14.66 27.44 -21.95
N SER H 48 13.91 26.46 -21.48
CA SER H 48 13.78 26.24 -20.04
C SER H 48 15.10 25.88 -19.37
N SER H 49 15.87 24.99 -19.97
CA SER H 49 17.14 24.57 -19.36
C SER H 49 18.13 25.72 -19.29
N ALA H 50 18.21 26.52 -20.34
CA ALA H 50 19.15 27.66 -20.34
C ALA H 50 18.71 28.72 -19.34
N ILE H 51 17.41 29.03 -19.30
CA ILE H 51 16.86 30.00 -18.36
C ILE H 51 17.24 29.64 -16.92
N VAL H 52 17.05 28.38 -16.56
CA VAL H 52 17.42 27.91 -15.24
C VAL H 52 18.93 27.95 -15.02
N ALA H 53 19.69 27.42 -15.98
CA ALA H 53 21.16 27.41 -15.82
C ALA H 53 21.75 28.81 -15.67
N ASN H 54 21.34 29.73 -16.54
CA ASN H 54 21.91 31.06 -16.54
C ASN H 54 21.50 31.86 -15.30
N ALA H 55 20.23 31.76 -14.92
CA ALA H 55 19.77 32.42 -13.70
C ALA H 55 20.53 31.87 -12.48
N ALA H 56 20.64 30.54 -12.39
CA ALA H 56 21.39 29.93 -11.31
C ALA H 56 22.84 30.44 -11.27
N ARG H 57 23.50 30.44 -12.43
CA ARG H 57 24.87 30.95 -12.50
C ARG H 57 24.95 32.39 -11.98
N ALA H 58 24.00 33.24 -12.37
CA ALA H 58 24.02 34.65 -11.99
C ALA H 58 23.79 34.80 -10.48
N LEU H 59 22.85 34.02 -9.95
CA LEU H 59 22.56 34.03 -8.51
C LEU H 59 23.82 33.73 -7.71
N PHE H 60 24.50 32.63 -8.04
CA PHE H 60 25.67 32.19 -7.29
C PHE H 60 26.86 33.13 -7.48
N ALA H 61 26.91 33.78 -8.63
CA ALA H 61 27.92 34.81 -8.86
C ALA H 61 27.69 35.98 -7.91
N GLU H 62 26.42 36.33 -7.69
CA GLU H 62 26.07 37.48 -6.85
C GLU H 62 26.07 37.17 -5.36
N GLN H 63 25.91 35.89 -5.03
CA GLN H 63 25.87 35.46 -3.64
C GLN H 63 26.72 34.22 -3.44
N PRO H 64 28.05 34.40 -3.47
CA PRO H 64 29.00 33.28 -3.33
C PRO H 64 28.81 32.51 -2.03
N ALA H 65 28.25 33.16 -1.02
CA ALA H 65 28.04 32.51 0.27
C ALA H 65 27.16 31.28 0.12
N LEU H 66 26.26 31.30 -0.85
CA LEU H 66 25.39 30.16 -1.12
C LEU H 66 26.15 28.88 -1.43
N ILE H 67 27.27 28.99 -2.13
CA ILE H 67 27.99 27.80 -2.58
C ILE H 67 29.30 27.55 -1.81
N ALA H 68 29.67 28.46 -0.92
CA ALA H 68 30.80 28.21 -0.02
C ALA H 68 30.45 27.04 0.89
N PRO H 69 31.45 26.24 1.30
CA PRO H 69 31.17 25.13 2.22
C PRO H 69 30.29 25.56 3.39
N GLY H 70 29.23 24.81 3.64
CA GLY H 70 28.31 25.13 4.71
C GLY H 70 27.13 25.95 4.22
N GLY H 71 27.26 26.48 3.00
CA GLY H 71 26.18 27.23 2.38
C GLY H 71 25.03 26.33 1.99
N MEN H 72 23.83 26.92 1.89
CA MEN H 72 22.63 26.15 1.61
C MEN H 72 22.70 25.46 0.28
O MEN H 72 22.00 24.45 0.09
CB MEN H 72 21.41 27.06 1.67
CG MEN H 72 20.17 26.23 1.93
OD1 MEN H 72 19.27 26.21 1.10
ND2 MEN H 72 20.13 25.55 3.07
CE2 MEN H 72 19.37 24.32 3.18
N ALA H 73 23.50 25.98 -0.65
CA ALA H 73 23.60 25.39 -1.98
C ALA H 73 24.86 24.54 -2.15
N TYR H 74 25.63 24.42 -1.07
CA TYR H 74 26.84 23.61 -1.07
C TYR H 74 26.50 22.11 -0.99
N THR H 75 27.34 21.29 -1.62
CA THR H 75 27.10 19.86 -1.77
C THR H 75 26.20 19.59 -2.97
N SER H 76 26.48 18.52 -3.69
CA SER H 76 25.75 18.18 -4.90
C SER H 76 24.26 18.00 -4.66
N ARG H 77 23.90 17.35 -3.57
CA ARG H 77 22.50 17.13 -3.24
C ARG H 77 21.73 18.44 -3.12
N ARG H 78 22.30 19.39 -2.38
CA ARG H 78 21.65 20.68 -2.16
C ARG H 78 21.69 21.55 -3.42
N MET H 79 22.83 21.58 -4.10
CA MET H 79 22.88 22.24 -5.40
C MET H 79 21.80 21.66 -6.33
N ALA H 80 21.71 20.34 -6.44
CA ALA H 80 20.70 19.70 -7.29
C ALA H 80 19.27 20.06 -6.87
N ALA H 81 19.01 20.12 -5.57
CA ALA H 81 17.68 20.49 -5.07
C ALA H 81 17.36 21.93 -5.47
N CYS H 82 18.36 22.81 -5.33
CA CYS H 82 18.19 24.22 -5.69
C CYS H 82 17.84 24.36 -7.19
N LEU H 83 18.61 23.70 -8.05
CA LEU H 83 18.36 23.78 -9.49
C LEU H 83 16.98 23.25 -9.81
N ARG H 84 16.62 22.16 -9.13
CA ARG H 84 15.31 21.56 -9.30
C ARG H 84 14.21 22.56 -8.97
N ASP H 85 14.34 23.25 -7.84
CA ASP H 85 13.34 24.24 -7.43
C ASP H 85 13.15 25.33 -8.47
N MET H 86 14.28 25.80 -9.03
CA MET H 86 14.26 26.79 -10.10
C MET H 86 13.42 26.27 -11.27
N GLU H 87 13.70 25.04 -11.69
CA GLU H 87 12.98 24.40 -12.78
C GLU H 87 11.49 24.23 -12.44
N ILE H 88 11.20 23.76 -11.24
CA ILE H 88 9.82 23.63 -10.80
C ILE H 88 9.04 24.97 -10.90
N VAL H 89 9.59 26.05 -10.35
CA VAL H 89 8.89 27.34 -10.40
C VAL H 89 8.65 27.81 -11.83
N LEU H 90 9.70 27.74 -12.65
CA LEU H 90 9.55 28.10 -14.06
C LEU H 90 8.43 27.28 -14.69
N ARG H 91 8.42 25.97 -14.41
CA ARG H 91 7.40 25.08 -14.97
C ARG H 91 5.96 25.50 -14.59
N TYR H 92 5.75 25.72 -13.31
CA TYR H 92 4.43 26.16 -12.84
C TYR H 92 4.05 27.54 -13.36
N VAL H 93 5.03 28.44 -13.50
CA VAL H 93 4.74 29.73 -14.11
C VAL H 93 4.24 29.55 -15.55
N THR H 94 4.92 28.71 -16.34
CA THR H 94 4.43 28.48 -17.70
C THR H 94 3.03 27.91 -17.70
N TYR H 95 2.72 27.07 -16.70
CA TYR H 95 1.35 26.57 -16.57
C TYR H 95 0.34 27.71 -16.41
N ALA H 96 0.67 28.67 -15.55
CA ALA H 96 -0.20 29.81 -15.30
C ALA H 96 -0.40 30.67 -16.55
N ILE H 97 0.70 30.90 -17.27
CA ILE H 97 0.65 31.64 -18.53
C ILE H 97 -0.28 30.96 -19.51
N TYR H 98 -0.14 29.64 -19.64
CA TYR H 98 -0.95 28.86 -20.58
C TYR H 98 -2.44 28.86 -20.24
N SER H 99 -2.76 28.72 -18.96
CA SER H 99 -4.17 28.66 -18.56
C SER H 99 -4.78 30.05 -18.31
N GLY H 100 -3.93 31.07 -18.26
CA GLY H 100 -4.38 32.43 -18.01
C GLY H 100 -4.91 32.63 -16.60
N ASP H 101 -4.37 31.87 -15.66
CA ASP H 101 -4.80 31.95 -14.27
C ASP H 101 -3.69 31.43 -13.34
N ALA H 102 -3.53 32.07 -12.18
CA ALA H 102 -2.43 31.76 -11.26
C ALA H 102 -2.73 30.59 -10.32
N SER H 103 -3.96 30.06 -10.38
CA SER H 103 -4.37 29.06 -9.39
C SER H 103 -3.46 27.83 -9.37
N ILE H 104 -3.06 27.35 -10.54
CA ILE H 104 -2.18 26.18 -10.60
C ILE H 104 -0.85 26.48 -9.91
N LEU H 105 -0.36 27.69 -10.11
CA LEU H 105 0.90 28.15 -9.52
C LEU H 105 0.77 28.28 -7.99
N GLU H 106 -0.33 28.87 -7.54
CA GLU H 106 -0.59 29.01 -6.10
C GLU H 106 -0.79 27.67 -5.40
N ASP H 107 -1.64 26.82 -5.96
CA ASP H 107 -2.09 25.60 -5.28
C ASP H 107 -1.01 24.51 -5.22
N ARG H 108 -0.28 24.32 -6.31
CA ARG H 108 0.62 23.18 -6.37
C ARG H 108 2.10 23.53 -6.27
N CYS H 109 2.42 24.82 -6.20
CA CYS H 109 3.82 25.24 -6.13
C CYS H 109 4.11 26.15 -4.96
N LEU H 110 3.39 27.27 -4.89
CA LEU H 110 3.71 28.31 -3.93
C LEU H 110 3.14 28.06 -2.52
N ASN H 111 1.95 27.46 -2.44
CA ASN H 111 1.33 27.25 -1.14
C ASN H 111 2.22 26.44 -0.21
N GLY H 112 2.57 27.05 0.92
CA GLY H 112 3.39 26.38 1.92
C GLY H 112 4.89 26.44 1.67
N LEU H 113 5.30 27.00 0.52
CA LEU H 113 6.70 26.97 0.13
C LEU H 113 7.59 27.82 1.04
N LYS H 114 7.10 29.01 1.42
CA LYS H 114 7.83 29.87 2.33
C LYS H 114 8.16 29.13 3.62
N GLU H 115 7.17 28.42 4.15
CA GLU H 115 7.29 27.66 5.40
C GLU H 115 8.29 26.52 5.23
N THR H 116 8.26 25.88 4.09
CA THR H 116 9.19 24.81 3.78
C THR H 116 10.63 25.31 3.83
N TYR H 117 10.89 26.43 3.14
CA TYR H 117 12.22 27.02 3.15
C TYR H 117 12.63 27.47 4.57
N LEU H 118 11.66 27.92 5.36
CA LEU H 118 11.96 28.31 6.74
C LEU H 118 12.39 27.12 7.58
N ALA H 119 11.67 26.02 7.45
CA ALA H 119 12.02 24.79 8.15
C ALA H 119 13.43 24.33 7.78
N LEU H 120 13.78 24.50 6.50
CA LEU H 120 15.04 23.99 5.97
C LEU H 120 16.20 24.91 6.27
N GLY H 121 15.91 26.18 6.48
CA GLY H 121 16.97 27.17 6.57
C GLY H 121 17.40 27.65 5.19
N THR H 122 16.57 27.39 4.18
CA THR H 122 16.83 27.87 2.83
C THR H 122 16.44 29.34 2.72
N PRO H 123 17.36 30.19 2.25
CA PRO H 123 17.12 31.64 2.22
C PRO H 123 16.15 32.05 1.11
N GLY H 124 14.90 32.32 1.48
CA GLY H 124 13.86 32.67 0.53
C GLY H 124 14.17 33.89 -0.33
N SER H 125 14.82 34.88 0.27
CA SER H 125 15.18 36.10 -0.49
C SER H 125 16.15 35.78 -1.62
N SER H 126 17.01 34.79 -1.41
CA SER H 126 17.90 34.32 -2.49
C SER H 126 17.07 33.64 -3.58
N VAL H 127 16.07 32.86 -3.17
CA VAL H 127 15.19 32.23 -4.17
C VAL H 127 14.48 33.31 -4.99
N ALA H 128 14.01 34.35 -4.31
CA ALA H 128 13.35 35.47 -4.99
C ALA H 128 14.25 36.07 -6.07
N VAL H 129 15.54 36.19 -5.77
CA VAL H 129 16.50 36.73 -6.72
C VAL H 129 16.65 35.82 -7.95
N GLY H 130 16.78 34.51 -7.72
CA GLY H 130 16.85 33.56 -8.82
C GLY H 130 15.60 33.62 -9.70
N ILE H 131 14.44 33.69 -9.06
CA ILE H 131 13.15 33.78 -9.75
C ILE H 131 13.03 35.04 -10.62
N GLY H 132 13.59 36.16 -10.14
CA GLY H 132 13.60 37.40 -10.91
C GLY H 132 14.53 37.36 -12.12
N LYS H 133 15.66 36.67 -11.97
CA LYS H 133 16.54 36.46 -13.11
C LYS H 133 15.81 35.62 -14.17
N MET H 134 15.14 34.55 -13.75
CA MET H 134 14.39 33.73 -14.70
C MET H 134 13.33 34.57 -15.42
N LYS H 135 12.67 35.43 -14.66
CA LYS H 135 11.66 36.33 -15.20
C LYS H 135 12.23 37.20 -16.33
N ASP H 136 13.35 37.85 -16.05
CA ASP H 136 13.97 38.74 -17.02
C ASP H 136 14.28 37.95 -18.29
N ALA H 137 14.87 36.78 -18.14
CA ALA H 137 15.25 35.98 -19.29
C ALA H 137 14.02 35.46 -20.06
N ALA H 138 12.97 35.09 -19.33
CA ALA H 138 11.76 34.56 -19.96
C ALA H 138 11.03 35.59 -20.82
N ILE H 139 10.90 36.81 -20.29
CA ILE H 139 10.20 37.86 -20.99
C ILE H 139 11.01 38.30 -22.21
N ALA H 140 12.33 38.30 -22.08
CA ALA H 140 13.17 38.70 -23.21
C ALA H 140 13.00 37.73 -24.39
N ILE H 141 13.00 36.43 -24.09
CA ILE H 141 12.79 35.39 -25.11
C ILE H 141 11.36 35.39 -25.67
N ALA H 142 10.38 35.56 -24.79
CA ALA H 142 9.00 35.54 -25.23
C ALA H 142 8.67 36.76 -26.09
N ASN H 143 9.35 37.87 -25.83
CA ASN H 143 9.05 39.15 -26.49
C ASN H 143 10.02 39.53 -27.62
N ASP H 144 10.87 38.59 -28.01
CA ASP H 144 11.80 38.80 -29.11
C ASP H 144 11.03 39.03 -30.42
N PRO H 145 11.27 40.18 -31.10
CA PRO H 145 10.51 40.44 -32.32
C PRO H 145 10.95 39.56 -33.51
N ASN H 146 12.12 38.94 -33.40
CA ASN H 146 12.58 38.12 -34.51
C ASN H 146 11.80 36.81 -34.69
N GLY H 147 11.43 36.51 -35.94
CA GLY H 147 10.90 35.21 -36.29
C GLY H 147 9.46 34.95 -35.86
N VAL H 148 8.69 36.02 -35.68
CA VAL H 148 7.29 35.92 -35.33
C VAL H 148 6.55 37.02 -36.07
N THR H 149 5.27 36.81 -36.35
CA THR H 149 4.47 37.85 -36.97
C THR H 149 4.46 39.03 -36.01
N ARG H 150 4.74 40.22 -36.53
CA ARG H 150 4.89 41.38 -35.67
C ARG H 150 3.56 41.83 -35.07
N GLY H 151 3.55 42.11 -33.77
CA GLY H 151 2.38 42.61 -33.10
C GLY H 151 2.73 43.04 -31.69
N ASP H 152 1.74 43.52 -30.95
CA ASP H 152 1.96 44.01 -29.59
C ASP H 152 1.60 42.98 -28.52
N CYS H 153 2.58 42.56 -27.73
CA CYS H 153 2.35 41.60 -26.64
C CYS H 153 2.62 42.19 -25.26
N SER H 154 2.53 43.51 -25.15
CA SER H 154 2.91 44.21 -23.92
C SER H 154 2.03 43.75 -22.76
N ALA H 155 0.72 43.72 -22.97
CA ALA H 155 -0.19 43.29 -21.93
C ALA H 155 0.16 41.85 -21.49
N LEU H 156 0.52 41.01 -22.45
CA LEU H 156 0.86 39.63 -22.14
C LEU H 156 2.12 39.53 -21.28
N MET H 157 3.12 40.35 -21.58
CA MET H 157 4.37 40.30 -20.82
C MET H 157 4.15 40.78 -19.41
N SER H 158 3.21 41.71 -19.24
CA SER H 158 2.88 42.19 -17.90
C SER H 158 2.22 41.07 -17.09
N GLU H 159 1.26 40.38 -17.70
CA GLU H 159 0.63 39.21 -17.08
C GLU H 159 1.69 38.16 -16.74
N ILE H 160 2.55 37.84 -17.70
CA ILE H 160 3.65 36.91 -17.47
C ILE H 160 4.52 37.38 -16.30
N GLY H 161 4.85 38.67 -16.30
CA GLY H 161 5.64 39.23 -15.22
C GLY H 161 4.94 39.09 -13.88
N SER H 162 3.63 39.19 -13.87
CA SER H 162 2.88 39.09 -12.60
C SER H 162 2.97 37.68 -11.99
N TYR H 163 3.09 36.64 -12.82
CA TYR H 163 3.17 35.28 -12.31
C TYR H 163 4.55 35.01 -11.70
N PHE H 164 5.59 35.50 -12.36
CA PHE H 164 6.92 35.43 -11.78
C PHE H 164 7.00 36.23 -10.49
N ASP H 165 6.36 37.39 -10.46
CA ASP H 165 6.43 38.24 -9.26
C ASP H 165 5.64 37.61 -8.11
N LYS H 166 4.52 36.98 -8.43
CA LYS H 166 3.75 36.27 -7.41
C LYS H 166 4.61 35.16 -6.80
N ALA H 167 5.37 34.47 -7.63
CA ALA H 167 6.24 33.41 -7.15
C ALA H 167 7.34 33.96 -6.25
N ALA H 168 8.00 35.02 -6.70
CA ALA H 168 9.09 35.63 -5.93
C ALA H 168 8.60 36.19 -4.58
N ALA H 169 7.43 36.79 -4.57
CA ALA H 169 6.87 37.34 -3.33
C ALA H 169 6.50 36.25 -2.32
N ALA H 170 6.17 35.07 -2.82
CA ALA H 170 5.76 33.96 -1.95
C ALA H 170 6.91 33.41 -1.12
N VAL H 171 8.13 33.44 -1.66
CA VAL H 171 9.29 32.89 -0.93
C VAL H 171 10.15 33.95 -0.24
N ALA H 172 10.02 35.21 -0.67
CA ALA H 172 10.82 36.29 -0.12
C ALA H 172 10.66 36.45 1.39
N MET I 1 -13.83 -2.33 24.04
CA MET I 1 -13.51 -3.75 24.15
C MET I 1 -14.56 -4.61 23.47
N LYS I 2 -14.20 -5.85 23.15
CA LYS I 2 -15.08 -6.74 22.42
C LYS I 2 -16.13 -7.36 23.33
N THR I 3 -17.37 -7.28 22.89
CA THR I 3 -18.49 -7.99 23.50
C THR I 3 -19.37 -8.40 22.30
N PRO I 4 -20.35 -9.29 22.51
CA PRO I 4 -21.24 -9.61 21.38
C PRO I 4 -21.90 -8.35 20.80
N LEU I 5 -22.25 -7.40 21.66
CA LEU I 5 -22.89 -6.17 21.20
C LEU I 5 -21.94 -5.25 20.43
N THR I 6 -20.72 -5.06 20.93
CA THR I 6 -19.79 -4.12 20.27
C THR I 6 -19.26 -4.74 18.96
N GLU I 7 -19.13 -6.06 18.97
CA GLU I 7 -18.74 -6.80 17.77
C GLU I 7 -19.79 -6.63 16.67
N ALA I 8 -21.06 -6.80 17.06
CA ALA I 8 -22.16 -6.64 16.12
C ALA I 8 -22.12 -5.23 15.51
N VAL I 9 -21.94 -4.22 16.36
CA VAL I 9 -21.81 -2.83 15.91
C VAL I 9 -20.61 -2.59 14.98
N SER I 10 -19.44 -3.12 15.36
CA SER I 10 -18.21 -2.93 14.59
C SER I 10 -18.35 -3.53 13.20
N ALA I 11 -18.98 -4.70 13.13
CA ALA I 11 -19.21 -5.35 11.85
C ALA I 11 -20.08 -4.47 10.95
N ALA I 12 -21.20 -3.98 11.50
CA ALA I 12 -22.10 -3.10 10.75
C ALA I 12 -21.39 -1.81 10.36
N ASP I 13 -20.64 -1.23 11.30
CA ASP I 13 -19.96 0.02 11.05
C ASP I 13 -18.94 -0.12 9.92
N SER I 14 -18.20 -1.22 9.91
CA SER I 14 -17.15 -1.41 8.91
C SER I 14 -17.74 -1.50 7.50
N GLN I 15 -19.00 -1.89 7.41
CA GLN I 15 -19.69 -1.98 6.13
C GLN I 15 -20.53 -0.74 5.86
N GLY I 16 -20.54 0.20 6.80
CA GLY I 16 -21.34 1.41 6.65
C GLY I 16 -22.85 1.16 6.71
N ARG I 17 -23.25 0.12 7.42
CA ARG I 17 -24.64 -0.36 7.43
C ARG I 17 -25.40 -0.05 8.72
N PHE I 18 -26.68 0.29 8.58
CA PHE I 18 -27.56 0.29 9.73
C PHE I 18 -27.64 -1.13 10.27
N LEU I 19 -28.05 -1.26 11.53
CA LEU I 19 -28.28 -2.55 12.14
C LEU I 19 -29.51 -3.20 11.49
N SER I 20 -29.56 -4.52 11.52
CA SER I 20 -30.69 -5.27 10.96
C SER I 20 -31.10 -6.38 11.93
N THR I 21 -31.95 -7.30 11.48
N THR I 21 -31.95 -7.28 11.45
CA THR I 21 -32.36 -8.36 12.38
CA THR I 21 -32.38 -8.41 12.26
C THR I 21 -31.19 -9.31 12.69
C THR I 21 -31.19 -9.25 12.70
N THR I 22 -30.12 -9.24 11.91
CA THR I 22 -28.93 -10.02 12.22
C THR I 22 -28.38 -9.62 13.59
N GLU I 23 -28.24 -8.32 13.81
CA GLU I 23 -27.71 -7.84 15.08
C GLU I 23 -28.77 -7.91 16.20
N THR I 24 -30.04 -7.91 15.81
CA THR I 24 -31.11 -8.14 16.78
C THR I 24 -30.95 -9.54 17.38
N GLN I 25 -30.66 -10.53 16.54
CA GLN I 25 -30.44 -11.89 17.03
C GLN I 25 -29.24 -11.96 17.97
N VAL I 26 -28.16 -11.27 17.62
CA VAL I 26 -27.01 -11.21 18.51
C VAL I 26 -27.42 -10.72 19.90
N ALA I 27 -28.20 -9.65 19.93
CA ALA I 27 -28.62 -9.06 21.19
C ALA I 27 -29.55 -10.00 21.97
N PHE I 28 -30.48 -10.65 21.27
CA PHE I 28 -31.38 -11.57 21.97
C PHE I 28 -30.58 -12.75 22.54
N GLY I 29 -29.54 -13.17 21.83
CA GLY I 29 -28.68 -14.23 22.35
C GLY I 29 -27.90 -13.74 23.57
N ARG I 30 -27.49 -12.47 23.51
CA ARG I 30 -26.73 -11.87 24.60
C ARG I 30 -27.62 -11.77 25.82
N PHE I 31 -28.83 -11.24 25.61
CA PHE I 31 -29.79 -11.04 26.71
C PHE I 31 -30.24 -12.35 27.33
N ARG I 32 -30.26 -13.41 26.52
CA ARG I 32 -30.54 -14.74 27.03
C ARG I 32 -29.43 -15.24 27.97
N GLN I 33 -28.18 -14.96 27.62
CA GLN I 33 -27.04 -15.41 28.41
C GLN I 33 -26.79 -14.58 29.67
N ALA I 34 -27.13 -13.30 29.61
CA ALA I 34 -26.79 -12.33 30.64
C ALA I 34 -27.24 -12.75 32.04
N THR I 35 -28.45 -13.28 32.16
CA THR I 35 -28.97 -13.59 33.47
C THR I 35 -28.07 -14.62 34.15
N SER I 36 -27.77 -15.71 33.47
CA SER I 36 -26.91 -16.73 34.08
C SER I 36 -25.46 -16.24 34.15
N GLY I 37 -25.07 -15.40 33.18
CA GLY I 37 -23.75 -14.80 33.22
C GLY I 37 -23.56 -13.90 34.44
N LEU I 38 -24.50 -12.99 34.67
CA LEU I 38 -24.43 -12.11 35.82
C LEU I 38 -24.50 -12.90 37.14
N ALA I 39 -25.26 -13.99 37.14
CA ALA I 39 -25.33 -14.88 38.31
C ALA I 39 -23.98 -15.52 38.57
N ALA I 40 -23.28 -15.91 37.51
CA ALA I 40 -21.97 -16.49 37.69
C ALA I 40 -21.00 -15.47 38.27
N ALA I 41 -21.03 -14.23 37.77
CA ALA I 41 -20.13 -13.18 38.26
C ALA I 41 -20.36 -12.88 39.74
N LYS I 42 -21.62 -12.89 40.14
CA LYS I 42 -22.02 -12.64 41.51
C LYS I 42 -21.46 -13.72 42.44
N ALA I 43 -21.70 -14.98 42.08
CA ALA I 43 -21.30 -16.09 42.93
C ALA I 43 -19.79 -16.23 43.01
N LEU I 44 -19.12 -16.07 41.86
CA LEU I 44 -17.66 -16.14 41.86
C LEU I 44 -17.06 -15.07 42.76
N SER I 45 -17.58 -13.85 42.66
CA SER I 45 -17.05 -12.75 43.47
C SER I 45 -17.21 -13.04 44.97
N GLU I 46 -18.27 -13.74 45.34
CA GLU I 46 -18.48 -14.10 46.74
C GLU I 46 -17.49 -15.19 47.21
N LYS I 47 -17.14 -16.10 46.30
CA LYS I 47 -16.18 -17.17 46.59
C LYS I 47 -14.72 -16.81 46.26
N ALA I 48 -14.50 -15.62 45.71
CA ALA I 48 -13.18 -15.23 45.17
C ALA I 48 -12.00 -15.46 46.13
N GLU I 49 -12.04 -14.80 47.29
CA GLU I 49 -11.01 -14.99 48.31
C GLU I 49 -10.71 -16.44 48.60
N SER I 50 -11.75 -17.22 48.85
CA SER I 50 -11.60 -18.62 49.20
C SER I 50 -11.07 -19.43 48.04
N LEU I 51 -11.60 -19.19 46.85
CA LEU I 51 -11.13 -19.86 45.66
C LEU I 51 -9.66 -19.56 45.39
N ALA I 52 -9.24 -18.32 45.54
CA ALA I 52 -7.86 -17.94 45.21
C ALA I 52 -6.86 -18.62 46.15
N SER I 53 -7.13 -18.59 47.44
CA SER I 53 -6.22 -19.24 48.41
C SER I 53 -6.29 -20.76 48.28
N GLY I 54 -7.49 -21.30 48.11
CA GLY I 54 -7.63 -22.73 47.87
C GLY I 54 -6.93 -23.21 46.60
N ALA I 55 -6.95 -22.39 45.55
CA ALA I 55 -6.30 -22.74 44.30
C ALA I 55 -4.77 -22.67 44.46
N ALA I 56 -4.32 -21.68 45.21
CA ALA I 56 -2.89 -21.51 45.43
C ALA I 56 -2.34 -22.77 46.11
N ASN I 57 -3.06 -23.23 47.14
CA ASN I 57 -2.62 -24.41 47.87
C ASN I 57 -2.65 -25.65 46.96
N ALA I 58 -3.63 -25.71 46.05
CA ALA I 58 -3.66 -26.80 45.07
C ALA I 58 -2.42 -26.79 44.16
N VAL I 59 -1.94 -25.60 43.81
CA VAL I 59 -0.72 -25.53 43.00
C VAL I 59 0.47 -26.01 43.81
N TYR I 60 0.59 -25.53 45.05
CA TYR I 60 1.70 -25.92 45.90
C TYR I 60 1.73 -27.43 46.05
N SER I 61 0.55 -28.03 46.17
CA SER I 61 0.45 -29.47 46.32
C SER I 61 0.94 -30.21 45.09
N LYS I 62 0.57 -29.72 43.91
CA LYS I 62 0.94 -30.41 42.66
C LYS I 62 2.41 -30.17 42.29
N PHE I 63 2.89 -28.96 42.59
CA PHE I 63 4.25 -28.56 42.29
C PHE I 63 4.92 -28.16 43.60
N PRO I 64 5.20 -29.15 44.48
CA PRO I 64 5.66 -28.84 45.83
C PRO I 64 6.98 -28.07 45.87
N TYR I 65 7.78 -28.19 44.81
CA TYR I 65 9.03 -27.44 44.73
C TYR I 65 8.82 -25.91 44.72
N THR I 66 7.65 -25.45 44.29
CA THR I 66 7.41 -24.01 44.28
C THR I 66 7.35 -23.39 45.69
N THR I 67 7.26 -24.20 46.73
CA THR I 67 7.28 -23.62 48.08
C THR I 67 8.60 -23.89 48.84
N SER I 68 9.59 -24.47 48.18
CA SER I 68 10.87 -24.71 48.84
C SER I 68 12.06 -24.15 48.08
N MET I 69 11.98 -24.12 46.75
CA MET I 69 13.12 -23.64 45.98
C MET I 69 13.30 -22.14 46.13
N THR I 70 14.55 -21.73 46.35
CA THR I 70 14.92 -20.33 46.50
C THR I 70 14.82 -19.56 45.18
N GLY I 71 14.18 -18.40 45.22
CA GLY I 71 14.06 -17.57 44.05
C GLY I 71 12.84 -16.69 44.14
N ALA I 72 12.95 -15.48 43.57
CA ALA I 72 11.84 -14.53 43.64
C ALA I 72 10.67 -15.03 42.80
N ASN I 73 10.95 -15.92 41.85
CA ASN I 73 9.88 -16.49 41.02
C ASN I 73 9.06 -17.55 41.74
N TYR I 74 9.50 -17.95 42.93
CA TYR I 74 8.87 -19.06 43.66
C TYR I 74 8.04 -18.60 44.87
N ALA I 75 7.13 -19.45 45.34
CA ALA I 75 6.35 -19.15 46.55
C ALA I 75 6.98 -19.79 47.79
N SER I 76 8.31 -19.75 47.86
CA SER I 76 9.05 -20.25 49.00
C SER I 76 9.21 -19.14 50.06
N SER I 77 8.80 -17.93 49.72
CA SER I 77 8.77 -16.86 50.71
C SER I 77 7.33 -16.43 50.87
N GLN I 78 7.06 -15.63 51.90
CA GLN I 78 5.71 -15.11 52.10
C GLN I 78 5.36 -14.13 50.99
N THR I 79 6.36 -13.36 50.54
CA THR I 79 6.16 -12.43 49.42
C THR I 79 5.70 -13.21 48.18
N GLY I 80 6.36 -14.33 47.92
CA GLY I 80 6.05 -15.14 46.75
C GLY I 80 4.66 -15.75 46.87
N LYS I 81 4.33 -16.27 48.05
CA LYS I 81 3.01 -16.83 48.28
C LYS I 81 1.92 -15.79 48.00
N ASP I 82 2.15 -14.57 48.47
CA ASP I 82 1.20 -13.49 48.30
C ASP I 82 1.05 -13.05 46.85
N LYS I 83 2.16 -12.98 46.12
CA LYS I 83 2.12 -12.73 44.68
C LYS I 83 1.24 -13.76 43.99
N CYS I 84 1.45 -15.02 44.36
CA CYS I 84 0.76 -16.13 43.72
C CYS I 84 -0.75 -16.05 43.92
N VAL I 85 -1.16 -15.83 45.17
CA VAL I 85 -2.58 -15.69 45.48
C VAL I 85 -3.18 -14.49 44.77
N ARG I 86 -2.42 -13.39 44.73
CA ARG I 86 -2.84 -12.21 43.97
C ARG I 86 -3.09 -12.57 42.49
N ASP I 87 -2.14 -13.26 41.87
CA ASP I 87 -2.26 -13.61 40.45
C ASP I 87 -3.51 -14.47 40.21
N ILE I 88 -3.71 -15.48 41.06
CA ILE I 88 -4.86 -16.34 40.88
C ILE I 88 -6.15 -15.54 41.03
N GLY I 89 -6.15 -14.57 41.95
CA GLY I 89 -7.29 -13.69 42.15
C GLY I 89 -7.57 -12.87 40.90
N TYR I 90 -6.51 -12.47 40.21
CA TYR I 90 -6.65 -11.76 38.95
C TYR I 90 -7.38 -12.62 37.91
N TYR I 91 -6.96 -13.86 37.75
CA TYR I 91 -7.63 -14.76 36.83
C TYR I 91 -9.11 -14.91 37.13
N ILE I 92 -9.43 -15.08 38.42
CA ILE I 92 -10.83 -15.20 38.84
C ILE I 92 -11.64 -13.94 38.53
N ARG I 93 -11.10 -12.77 38.89
CA ARG I 93 -11.76 -11.51 38.61
C ARG I 93 -12.02 -11.32 37.10
N MET I 94 -11.03 -11.66 36.28
CA MET I 94 -11.20 -11.62 34.81
C MET I 94 -12.32 -12.54 34.36
N VAL I 95 -12.41 -13.73 34.94
CA VAL I 95 -13.49 -14.64 34.58
C VAL I 95 -14.86 -14.01 34.88
N THR I 96 -14.98 -13.36 36.03
CA THR I 96 -16.23 -12.67 36.34
C THR I 96 -16.50 -11.58 35.29
N TYR I 97 -15.47 -10.82 34.91
CA TYR I 97 -15.67 -9.77 33.91
C TYR I 97 -16.19 -10.36 32.59
N CYS I 98 -15.67 -11.52 32.19
CA CYS I 98 -16.08 -12.15 30.94
C CYS I 98 -17.53 -12.57 31.05
N CYS I 99 -17.94 -12.99 32.25
CA CYS I 99 -19.34 -13.36 32.48
C CYS I 99 -20.25 -12.15 32.42
N VAL I 100 -19.77 -11.01 32.89
CA VAL I 100 -20.53 -9.77 32.82
C VAL I 100 -20.74 -9.24 31.39
N VAL I 101 -19.72 -9.35 30.53
CA VAL I 101 -19.87 -8.85 29.16
C VAL I 101 -20.25 -9.92 28.12
N GLY I 102 -20.23 -11.19 28.53
CA GLY I 102 -20.50 -12.28 27.61
C GLY I 102 -19.43 -12.59 26.57
N GLY I 103 -18.15 -12.51 26.95
CA GLY I 103 -17.07 -12.85 26.04
C GLY I 103 -15.70 -12.76 26.67
N THR I 104 -14.67 -13.13 25.91
CA THR I 104 -13.29 -13.15 26.43
C THR I 104 -12.64 -11.77 26.44
N GLY I 105 -13.35 -10.76 25.94
CA GLY I 105 -12.81 -9.41 25.88
C GLY I 105 -11.93 -8.97 27.05
N PRO I 106 -12.52 -8.86 28.24
CA PRO I 106 -11.80 -8.40 29.44
C PRO I 106 -10.57 -9.25 29.75
N MET I 107 -10.72 -10.56 29.67
CA MET I 107 -9.62 -11.48 29.90
C MET I 107 -8.50 -11.16 28.91
N ASP I 108 -8.88 -10.94 27.65
CA ASP I 108 -7.91 -10.60 26.61
C ASP I 108 -7.22 -9.27 26.86
N ASP I 109 -8.01 -8.23 27.13
CA ASP I 109 -7.48 -6.87 27.25
C ASP I 109 -6.57 -6.71 28.48
N TYR I 110 -6.94 -7.37 29.58
CA TYR I 110 -6.31 -7.10 30.86
C TYR I 110 -5.29 -8.16 31.28
N LEU I 111 -5.37 -9.35 30.68
CA LEU I 111 -4.56 -10.46 31.18
C LEU I 111 -3.83 -11.28 30.11
N VAL I 112 -4.52 -11.67 29.05
CA VAL I 112 -3.92 -12.61 28.10
C VAL I 112 -2.92 -11.95 27.13
N ALA I 113 -3.24 -10.77 26.59
CA ALA I 113 -2.30 -10.05 25.75
C ALA I 113 -1.09 -9.65 26.59
N GLY I 114 0.08 -10.21 26.30
CA GLY I 114 1.28 -9.93 27.07
C GLY I 114 1.62 -10.95 28.15
N ILE I 115 0.73 -11.91 28.41
CA ILE I 115 0.97 -12.85 29.50
C ILE I 115 2.24 -13.68 29.27
N ALA I 116 2.48 -14.09 28.02
CA ALA I 116 3.65 -14.90 27.70
C ALA I 116 4.95 -14.18 28.03
N GLU I 117 4.99 -12.89 27.73
CA GLU I 117 6.17 -12.08 28.01
C GLU I 117 6.39 -11.98 29.50
N ILE I 118 5.32 -11.79 30.26
CA ILE I 118 5.45 -11.76 31.71
C ILE I 118 6.02 -13.06 32.28
N ASN I 119 5.43 -14.18 31.89
CA ASN I 119 5.89 -15.49 32.37
C ASN I 119 7.33 -15.82 31.96
N ARG I 120 7.72 -15.42 30.76
CA ARG I 120 9.10 -15.56 30.36
C ARG I 120 10.03 -14.67 31.22
N THR I 121 9.71 -13.39 31.33
CA THR I 121 10.61 -12.47 32.02
C THR I 121 10.78 -12.82 33.49
N PHE I 122 9.69 -13.17 34.14
CA PHE I 122 9.72 -13.42 35.58
C PHE I 122 9.85 -14.89 35.93
N ASP I 123 10.11 -15.71 34.92
CA ASP I 123 10.36 -17.14 35.12
C ASP I 123 9.23 -17.85 35.89
N LEU I 124 7.99 -17.56 35.50
CA LEU I 124 6.80 -18.20 36.08
C LEU I 124 6.29 -19.25 35.09
N SER I 125 5.94 -20.43 35.58
CA SER I 125 5.51 -21.49 34.67
C SER I 125 4.03 -21.44 34.40
N PRO I 126 3.65 -21.50 33.12
CA PRO I 126 2.25 -21.54 32.70
C PRO I 126 1.51 -22.71 33.36
N SER I 127 2.18 -23.85 33.53
N SER I 127 2.16 -23.84 33.61
CA SER I 127 1.60 -25.04 34.17
CA SER I 127 1.47 -25.01 34.15
C SER I 127 1.05 -24.77 35.56
C SER I 127 1.03 -24.78 35.59
N TRP I 128 1.74 -23.93 36.31
CA TRP I 128 1.32 -23.50 37.63
C TRP I 128 -0.10 -22.92 37.53
N TYR I 129 -0.27 -22.02 36.57
CA TYR I 129 -1.53 -21.33 36.42
C TYR I 129 -2.61 -22.25 35.88
N VAL I 130 -2.26 -23.14 34.97
CA VAL I 130 -3.21 -24.13 34.49
C VAL I 130 -3.78 -24.95 35.65
N GLU I 131 -2.94 -25.33 36.61
CA GLU I 131 -3.42 -26.15 37.73
C GLU I 131 -4.34 -25.34 38.63
N ALA I 132 -4.00 -24.06 38.81
CA ALA I 132 -4.84 -23.15 39.56
C ALA I 132 -6.22 -23.03 38.90
N LEU I 133 -6.23 -22.86 37.58
CA LEU I 133 -7.51 -22.70 36.87
C LEU I 133 -8.34 -23.99 36.97
N LYS I 134 -7.68 -25.14 36.91
CA LYS I 134 -8.39 -26.41 37.04
C LYS I 134 -9.07 -26.52 38.41
N TYR I 135 -8.36 -26.15 39.46
CA TYR I 135 -8.95 -26.13 40.79
C TYR I 135 -10.19 -25.23 40.84
N VAL I 136 -10.08 -24.00 40.34
CA VAL I 136 -11.22 -23.08 40.33
C VAL I 136 -12.42 -23.76 39.65
N LYS I 137 -12.17 -24.44 38.54
CA LYS I 137 -13.23 -25.09 37.80
C LYS I 137 -13.89 -26.20 38.62
N ALA I 138 -13.10 -26.86 39.46
CA ALA I 138 -13.59 -27.96 40.29
C ALA I 138 -14.30 -27.47 41.55
N ASN I 139 -14.05 -26.22 41.91
CA ASN I 139 -14.52 -25.72 43.19
C ASN I 139 -15.39 -24.48 43.19
N HIS I 140 -15.75 -23.98 42.01
CA HIS I 140 -16.60 -22.78 41.99
C HIS I 140 -18.03 -23.03 42.45
N GLY I 141 -18.50 -24.27 42.33
CA GLY I 141 -19.82 -24.61 42.83
C GLY I 141 -20.97 -24.04 42.00
N LEU I 142 -20.67 -23.55 40.80
CA LEU I 142 -21.72 -23.09 39.89
C LEU I 142 -22.34 -24.30 39.21
N SER I 143 -23.52 -24.12 38.64
CA SER I 143 -24.15 -25.17 37.86
C SER I 143 -24.93 -24.58 36.70
N GLY I 144 -25.35 -25.43 35.76
CA GLY I 144 -26.13 -24.99 34.63
C GLY I 144 -25.35 -24.05 33.71
N ASP I 145 -26.08 -23.17 33.03
CA ASP I 145 -25.47 -22.24 32.10
C ASP I 145 -24.43 -21.33 32.75
N SER I 146 -24.60 -21.03 34.03
CA SER I 146 -23.60 -20.23 34.73
C SER I 146 -22.25 -20.94 34.74
N ALA I 147 -22.27 -22.24 34.99
CA ALA I 147 -21.05 -23.05 34.98
C ALA I 147 -20.49 -23.23 33.57
N VAL I 148 -21.37 -23.50 32.60
CA VAL I 148 -20.89 -23.72 31.24
C VAL I 148 -20.17 -22.46 30.79
N GLU I 149 -20.77 -21.31 31.04
CA GLU I 149 -20.16 -20.04 30.64
C GLU I 149 -18.83 -19.75 31.36
N ALA I 150 -18.85 -19.83 32.70
CA ALA I 150 -17.64 -19.58 33.48
C ALA I 150 -16.52 -20.52 33.04
N ASN I 151 -16.84 -21.80 32.90
CA ASN I 151 -15.84 -22.77 32.43
C ASN I 151 -15.28 -22.46 31.04
N SER I 152 -16.13 -21.94 30.14
CA SER I 152 -15.64 -21.59 28.81
C SER I 152 -14.49 -20.58 28.90
N TYR I 153 -14.59 -19.58 29.78
CA TYR I 153 -13.54 -18.60 29.95
C TYR I 153 -12.34 -19.17 30.71
N ILE I 154 -12.59 -20.01 31.71
CA ILE I 154 -11.49 -20.66 32.42
C ILE I 154 -10.68 -21.52 31.42
N ASP I 155 -11.39 -22.28 30.58
CA ASP I 155 -10.73 -23.15 29.61
C ASP I 155 -10.03 -22.34 28.50
N TYR I 156 -10.53 -21.13 28.25
CA TYR I 156 -9.91 -20.24 27.29
C TYR I 156 -8.54 -19.77 27.78
N ALA I 157 -8.44 -19.49 29.08
CA ALA I 157 -7.17 -19.09 29.69
C ALA I 157 -6.22 -20.28 29.68
N ILE I 158 -6.74 -21.45 30.01
CA ILE I 158 -5.95 -22.66 29.99
C ILE I 158 -5.35 -22.88 28.59
N ASN I 159 -6.18 -22.77 27.56
CA ASN I 159 -5.71 -22.88 26.16
C ASN I 159 -4.65 -21.86 25.82
N ALA I 160 -4.82 -20.65 26.33
CA ALA I 160 -3.83 -19.58 26.14
C ALA I 160 -2.49 -19.91 26.76
N LEU I 161 -2.52 -20.67 27.86
CA LEU I 161 -1.29 -21.00 28.58
C LEU I 161 -0.67 -22.31 28.09
N SER I 162 -1.30 -22.96 27.12
CA SER I 162 -0.82 -24.29 26.72
C SER I 162 -0.87 -24.54 25.23
N MET J 1 -14.87 0.83 21.48
CA MET J 1 -16.13 1.29 22.08
C MET J 1 -16.51 0.37 23.25
N TYR J 2 -17.45 0.85 24.07
CA TYR J 2 -18.02 0.06 25.14
C TYR J 2 -19.51 -0.12 24.89
N ASP J 3 -20.08 -1.22 25.39
CA ASP J 3 -21.51 -1.31 25.64
C ASP J 3 -21.74 -1.12 27.13
N ALA J 4 -22.98 -1.20 27.58
CA ALA J 4 -23.28 -0.92 29.00
C ALA J 4 -22.53 -1.84 29.96
N PHE J 5 -22.36 -3.10 29.55
CA PHE J 5 -21.72 -4.08 30.40
C PHE J 5 -20.22 -3.78 30.46
N ALA J 6 -19.61 -3.60 29.29
CA ALA J 6 -18.17 -3.35 29.21
C ALA J 6 -17.77 -2.07 29.95
N LYS J 7 -18.64 -1.07 29.90
CA LYS J 7 -18.36 0.18 30.59
C LYS J 7 -18.14 -0.07 32.08
N VAL J 8 -19.02 -0.87 32.67
CA VAL J 8 -18.96 -1.15 34.10
C VAL J 8 -17.67 -1.91 34.44
N VAL J 9 -17.37 -2.91 33.63
CA VAL J 9 -16.17 -3.71 33.81
C VAL J 9 -14.91 -2.84 33.75
N SER J 10 -14.81 -1.96 32.75
CA SER J 10 -13.62 -1.12 32.63
C SER J 10 -13.43 -0.24 33.87
N GLN J 11 -14.55 0.27 34.40
CA GLN J 11 -14.50 1.13 35.58
C GLN J 11 -14.11 0.34 36.83
N ALA J 12 -14.52 -0.93 36.88
CA ALA J 12 -14.17 -1.81 37.98
C ALA J 12 -12.71 -2.25 37.93
N ASP J 13 -12.21 -2.57 36.74
CA ASP J 13 -10.85 -3.11 36.65
C ASP J 13 -9.82 -2.11 37.11
N SER J 14 -10.09 -0.83 36.88
CA SER J 14 -9.13 0.21 37.25
C SER J 14 -9.07 0.39 38.76
N ARG J 15 -10.02 -0.22 39.47
CA ARG J 15 -10.08 -0.20 40.92
C ARG J 15 -9.77 -1.59 41.49
N GLY J 16 -9.47 -2.53 40.60
CA GLY J 16 -9.19 -3.89 40.99
C GLY J 16 -10.39 -4.56 41.62
N ALA J 17 -11.58 -4.03 41.34
CA ALA J 17 -12.80 -4.45 42.04
C ALA J 17 -13.70 -5.41 41.27
N TYR J 18 -14.35 -6.31 42.00
CA TYR J 18 -15.41 -7.11 41.44
C TYR J 18 -16.60 -6.19 41.23
N ILE J 19 -17.41 -6.48 40.23
CA ILE J 19 -18.62 -5.70 39.99
C ILE J 19 -19.58 -5.92 41.14
N SER J 20 -20.16 -4.84 41.66
CA SER J 20 -20.95 -4.94 42.87
C SER J 20 -22.32 -5.60 42.63
N ALA J 21 -22.88 -6.19 43.69
CA ALA J 21 -24.23 -6.74 43.63
C ALA J 21 -25.21 -5.65 43.19
N SER J 22 -24.88 -4.40 43.53
CA SER J 22 -25.65 -3.24 43.12
C SER J 22 -25.53 -2.96 41.61
N GLN J 23 -24.31 -2.89 41.11
CA GLN J 23 -24.07 -2.68 39.68
C GLN J 23 -24.73 -3.78 38.87
N ILE J 24 -24.73 -4.99 39.43
CA ILE J 24 -25.36 -6.13 38.79
C ILE J 24 -26.87 -5.92 38.62
N ASP J 25 -27.54 -5.48 39.69
CA ASP J 25 -28.96 -5.18 39.62
C ASP J 25 -29.22 -4.21 38.47
N ALA J 26 -28.39 -3.18 38.35
CA ALA J 26 -28.55 -2.21 37.28
C ALA J 26 -28.46 -2.84 35.88
N LEU J 27 -27.47 -3.72 35.67
CA LEU J 27 -27.35 -4.43 34.40
C LEU J 27 -28.55 -5.36 34.17
N SER J 28 -29.06 -5.94 35.24
CA SER J 28 -30.24 -6.80 35.17
C SER J 28 -31.46 -6.01 34.66
N ALA J 29 -31.60 -4.78 35.11
CA ALA J 29 -32.67 -3.90 34.66
C ALA J 29 -32.58 -3.63 33.16
N MET J 30 -31.37 -3.42 32.67
CA MET J 30 -31.21 -3.19 31.24
C MET J 30 -31.62 -4.43 30.46
N VAL J 31 -31.13 -5.59 30.90
CA VAL J 31 -31.47 -6.83 30.23
C VAL J 31 -32.99 -7.03 30.23
N ALA J 32 -33.63 -6.72 31.36
CA ALA J 32 -35.08 -6.85 31.49
C ALA J 32 -35.83 -6.05 30.43
N ASP J 33 -35.28 -4.88 30.06
CA ASP J 33 -35.90 -4.04 29.05
C ASP J 33 -35.33 -4.27 27.65
N GLY J 34 -34.54 -5.31 27.48
CA GLY J 34 -33.80 -5.51 26.25
C GLY J 34 -34.64 -5.59 24.98
N SER J 35 -35.76 -6.29 25.07
CA SER J 35 -36.68 -6.44 23.94
C SER J 35 -37.25 -5.09 23.49
N LYS J 36 -37.55 -4.23 24.46
CA LYS J 36 -38.03 -2.88 24.17
C LYS J 36 -36.95 -2.11 23.40
N ARG J 37 -35.71 -2.32 23.81
CA ARG J 37 -34.57 -1.60 23.19
C ARG J 37 -34.41 -2.03 21.73
N LEU J 38 -34.53 -3.33 21.51
CA LEU J 38 -34.41 -3.89 20.17
C LEU J 38 -35.58 -3.46 19.26
N ASP J 39 -36.79 -3.36 19.79
CA ASP J 39 -37.92 -2.81 19.02
C ASP J 39 -37.62 -1.37 18.59
N ALA J 40 -37.08 -0.57 19.51
CA ALA J 40 -36.76 0.82 19.21
C ALA J 40 -35.72 0.93 18.10
N VAL J 41 -34.65 0.16 18.22
CA VAL J 41 -33.63 0.10 17.18
C VAL J 41 -34.27 -0.31 15.85
N ASN J 42 -35.01 -1.41 15.86
CA ASN J 42 -35.69 -1.88 14.65
C ASN J 42 -36.58 -0.81 13.99
N ARG J 43 -37.45 -0.20 14.79
CA ARG J 43 -38.39 0.80 14.30
C ARG J 43 -37.74 2.05 13.73
N ILE J 44 -36.75 2.59 14.41
CA ILE J 44 -36.06 3.79 13.92
C ILE J 44 -35.29 3.40 12.65
N THR J 45 -34.56 2.30 12.72
CA THR J 45 -33.82 1.81 11.55
C THR J 45 -34.72 1.54 10.34
N SER J 46 -35.86 0.88 10.57
CA SER J 46 -36.79 0.58 9.47
C SER J 46 -37.40 1.84 8.85
N ASN J 47 -37.21 2.98 9.48
CA ASN J 47 -37.68 4.25 8.90
C ASN J 47 -36.56 5.25 8.59
N SER J 48 -35.34 4.74 8.54
CA SER J 48 -34.17 5.61 8.41
C SER J 48 -34.22 6.54 7.19
N SER J 49 -34.58 6.03 6.01
CA SER J 49 -34.60 6.90 4.82
C SER J 49 -35.61 8.04 4.92
N ALA J 50 -36.81 7.75 5.44
CA ALA J 50 -37.85 8.76 5.59
C ALA J 50 -37.50 9.77 6.68
N ILE J 51 -36.91 9.30 7.77
CA ILE J 51 -36.53 10.19 8.85
C ILE J 51 -35.50 11.20 8.33
N VAL J 52 -34.56 10.74 7.51
CA VAL J 52 -33.55 11.63 6.94
C VAL J 52 -34.18 12.60 5.94
N ALA J 53 -34.93 12.08 4.99
CA ALA J 53 -35.51 12.92 3.94
C ALA J 53 -36.45 13.98 4.51
N ASN J 54 -37.31 13.57 5.45
CA ASN J 54 -38.31 14.46 6.02
C ASN J 54 -37.66 15.54 6.87
N ALA J 55 -36.65 15.14 7.64
CA ALA J 55 -35.91 16.08 8.46
C ALA J 55 -35.15 17.10 7.61
N ALA J 56 -34.52 16.64 6.53
CA ALA J 56 -33.84 17.51 5.60
C ALA J 56 -34.80 18.46 4.90
N ARG J 57 -35.91 17.93 4.39
CA ARG J 57 -36.90 18.78 3.73
C ARG J 57 -37.34 19.92 4.65
N ALA J 58 -37.70 19.58 5.89
CA ALA J 58 -38.14 20.57 6.87
C ALA J 58 -37.03 21.58 7.20
N LEU J 59 -35.80 21.10 7.33
CA LEU J 59 -34.66 22.01 7.52
C LEU J 59 -34.54 23.06 6.41
N PHE J 60 -34.45 22.61 5.16
CA PHE J 60 -34.28 23.55 4.04
C PHE J 60 -35.49 24.48 3.89
N ALA J 61 -36.67 23.99 4.28
CA ALA J 61 -37.86 24.81 4.22
C ALA J 61 -37.76 25.95 5.24
N GLU J 62 -37.31 25.62 6.44
CA GLU J 62 -37.11 26.63 7.50
C GLU J 62 -35.96 27.58 7.23
N GLN J 63 -34.94 27.10 6.51
CA GLN J 63 -33.74 27.88 6.25
C GLN J 63 -33.37 27.90 4.76
N PRO J 64 -34.14 28.63 3.96
CA PRO J 64 -33.92 28.63 2.50
C PRO J 64 -32.52 29.07 2.10
N ALA J 65 -31.82 29.77 3.00
CA ALA J 65 -30.45 30.21 2.72
C ALA J 65 -29.51 29.03 2.45
N LEU J 66 -29.80 27.87 3.03
CA LEU J 66 -28.91 26.71 2.88
C LEU J 66 -28.81 26.20 1.44
N ILE J 67 -29.92 26.30 0.72
CA ILE J 67 -30.00 25.75 -0.62
C ILE J 67 -29.97 26.83 -1.72
N ALA J 68 -30.09 28.09 -1.31
CA ALA J 68 -29.93 29.21 -2.25
C ALA J 68 -28.56 29.14 -2.90
N PRO J 69 -28.47 29.51 -4.19
CA PRO J 69 -27.16 29.54 -4.82
C PRO J 69 -26.15 30.23 -3.93
N GLY J 70 -25.06 29.53 -3.62
CA GLY J 70 -24.03 30.05 -2.74
C GLY J 70 -24.12 29.45 -1.35
N GLY J 71 -25.28 28.88 -1.03
CA GLY J 71 -25.49 28.25 0.26
C GLY J 71 -24.66 26.99 0.42
N MEN J 72 -24.48 26.55 1.66
CA MEN J 72 -23.65 25.39 1.96
C MEN J 72 -24.24 24.13 1.43
O MEN J 72 -23.49 23.15 1.18
CB MEN J 72 -23.45 25.26 3.46
CG MEN J 72 -22.24 24.41 3.72
OD1 MEN J 72 -22.34 23.35 4.33
ND2 MEN J 72 -21.08 24.87 3.27
CE2 MEN J 72 -19.87 24.09 3.37
N ALA J 73 -25.56 24.09 1.24
CA ALA J 73 -26.22 22.88 0.76
C ALA J 73 -26.55 22.96 -0.74
N TYR J 74 -26.04 24.00 -1.39
CA TYR J 74 -26.27 24.19 -2.82
C TYR J 74 -25.29 23.37 -3.65
N THR J 75 -25.71 23.02 -4.86
CA THR J 75 -24.98 22.10 -5.72
C THR J 75 -25.26 20.67 -5.29
N SER J 76 -25.34 19.76 -6.26
CA SER J 76 -25.67 18.38 -5.99
C SER J 76 -24.69 17.72 -5.03
N ARG J 77 -23.40 17.99 -5.21
CA ARG J 77 -22.38 17.38 -4.38
C ARG J 77 -22.57 17.78 -2.92
N ARG J 78 -22.85 19.05 -2.66
CA ARG J 78 -22.98 19.48 -1.26
C ARG J 78 -24.29 18.99 -0.64
N MET J 79 -25.39 19.02 -1.39
CA MET J 79 -26.65 18.46 -0.91
C MET J 79 -26.47 16.97 -0.55
N ALA J 80 -25.76 16.24 -1.41
CA ALA J 80 -25.53 14.82 -1.14
C ALA J 80 -24.74 14.60 0.15
N ALA J 81 -23.69 15.40 0.35
CA ALA J 81 -22.89 15.34 1.58
C ALA J 81 -23.76 15.62 2.80
N CYS J 82 -24.63 16.60 2.66
CA CYS J 82 -25.51 17.01 3.73
C CYS J 82 -26.46 15.87 4.10
N LEU J 83 -27.07 15.25 3.10
CA LEU J 83 -27.98 14.13 3.33
C LEU J 83 -27.23 12.93 3.93
N ARG J 84 -26.02 12.70 3.45
CA ARG J 84 -25.12 11.67 3.99
C ARG J 84 -24.87 11.90 5.50
N ASP J 85 -24.48 13.10 5.87
CA ASP J 85 -24.23 13.45 7.27
C ASP J 85 -25.45 13.18 8.16
N MET J 86 -26.63 13.54 7.67
CA MET J 86 -27.87 13.28 8.41
C MET J 86 -28.01 11.78 8.65
N GLU J 87 -27.76 10.99 7.60
CA GLU J 87 -27.87 9.53 7.71
C GLU J 87 -26.78 8.94 8.57
N ILE J 88 -25.56 9.47 8.48
CA ILE J 88 -24.48 9.02 9.35
C ILE J 88 -24.80 9.24 10.82
N VAL J 89 -25.26 10.44 11.17
CA VAL J 89 -25.57 10.73 12.57
C VAL J 89 -26.69 9.82 13.07
N LEU J 90 -27.73 9.65 12.26
CA LEU J 90 -28.80 8.74 12.64
C LEU J 90 -28.23 7.34 12.87
N ARG J 91 -27.44 6.86 11.93
CA ARG J 91 -26.84 5.53 12.04
C ARG J 91 -26.06 5.33 13.35
N TYR J 92 -25.15 6.26 13.65
CA TYR J 92 -24.37 6.17 14.91
C TYR J 92 -25.25 6.29 16.17
N VAL J 93 -26.32 7.08 16.08
CA VAL J 93 -27.26 7.16 17.19
C VAL J 93 -27.91 5.80 17.44
N THR J 94 -28.32 5.10 16.38
CA THR J 94 -28.90 3.77 16.59
C THR J 94 -27.89 2.80 17.18
N TYR J 95 -26.61 2.91 16.81
CA TYR J 95 -25.59 2.05 17.40
C TYR J 95 -25.51 2.29 18.92
N ALA J 96 -25.60 3.56 19.32
CA ALA J 96 -25.61 3.92 20.73
C ALA J 96 -26.82 3.33 21.45
N ILE J 97 -28.02 3.46 20.87
CA ILE J 97 -29.21 2.88 21.46
C ILE J 97 -29.02 1.36 21.64
N TYR J 98 -28.48 0.72 20.62
CA TYR J 98 -28.26 -0.73 20.62
C TYR J 98 -27.30 -1.21 21.72
N SER J 99 -26.18 -0.51 21.85
CA SER J 99 -25.12 -0.94 22.75
C SER J 99 -25.35 -0.37 24.14
N GLY J 100 -26.31 0.54 24.26
CA GLY J 100 -26.60 1.15 25.55
C GLY J 100 -25.48 2.02 26.08
N ASP J 101 -24.65 2.54 25.18
CA ASP J 101 -23.57 3.46 25.58
C ASP J 101 -23.31 4.47 24.46
N ALA J 102 -22.87 5.67 24.84
CA ALA J 102 -22.64 6.74 23.87
C ALA J 102 -21.26 6.70 23.25
N SER J 103 -20.40 5.80 23.70
CA SER J 103 -19.02 5.79 23.24
C SER J 103 -18.88 5.64 21.72
N ILE J 104 -19.68 4.78 21.10
CA ILE J 104 -19.60 4.56 19.66
C ILE J 104 -19.91 5.85 18.91
N LEU J 105 -20.86 6.60 19.43
CA LEU J 105 -21.28 7.87 18.83
C LEU J 105 -20.21 8.95 19.02
N GLU J 106 -19.67 9.04 20.22
CA GLU J 106 -18.66 10.04 20.54
C GLU J 106 -17.38 9.78 19.76
N ASP J 107 -16.90 8.53 19.80
CA ASP J 107 -15.59 8.19 19.27
C ASP J 107 -15.47 8.20 17.76
N ARG J 108 -16.50 7.65 17.09
CA ARG J 108 -16.41 7.45 15.64
C ARG J 108 -17.27 8.42 14.82
N CYS J 109 -18.08 9.23 15.48
CA CYS J 109 -18.92 10.17 14.75
C CYS J 109 -18.75 11.64 15.17
N LEU J 110 -18.79 11.90 16.48
CA LEU J 110 -18.84 13.28 16.96
C LEU J 110 -17.48 13.90 17.20
N ASN J 111 -16.47 13.08 17.45
CA ASN J 111 -15.14 13.60 17.76
C ASN J 111 -14.51 14.33 16.56
N GLY J 112 -14.24 15.61 16.72
CA GLY J 112 -13.63 16.41 15.67
C GLY J 112 -14.64 16.92 14.65
N LEU J 113 -15.92 16.71 14.90
CA LEU J 113 -16.93 17.08 13.92
C LEU J 113 -17.20 18.58 13.89
N LYS J 114 -17.27 19.20 15.07
CA LYS J 114 -17.37 20.66 15.15
C LYS J 114 -16.23 21.33 14.38
N GLU J 115 -15.00 20.89 14.67
CA GLU J 115 -13.81 21.41 13.99
C GLU J 115 -13.91 21.24 12.47
N THR J 116 -14.29 20.04 12.04
CA THR J 116 -14.52 19.77 10.63
C THR J 116 -15.49 20.78 10.03
N TYR J 117 -16.70 20.89 10.59
CA TYR J 117 -17.68 21.80 10.03
C TYR J 117 -17.14 23.24 9.98
N LEU J 118 -16.53 23.66 11.09
CA LEU J 118 -15.99 25.01 11.21
C LEU J 118 -15.05 25.34 10.04
N ALA J 119 -14.13 24.42 9.76
CA ALA J 119 -13.19 24.56 8.66
C ALA J 119 -13.83 24.53 7.26
N LEU J 120 -14.99 23.89 7.12
CA LEU J 120 -15.66 23.83 5.82
C LEU J 120 -16.51 25.05 5.59
N GLY J 121 -16.92 25.69 6.68
CA GLY J 121 -17.90 26.75 6.60
C GLY J 121 -19.31 26.17 6.64
N THR J 122 -19.44 24.92 7.08
CA THR J 122 -20.75 24.31 7.26
C THR J 122 -21.35 24.77 8.59
N PRO J 123 -22.55 25.37 8.55
CA PRO J 123 -23.22 25.86 9.77
C PRO J 123 -23.63 24.74 10.71
N GLY J 124 -22.82 24.51 11.74
CA GLY J 124 -23.12 23.55 12.79
C GLY J 124 -24.53 23.71 13.33
N SER J 125 -24.95 24.95 13.57
CA SER J 125 -26.24 25.20 14.19
C SER J 125 -27.39 24.63 13.35
N SER J 126 -27.23 24.69 12.03
CA SER J 126 -28.25 24.14 11.13
C SER J 126 -28.25 22.61 11.20
N VAL J 127 -27.06 22.03 11.25
CA VAL J 127 -26.95 20.58 11.43
C VAL J 127 -27.68 20.17 12.71
N ALA J 128 -27.43 20.90 13.80
CA ALA J 128 -28.08 20.61 15.09
C ALA J 128 -29.61 20.63 14.96
N VAL J 129 -30.12 21.59 14.20
CA VAL J 129 -31.55 21.69 13.95
C VAL J 129 -32.05 20.45 13.23
N GLY J 130 -31.29 19.98 12.24
CA GLY J 130 -31.67 18.80 11.48
C GLY J 130 -31.72 17.59 12.40
N ILE J 131 -30.69 17.45 13.23
CA ILE J 131 -30.60 16.34 14.18
C ILE J 131 -31.79 16.31 15.12
N GLY J 132 -32.18 17.49 15.62
CA GLY J 132 -33.34 17.59 16.49
C GLY J 132 -34.63 17.17 15.81
N LYS J 133 -34.77 17.48 14.52
CA LYS J 133 -35.95 17.01 13.79
C LYS J 133 -35.94 15.48 13.63
N MET J 134 -34.76 14.92 13.38
CA MET J 134 -34.64 13.47 13.34
C MET J 134 -35.01 12.86 14.69
N LYS J 135 -34.57 13.50 15.77
CA LYS J 135 -34.83 13.00 17.11
C LYS J 135 -36.33 12.88 17.37
N ASP J 136 -37.08 13.93 17.03
CA ASP J 136 -38.51 13.94 17.29
C ASP J 136 -39.23 12.87 16.45
N ALA J 137 -38.84 12.73 15.19
CA ALA J 137 -39.43 11.71 14.33
C ALA J 137 -39.11 10.30 14.83
N ALA J 138 -37.88 10.11 15.30
CA ALA J 138 -37.42 8.79 15.73
C ALA J 138 -38.16 8.31 16.96
N ILE J 139 -38.30 9.20 17.94
CA ILE J 139 -39.01 8.85 19.17
C ILE J 139 -40.49 8.59 18.90
N ALA J 140 -41.11 9.37 18.02
CA ALA J 140 -42.51 9.14 17.69
C ALA J 140 -42.70 7.75 17.08
N ILE J 141 -41.77 7.35 16.21
CA ILE J 141 -41.81 6.04 15.60
C ILE J 141 -41.53 4.93 16.60
N ALA J 142 -40.47 5.08 17.37
CA ALA J 142 -40.09 4.09 18.36
C ALA J 142 -41.17 3.85 19.41
N ASN J 143 -41.87 4.92 19.81
CA ASN J 143 -42.81 4.87 20.93
C ASN J 143 -44.28 4.80 20.50
N ASP J 144 -44.51 4.52 19.23
CA ASP J 144 -45.84 4.33 18.69
C ASP J 144 -46.42 3.04 19.28
N PRO J 145 -47.58 3.13 19.96
CA PRO J 145 -48.10 1.97 20.68
C PRO J 145 -48.73 0.95 19.73
N ASN J 146 -48.90 1.33 18.47
CA ASN J 146 -49.48 0.42 17.49
C ASN J 146 -48.56 -0.74 17.12
N GLY J 147 -49.09 -1.96 17.17
CA GLY J 147 -48.39 -3.12 16.61
C GLY J 147 -47.30 -3.72 17.49
N VAL J 148 -47.28 -3.35 18.76
CA VAL J 148 -46.28 -3.87 19.68
C VAL J 148 -46.99 -4.17 20.99
N THR J 149 -46.50 -5.18 21.72
CA THR J 149 -47.00 -5.45 23.06
C THR J 149 -46.91 -4.17 23.87
N ARG J 150 -48.01 -3.84 24.56
CA ARG J 150 -48.09 -2.59 25.31
C ARG J 150 -47.23 -2.67 26.57
N GLY J 151 -46.42 -1.64 26.77
CA GLY J 151 -45.66 -1.48 27.99
C GLY J 151 -45.10 -0.07 28.10
N ASP J 152 -44.31 0.18 29.13
CA ASP J 152 -43.76 1.49 29.37
C ASP J 152 -42.32 1.61 28.86
N CYS J 153 -42.13 2.39 27.81
CA CYS J 153 -40.79 2.61 27.25
C CYS J 153 -40.24 4.03 27.53
N SER J 154 -40.75 4.70 28.55
CA SER J 154 -40.38 6.09 28.80
C SER J 154 -38.90 6.24 29.13
N ALA J 155 -38.37 5.38 29.99
CA ALA J 155 -36.94 5.42 30.31
C ALA J 155 -36.08 5.30 29.05
N LEU J 156 -36.42 4.32 28.21
CA LEU J 156 -35.72 4.07 26.95
C LEU J 156 -35.78 5.30 26.02
N MET J 157 -36.97 5.90 25.88
CA MET J 157 -37.14 7.10 25.05
C MET J 157 -36.31 8.26 25.59
N SER J 158 -36.19 8.34 26.91
CA SER J 158 -35.36 9.38 27.50
C SER J 158 -33.90 9.15 27.10
N GLU J 159 -33.45 7.90 27.21
CA GLU J 159 -32.09 7.54 26.82
C GLU J 159 -31.82 7.79 25.34
N ILE J 160 -32.78 7.43 24.50
CA ILE J 160 -32.68 7.63 23.06
C ILE J 160 -32.55 9.13 22.76
N GLY J 161 -33.37 9.94 23.41
CA GLY J 161 -33.29 11.39 23.25
C GLY J 161 -31.90 11.91 23.63
N SER J 162 -31.29 11.31 24.64
CA SER J 162 -30.01 11.82 25.14
C SER J 162 -28.89 11.67 24.11
N TYR J 163 -28.97 10.61 23.31
CA TYR J 163 -27.99 10.39 22.25
C TYR J 163 -28.15 11.42 21.14
N PHE J 164 -29.38 11.63 20.68
CA PHE J 164 -29.64 12.64 19.68
C PHE J 164 -29.16 14.02 20.19
N ASP J 165 -29.46 14.33 21.45
CA ASP J 165 -29.06 15.61 22.03
C ASP J 165 -27.55 15.76 22.13
N LYS J 166 -26.87 14.68 22.48
CA LYS J 166 -25.41 14.67 22.47
C LYS J 166 -24.86 15.00 21.09
N ALA J 167 -25.46 14.42 20.06
CA ALA J 167 -25.03 14.70 18.69
C ALA J 167 -25.28 16.18 18.36
N ALA J 168 -26.47 16.67 18.70
CA ALA J 168 -26.82 18.05 18.36
C ALA J 168 -25.91 19.04 19.07
N ALA J 169 -25.56 18.72 20.31
CA ALA J 169 -24.77 19.64 21.12
C ALA J 169 -23.33 19.66 20.63
N ALA J 170 -22.88 18.56 20.03
CA ALA J 170 -21.50 18.45 19.59
C ALA J 170 -21.19 19.36 18.39
N VAL J 171 -22.22 19.80 17.67
CA VAL J 171 -21.98 20.62 16.48
C VAL J 171 -22.65 21.99 16.52
N ALA J 172 -23.61 22.17 17.45
CA ALA J 172 -24.44 23.38 17.48
C ALA J 172 -23.67 24.70 17.56
N MET K 1 24.82 9.09 8.34
CA MET K 1 25.55 8.61 7.18
C MET K 1 26.05 7.17 7.35
N LYS K 2 26.34 6.54 6.23
CA LYS K 2 26.80 5.16 6.20
C LYS K 2 28.26 5.03 6.60
N THR K 3 28.53 4.10 7.50
CA THR K 3 29.88 3.59 7.75
C THR K 3 29.71 2.13 8.13
N PRO K 4 30.82 1.39 8.24
CA PRO K 4 30.61 -0.02 8.58
C PRO K 4 29.90 -0.16 9.94
N LEU K 5 30.19 0.76 10.86
CA LEU K 5 29.55 0.69 12.18
C LEU K 5 28.08 1.08 12.12
N THR K 6 27.73 2.15 11.41
CA THR K 6 26.33 2.56 11.41
C THR K 6 25.47 1.59 10.59
N GLU K 7 26.07 0.96 9.58
CA GLU K 7 25.38 -0.06 8.81
C GLU K 7 25.12 -1.30 9.65
N ALA K 8 26.05 -1.65 10.53
CA ALA K 8 25.83 -2.78 11.43
C ALA K 8 24.69 -2.46 12.38
N VAL K 9 24.72 -1.28 12.98
CA VAL K 9 23.67 -0.87 13.90
C VAL K 9 22.32 -0.85 13.19
N SER K 10 22.28 -0.27 11.98
CA SER K 10 21.03 -0.14 11.22
C SER K 10 20.40 -1.49 10.94
N ALA K 11 21.22 -2.44 10.50
CA ALA K 11 20.77 -3.79 10.22
C ALA K 11 20.16 -4.40 11.47
N ALA K 12 20.88 -4.32 12.59
CA ALA K 12 20.37 -4.84 13.85
C ALA K 12 19.07 -4.15 14.26
N ASP K 13 19.04 -2.83 14.17
CA ASP K 13 17.87 -2.05 14.59
C ASP K 13 16.66 -2.43 13.73
N SER K 14 16.84 -2.53 12.43
CA SER K 14 15.73 -2.89 11.55
C SER K 14 15.11 -4.23 11.97
N GLN K 15 15.90 -5.09 12.59
CA GLN K 15 15.45 -6.42 13.01
C GLN K 15 15.04 -6.45 14.50
N GLY K 16 15.12 -5.29 15.16
CA GLY K 16 14.83 -5.20 16.58
C GLY K 16 15.77 -6.04 17.43
N ARG K 17 17.01 -6.22 16.98
CA ARG K 17 17.96 -7.12 17.64
C ARG K 17 19.03 -6.37 18.42
N PHE K 18 19.47 -6.96 19.54
CA PHE K 18 20.72 -6.55 20.15
C PHE K 18 21.89 -6.89 19.21
N LEU K 19 23.01 -6.20 19.38
CA LEU K 19 24.19 -6.59 18.60
C LEU K 19 24.67 -7.97 19.06
N SER K 20 25.37 -8.67 18.17
CA SER K 20 25.90 -10.01 18.45
C SER K 20 27.31 -10.09 17.88
N THR K 21 27.86 -11.30 17.86
CA THR K 21 29.24 -11.50 17.39
C THR K 21 29.38 -11.13 15.92
N THR K 22 28.26 -11.17 15.20
CA THR K 22 28.24 -10.68 13.84
C THR K 22 28.72 -9.23 13.74
N GLU K 23 28.11 -8.35 14.52
CA GLU K 23 28.51 -6.94 14.52
C GLU K 23 29.87 -6.71 15.18
N THR K 24 30.25 -7.61 16.10
CA THR K 24 31.58 -7.53 16.70
C THR K 24 32.65 -7.68 15.61
N GLN K 25 32.42 -8.63 14.71
CA GLN K 25 33.35 -8.84 13.59
C GLN K 25 33.45 -7.62 12.67
N VAL K 26 32.30 -7.01 12.38
CA VAL K 26 32.28 -5.79 11.60
C VAL K 26 33.20 -4.75 12.24
N ALA K 27 33.06 -4.55 13.54
CA ALA K 27 33.89 -3.58 14.26
C ALA K 27 35.39 -3.92 14.25
N PHE K 28 35.74 -5.20 14.45
CA PHE K 28 37.15 -5.59 14.38
C PHE K 28 37.71 -5.28 12.99
N GLY K 29 36.91 -5.53 11.95
CA GLY K 29 37.34 -5.24 10.59
C GLY K 29 37.53 -3.75 10.41
N ARG K 30 36.61 -2.97 10.96
CA ARG K 30 36.72 -1.51 10.94
C ARG K 30 38.02 -1.05 11.61
N PHE K 31 38.24 -1.53 12.83
CA PHE K 31 39.43 -1.15 13.63
C PHE K 31 40.72 -1.60 12.97
N ARG K 32 40.72 -2.78 12.36
CA ARG K 32 41.84 -3.24 11.59
C ARG K 32 42.19 -2.24 10.46
N GLN K 33 41.15 -1.79 9.76
CA GLN K 33 41.27 -0.88 8.63
C GLN K 33 41.64 0.55 9.02
N ALA K 34 41.15 1.01 10.17
CA ALA K 34 41.18 2.42 10.51
C ALA K 34 42.59 3.04 10.60
N THR K 35 43.57 2.26 11.03
CA THR K 35 44.91 2.83 11.20
C THR K 35 45.48 3.28 9.84
N SER K 36 45.45 2.39 8.86
CA SER K 36 45.88 2.75 7.50
C SER K 36 44.92 3.74 6.86
N GLY K 37 43.65 3.65 7.24
CA GLY K 37 42.65 4.60 6.76
C GLY K 37 42.94 6.01 7.20
N LEU K 38 43.24 6.18 8.48
CA LEU K 38 43.53 7.49 9.05
C LEU K 38 44.85 8.04 8.50
N ALA K 39 45.84 7.16 8.32
CA ALA K 39 47.12 7.55 7.73
C ALA K 39 46.93 8.12 6.33
N ALA K 40 46.11 7.43 5.52
CA ALA K 40 45.78 7.92 4.19
C ALA K 40 45.17 9.32 4.25
N ALA K 41 44.19 9.50 5.12
CA ALA K 41 43.50 10.78 5.26
C ALA K 41 44.48 11.87 5.66
N LYS K 42 45.47 11.48 6.46
CA LYS K 42 46.44 12.44 6.97
C LYS K 42 47.38 12.87 5.83
N ALA K 43 47.95 11.89 5.16
CA ALA K 43 48.88 12.21 4.09
C ALA K 43 48.20 13.01 2.97
N LEU K 44 47.01 12.56 2.55
CA LEU K 44 46.27 13.23 1.47
C LEU K 44 46.00 14.69 1.78
N SER K 45 45.58 14.99 3.00
CA SER K 45 45.28 16.37 3.36
C SER K 45 46.55 17.22 3.29
N GLU K 46 47.70 16.60 3.56
CA GLU K 46 48.95 17.35 3.54
C GLU K 46 49.40 17.65 2.10
N LYS K 47 48.99 16.80 1.17
CA LYS K 47 49.37 16.96 -0.23
C LYS K 47 48.21 17.47 -1.10
N ALA K 48 47.12 17.88 -0.45
CA ALA K 48 45.88 18.19 -1.18
C ALA K 48 46.01 19.33 -2.19
N GLU K 49 46.54 20.47 -1.76
CA GLU K 49 46.75 21.59 -2.67
C GLU K 49 47.65 21.21 -3.86
N SER K 50 48.76 20.56 -3.57
CA SER K 50 49.65 20.14 -4.64
C SER K 50 48.95 19.15 -5.57
N LEU K 51 48.17 18.24 -5.00
CA LEU K 51 47.46 17.25 -5.81
C LEU K 51 46.38 17.90 -6.68
N ALA K 52 45.63 18.83 -6.13
CA ALA K 52 44.56 19.47 -6.88
C ALA K 52 45.10 20.29 -8.06
N SER K 53 46.17 21.05 -7.80
CA SER K 53 46.80 21.87 -8.82
C SER K 53 47.41 20.98 -9.89
N GLY K 54 48.12 19.95 -9.47
CA GLY K 54 48.67 18.97 -10.38
C GLY K 54 47.64 18.29 -11.27
N ALA K 55 46.52 17.87 -10.66
CA ALA K 55 45.45 17.21 -11.39
C ALA K 55 44.74 18.13 -12.38
N ALA K 56 44.52 19.39 -11.99
CA ALA K 56 43.92 20.36 -12.89
C ALA K 56 44.78 20.52 -14.14
N ASN K 57 46.10 20.64 -13.94
CA ASN K 57 47.02 20.74 -15.06
C ASN K 57 47.02 19.48 -15.92
N ALA K 58 46.88 18.31 -15.28
CA ALA K 58 46.75 17.06 -16.01
C ALA K 58 45.51 17.10 -16.91
N VAL K 59 44.41 17.62 -16.39
CA VAL K 59 43.19 17.76 -17.20
C VAL K 59 43.43 18.70 -18.38
N TYR K 60 43.99 19.89 -18.12
CA TYR K 60 44.22 20.87 -19.17
C TYR K 60 45.13 20.28 -20.25
N SER K 61 46.05 19.42 -19.82
CA SER K 61 46.99 18.79 -20.73
C SER K 61 46.34 17.69 -21.55
N LYS K 62 45.49 16.89 -20.93
CA LYS K 62 44.76 15.86 -21.67
C LYS K 62 43.71 16.48 -22.62
N PHE K 63 43.05 17.54 -22.17
CA PHE K 63 41.98 18.19 -22.93
C PHE K 63 42.27 19.68 -23.11
N PRO K 64 43.22 20.02 -23.99
CA PRO K 64 43.64 21.41 -24.14
C PRO K 64 42.51 22.38 -24.47
N TYR K 65 41.46 21.92 -25.13
CA TYR K 65 40.36 22.81 -25.52
C TYR K 65 39.73 23.43 -24.27
N THR K 66 39.90 22.76 -23.15
CA THR K 66 39.32 23.23 -21.89
C THR K 66 39.93 24.56 -21.43
N THR K 67 41.12 24.88 -21.93
CA THR K 67 41.71 26.18 -21.57
C THR K 67 41.66 27.19 -22.72
N SER K 68 41.10 26.77 -23.85
CA SER K 68 41.02 27.61 -25.05
C SER K 68 39.60 28.10 -25.35
N MET K 69 38.64 27.17 -25.39
CA MET K 69 37.26 27.53 -25.72
C MET K 69 36.69 28.51 -24.71
N THR K 70 35.94 29.51 -25.19
CA THR K 70 35.27 30.41 -24.27
C THR K 70 33.96 29.78 -23.80
N GLY K 71 33.44 30.29 -22.69
CA GLY K 71 32.28 29.71 -22.05
C GLY K 71 32.55 29.57 -20.56
N ALA K 72 31.53 29.78 -19.74
CA ALA K 72 31.68 29.73 -18.30
C ALA K 72 32.03 28.33 -17.80
N ASN K 73 31.76 27.32 -18.63
CA ASN K 73 31.96 25.93 -18.20
C ASN K 73 33.40 25.50 -18.37
N TYR K 74 34.18 26.33 -19.08
CA TYR K 74 35.56 26.01 -19.38
C TYR K 74 36.55 26.77 -18.50
N ALA K 75 37.80 26.33 -18.54
CA ALA K 75 38.86 26.94 -17.75
C ALA K 75 39.74 27.84 -18.61
N SER K 76 39.11 28.64 -19.45
CA SER K 76 39.86 29.58 -20.30
C SER K 76 40.01 30.92 -19.59
N SER K 77 39.20 31.14 -18.55
CA SER K 77 39.33 32.32 -17.69
C SER K 77 40.00 31.92 -16.39
N GLN K 78 40.43 32.91 -15.60
CA GLN K 78 40.99 32.63 -14.28
C GLN K 78 39.90 32.07 -13.36
N THR K 79 38.71 32.65 -13.47
CA THR K 79 37.56 32.18 -12.69
C THR K 79 37.33 30.69 -12.93
N GLY K 80 37.40 30.28 -14.19
CA GLY K 80 37.21 28.89 -14.57
C GLY K 80 38.29 27.99 -14.00
N LYS K 81 39.54 28.41 -14.11
CA LYS K 81 40.62 27.61 -13.57
C LYS K 81 40.39 27.42 -12.07
N ASP K 82 39.96 28.48 -11.40
CA ASP K 82 39.80 28.45 -9.97
C ASP K 82 38.67 27.50 -9.59
N LYS K 83 37.59 27.52 -10.36
CA LYS K 83 36.49 26.58 -10.15
C LYS K 83 36.98 25.15 -10.26
N CYS K 84 37.80 24.93 -11.27
CA CYS K 84 38.23 23.58 -11.59
C CYS K 84 39.12 23.02 -10.48
N VAL K 85 40.13 23.78 -10.03
CA VAL K 85 40.98 23.29 -8.94
C VAL K 85 40.17 23.11 -7.66
N ARG K 86 39.20 24.01 -7.45
CA ARG K 86 38.27 23.88 -6.33
C ARG K 86 37.51 22.55 -6.37
N ASP K 87 36.94 22.22 -7.54
CA ASP K 87 36.18 20.98 -7.70
C ASP K 87 37.04 19.75 -7.39
N ILE K 88 38.24 19.74 -7.94
CA ILE K 88 39.16 18.63 -7.72
C ILE K 88 39.55 18.53 -6.25
N GLY K 89 39.66 19.69 -5.59
CA GLY K 89 39.92 19.73 -4.16
C GLY K 89 38.78 19.10 -3.41
N TYR K 90 37.54 19.37 -3.85
CA TYR K 90 36.37 18.74 -3.25
C TYR K 90 36.50 17.22 -3.31
N TYR K 91 36.80 16.70 -4.50
CA TYR K 91 36.96 15.25 -4.69
C TYR K 91 37.98 14.66 -3.73
N ILE K 92 39.14 15.30 -3.66
CA ILE K 92 40.22 14.86 -2.79
C ILE K 92 39.78 14.86 -1.34
N ARG K 93 39.15 15.94 -0.91
CA ARG K 93 38.69 16.05 0.47
C ARG K 93 37.69 14.93 0.81
N MET K 94 36.84 14.58 -0.15
CA MET K 94 35.82 13.56 0.06
C MET K 94 36.47 12.20 0.23
N VAL K 95 37.50 11.95 -0.56
CA VAL K 95 38.28 10.72 -0.46
C VAL K 95 38.87 10.61 0.96
N THR K 96 39.38 11.71 1.50
CA THR K 96 39.90 11.68 2.86
C THR K 96 38.82 11.31 3.87
N TYR K 97 37.62 11.90 3.72
CA TYR K 97 36.48 11.62 4.59
C TYR K 97 36.05 10.16 4.52
N CYS K 98 36.13 9.56 3.34
CA CYS K 98 35.81 8.15 3.21
C CYS K 98 36.85 7.33 3.96
N CYS K 99 38.10 7.75 3.89
CA CYS K 99 39.18 7.04 4.57
C CYS K 99 39.01 7.11 6.08
N VAL K 100 38.47 8.23 6.56
CA VAL K 100 38.21 8.45 7.97
C VAL K 100 37.10 7.54 8.53
N VAL K 101 36.03 7.36 7.75
CA VAL K 101 34.89 6.56 8.21
C VAL K 101 34.92 5.12 7.72
N GLY K 102 35.79 4.85 6.74
CA GLY K 102 35.91 3.53 6.16
C GLY K 102 34.76 3.14 5.22
N GLY K 103 34.29 4.07 4.40
CA GLY K 103 33.25 3.77 3.42
C GLY K 103 32.94 4.93 2.49
N THR K 104 32.06 4.71 1.51
CA THR K 104 31.76 5.74 0.51
C THR K 104 30.77 6.80 0.99
N GLY K 105 30.19 6.56 2.17
CA GLY K 105 29.17 7.43 2.74
C GLY K 105 29.35 8.92 2.52
N PRO K 106 30.47 9.50 3.00
CA PRO K 106 30.64 10.95 2.85
C PRO K 106 30.65 11.39 1.39
N MET K 107 31.31 10.64 0.51
CA MET K 107 31.34 11.04 -0.88
C MET K 107 29.95 10.95 -1.51
N ASP K 108 29.17 9.94 -1.13
CA ASP K 108 27.79 9.83 -1.58
C ASP K 108 26.94 11.00 -1.10
N ASP K 109 27.00 11.29 0.20
CA ASP K 109 26.13 12.30 0.79
C ASP K 109 26.46 13.70 0.31
N TYR K 110 27.75 13.98 0.13
CA TYR K 110 28.18 15.35 -0.18
C TYR K 110 28.50 15.59 -1.65
N LEU K 111 28.88 14.56 -2.39
CA LEU K 111 29.31 14.80 -3.76
C LEU K 111 28.55 13.99 -4.81
N VAL K 112 28.47 12.67 -4.66
CA VAL K 112 27.97 11.85 -5.77
C VAL K 112 26.47 12.01 -6.01
N ALA K 113 25.70 12.07 -4.95
CA ALA K 113 24.25 12.26 -5.10
C ALA K 113 23.98 13.64 -5.68
N GLY K 114 23.44 13.69 -6.90
CA GLY K 114 23.16 14.95 -7.58
C GLY K 114 24.25 15.38 -8.56
N ILE K 115 25.37 14.68 -8.56
CA ILE K 115 26.51 15.07 -9.39
C ILE K 115 26.11 15.09 -10.86
N ALA K 116 25.20 14.18 -11.20
CA ALA K 116 24.71 14.05 -12.56
C ALA K 116 23.99 15.32 -13.02
N GLU K 117 23.14 15.85 -12.15
CA GLU K 117 22.35 17.04 -12.43
C GLU K 117 23.23 18.28 -12.59
N ILE K 118 24.23 18.39 -11.73
CA ILE K 118 25.18 19.49 -11.82
C ILE K 118 25.94 19.45 -13.15
N ASN K 119 26.53 18.32 -13.50
CA ASN K 119 27.28 18.24 -14.75
C ASN K 119 26.43 18.48 -16.00
N ARG K 120 25.19 18.01 -15.97
CA ARG K 120 24.29 18.26 -17.07
C ARG K 120 23.96 19.76 -17.15
N THR K 121 23.54 20.33 -16.02
CA THR K 121 23.08 21.72 -15.96
C THR K 121 24.17 22.73 -16.31
N PHE K 122 25.38 22.50 -15.80
CA PHE K 122 26.46 23.45 -16.00
C PHE K 122 27.38 23.06 -17.16
N ASP K 123 27.02 21.97 -17.83
CA ASP K 123 27.73 21.53 -19.03
C ASP K 123 29.20 21.21 -18.76
N LEU K 124 29.45 20.46 -17.70
CA LEU K 124 30.78 20.00 -17.36
C LEU K 124 30.91 18.52 -17.72
N SER K 125 32.02 18.14 -18.31
CA SER K 125 32.21 16.76 -18.72
C SER K 125 32.77 15.90 -17.60
N PRO K 126 32.13 14.76 -17.36
CA PRO K 126 32.63 13.78 -16.38
C PRO K 126 34.04 13.33 -16.73
N SER K 127 34.36 13.26 -18.02
CA SER K 127 35.69 12.77 -18.40
C SER K 127 36.82 13.67 -17.87
N TRP K 128 36.54 14.97 -17.72
CA TRP K 128 37.52 15.87 -17.12
C TRP K 128 37.87 15.40 -15.73
N TYR K 129 36.84 15.05 -14.96
CA TYR K 129 37.02 14.66 -13.58
C TYR K 129 37.61 13.28 -13.46
N VAL K 130 37.27 12.40 -14.39
CA VAL K 130 37.90 11.08 -14.43
C VAL K 130 39.41 11.23 -14.63
N GLU K 131 39.81 12.14 -15.51
CA GLU K 131 41.24 12.35 -15.75
C GLU K 131 41.91 12.94 -14.50
N ALA K 132 41.27 13.93 -13.87
CA ALA K 132 41.75 14.48 -12.59
C ALA K 132 41.97 13.36 -11.57
N LEU K 133 40.93 12.53 -11.38
CA LEU K 133 41.00 11.43 -10.41
C LEU K 133 42.14 10.45 -10.72
N LYS K 134 42.37 10.16 -12.00
CA LYS K 134 43.50 9.29 -12.35
C LYS K 134 44.83 9.91 -11.95
N TYR K 135 44.94 11.23 -12.09
CA TYR K 135 46.15 11.92 -11.67
C TYR K 135 46.36 11.76 -10.16
N VAL K 136 45.30 11.93 -9.39
CA VAL K 136 45.40 11.80 -7.93
C VAL K 136 45.91 10.41 -7.55
N LYS K 137 45.34 9.38 -8.16
CA LYS K 137 45.80 8.00 -7.93
C LYS K 137 47.29 7.81 -8.21
N ALA K 138 47.76 8.40 -9.32
CA ALA K 138 49.13 8.19 -9.75
C ALA K 138 50.11 9.02 -8.94
N ASN K 139 49.60 9.89 -8.08
CA ASN K 139 50.47 10.87 -7.42
C ASN K 139 50.35 11.05 -5.91
N HIS K 140 49.39 10.37 -5.27
CA HIS K 140 49.22 10.57 -3.84
C HIS K 140 50.40 10.01 -3.02
N GLY K 141 51.18 9.14 -3.66
CA GLY K 141 52.34 8.53 -3.04
C GLY K 141 52.03 7.62 -1.86
N LEU K 142 50.78 7.16 -1.78
CA LEU K 142 50.39 6.20 -0.75
C LEU K 142 50.91 4.82 -1.09
N SER K 143 51.00 3.98 -0.06
CA SER K 143 51.48 2.62 -0.23
C SER K 143 50.67 1.67 0.67
N GLY K 144 50.68 0.38 0.34
CA GLY K 144 50.06 -0.63 1.17
C GLY K 144 48.53 -0.56 1.22
N ASP K 145 47.97 -0.88 2.38
CA ASP K 145 46.52 -0.80 2.57
C ASP K 145 46.00 0.63 2.45
N SER K 146 46.80 1.62 2.86
CA SER K 146 46.40 3.01 2.73
C SER K 146 46.06 3.35 1.28
N ALA K 147 46.90 2.87 0.36
CA ALA K 147 46.70 3.09 -1.07
C ALA K 147 45.48 2.31 -1.58
N VAL K 148 45.43 1.03 -1.27
CA VAL K 148 44.33 0.19 -1.74
C VAL K 148 43.01 0.84 -1.35
N GLU K 149 42.92 1.33 -0.11
CA GLU K 149 41.69 1.95 0.38
C GLU K 149 41.38 3.27 -0.31
N ALA K 150 42.32 4.21 -0.30
CA ALA K 150 42.11 5.49 -0.98
C ALA K 150 41.76 5.26 -2.45
N ASN K 151 42.49 4.36 -3.11
CA ASN K 151 42.20 4.07 -4.51
C ASN K 151 40.78 3.53 -4.69
N SER K 152 40.30 2.76 -3.71
CA SER K 152 38.95 2.22 -3.81
C SER K 152 37.93 3.35 -3.92
N TYR K 153 38.12 4.42 -3.13
CA TYR K 153 37.17 5.53 -3.14
C TYR K 153 37.30 6.38 -4.40
N ILE K 154 38.53 6.56 -4.86
CA ILE K 154 38.76 7.24 -6.12
C ILE K 154 38.10 6.49 -7.27
N ASP K 155 38.36 5.18 -7.35
CA ASP K 155 37.75 4.36 -8.39
C ASP K 155 36.23 4.33 -8.28
N TYR K 156 35.72 4.46 -7.06
CA TYR K 156 34.28 4.54 -6.85
C TYR K 156 33.73 5.79 -7.54
N ALA K 157 34.43 6.92 -7.36
CA ALA K 157 34.01 8.15 -8.02
C ALA K 157 34.09 8.02 -9.54
N ILE K 158 35.19 7.46 -10.03
CA ILE K 158 35.32 7.21 -11.48
C ILE K 158 34.12 6.41 -11.99
N ASN K 159 33.82 5.27 -11.36
CA ASN K 159 32.63 4.50 -11.73
C ASN K 159 31.34 5.32 -11.76
N ALA K 160 31.17 6.21 -10.78
CA ALA K 160 29.96 7.02 -10.71
C ALA K 160 29.89 7.99 -11.88
N LEU K 161 31.04 8.30 -12.45
CA LEU K 161 31.14 9.29 -13.51
C LEU K 161 31.11 8.64 -14.89
N SER K 162 31.06 7.32 -14.92
CA SER K 162 31.27 6.63 -16.19
C SER K 162 30.38 5.41 -16.37
N MET L 1 22.09 8.36 11.62
CA MET L 1 22.93 8.42 12.79
C MET L 1 24.38 8.69 12.41
N TYR L 2 25.20 9.00 13.40
CA TYR L 2 26.65 9.04 13.20
C TYR L 2 27.31 7.99 14.10
N ASP L 3 28.46 7.47 13.68
CA ASP L 3 29.36 6.84 14.61
C ASP L 3 30.39 7.93 14.93
N ALA L 4 31.42 7.59 15.70
CA ALA L 4 32.40 8.59 16.14
C ALA L 4 33.11 9.21 14.94
N PHE L 5 33.51 8.36 13.99
CA PHE L 5 34.22 8.80 12.81
C PHE L 5 33.37 9.74 11.97
N ALA L 6 32.14 9.33 11.70
CA ALA L 6 31.24 10.12 10.85
C ALA L 6 30.87 11.48 11.46
N LYS L 7 30.83 11.54 12.79
CA LYS L 7 30.51 12.78 13.48
C LYS L 7 31.56 13.86 13.17
N VAL L 8 32.82 13.48 13.28
CA VAL L 8 33.95 14.35 12.94
C VAL L 8 33.87 14.83 11.47
N VAL L 9 33.66 13.90 10.56
CA VAL L 9 33.54 14.24 9.13
C VAL L 9 32.45 15.29 8.85
N SER L 10 31.28 15.10 9.45
CA SER L 10 30.16 16.01 9.18
C SER L 10 30.42 17.42 9.71
N GLN L 11 31.14 17.51 10.82
CA GLN L 11 31.51 18.82 11.37
C GLN L 11 32.64 19.45 10.55
N ALA L 12 33.49 18.62 9.96
CA ALA L 12 34.51 19.11 9.06
C ALA L 12 33.94 19.62 7.72
N ASP L 13 32.98 18.89 7.14
CA ASP L 13 32.49 19.27 5.82
C ASP L 13 31.84 20.64 5.84
N SER L 14 31.05 20.91 6.87
CA SER L 14 30.36 22.19 6.97
C SER L 14 31.34 23.35 7.07
N ARG L 15 32.62 23.03 7.23
CA ARG L 15 33.68 24.03 7.32
C ARG L 15 34.56 23.96 6.08
N GLY L 16 34.27 23.01 5.21
CA GLY L 16 35.13 22.74 4.08
C GLY L 16 36.52 22.38 4.51
N ALA L 17 36.64 21.71 5.66
CA ALA L 17 37.95 21.42 6.24
C ALA L 17 38.35 19.94 6.21
N TYR L 18 39.65 19.69 6.07
CA TYR L 18 40.21 18.36 6.30
C TYR L 18 40.23 18.04 7.80
N ILE L 19 40.05 16.76 8.12
CA ILE L 19 40.15 16.32 9.51
C ILE L 19 41.56 16.66 10.02
N SER L 20 41.64 17.34 11.16
CA SER L 20 42.93 17.76 11.71
C SER L 20 43.76 16.57 12.24
N ALA L 21 45.08 16.74 12.27
CA ALA L 21 45.93 15.70 12.86
C ALA L 21 45.50 15.46 14.31
N SER L 22 44.97 16.49 14.95
CA SER L 22 44.43 16.38 16.30
C SER L 22 43.25 15.43 16.41
N GLN L 23 42.19 15.68 15.63
CA GLN L 23 41.01 14.81 15.61
C GLN L 23 41.40 13.38 15.23
N ILE L 24 42.42 13.24 14.40
CA ILE L 24 42.91 11.93 14.01
C ILE L 24 43.42 11.18 15.23
N ASP L 25 44.18 11.89 16.06
CA ASP L 25 44.71 11.31 17.29
C ASP L 25 43.57 10.84 18.20
N ALA L 26 42.50 11.62 18.27
CA ALA L 26 41.35 11.26 19.10
C ALA L 26 40.61 10.03 18.57
N LEU L 27 40.58 9.88 17.25
CA LEU L 27 39.98 8.69 16.62
C LEU L 27 40.92 7.50 16.78
N SER L 28 42.22 7.76 16.71
CA SER L 28 43.23 6.72 16.94
C SER L 28 43.15 6.15 18.35
N ALA L 29 42.82 7.00 19.32
CA ALA L 29 42.61 6.56 20.69
C ALA L 29 41.44 5.60 20.76
N MET L 30 40.29 6.01 20.23
CA MET L 30 39.13 5.12 20.21
C MET L 30 39.45 3.77 19.60
N VAL L 31 40.18 3.76 18.48
CA VAL L 31 40.57 2.51 17.84
C VAL L 31 41.42 1.63 18.77
N ALA L 32 42.33 2.26 19.51
CA ALA L 32 43.22 1.50 20.40
C ALA L 32 42.44 0.81 21.53
N ASP L 33 41.35 1.44 21.99
CA ASP L 33 40.48 0.86 23.00
C ASP L 33 39.36 0.01 22.41
N GLY L 34 39.42 -0.24 21.10
CA GLY L 34 38.35 -0.91 20.38
C GLY L 34 37.92 -2.26 20.95
N SER L 35 38.90 -3.08 21.33
CA SER L 35 38.60 -4.41 21.87
C SER L 35 37.90 -4.31 23.22
N LYS L 36 38.32 -3.34 24.02
CA LYS L 36 37.67 -3.13 25.31
C LYS L 36 36.23 -2.71 25.08
N ARG L 37 36.01 -1.84 24.11
CA ARG L 37 34.67 -1.37 23.77
C ARG L 37 33.77 -2.56 23.38
N LEU L 38 34.29 -3.47 22.56
CA LEU L 38 33.49 -4.62 22.13
C LEU L 38 33.26 -5.64 23.25
N ASP L 39 34.24 -5.78 24.15
CA ASP L 39 34.02 -6.58 25.35
C ASP L 39 32.83 -6.01 26.13
N ALA L 40 32.80 -4.69 26.30
CA ALA L 40 31.71 -4.06 27.05
C ALA L 40 30.34 -4.30 26.38
N VAL L 41 30.28 -4.11 25.06
CA VAL L 41 29.06 -4.36 24.32
C VAL L 41 28.62 -5.81 24.45
N ASN L 42 29.54 -6.73 24.23
CA ASN L 42 29.26 -8.15 24.36
C ASN L 42 28.75 -8.51 25.78
N ARG L 43 29.42 -8.00 26.79
CA ARG L 43 29.06 -8.30 28.17
C ARG L 43 27.67 -7.75 28.56
N ILE L 44 27.40 -6.50 28.25
CA ILE L 44 26.09 -5.93 28.58
C ILE L 44 24.99 -6.67 27.81
N THR L 45 25.24 -6.88 26.52
CA THR L 45 24.29 -7.57 25.69
C THR L 45 24.00 -8.99 26.16
N SER L 46 25.05 -9.71 26.56
CA SER L 46 24.92 -11.10 26.98
C SER L 46 24.13 -11.25 28.28
N ASN L 47 23.87 -10.12 28.94
CA ASN L 47 23.10 -10.11 30.17
C ASN L 47 21.83 -9.27 30.07
N SER L 48 21.42 -8.97 28.83
CA SER L 48 20.32 -8.05 28.60
C SER L 48 19.01 -8.46 29.31
N SER L 49 18.61 -9.72 29.17
CA SER L 49 17.38 -10.20 29.81
C SER L 49 17.41 -10.01 31.33
N ALA L 50 18.50 -10.42 31.99
CA ALA L 50 18.60 -10.28 33.44
C ALA L 50 18.67 -8.81 33.85
N ILE L 51 19.43 -8.02 33.12
CA ILE L 51 19.50 -6.60 33.45
C ILE L 51 18.11 -5.95 33.48
N VAL L 52 17.32 -6.20 32.43
CA VAL L 52 15.96 -5.68 32.37
C VAL L 52 15.11 -6.26 33.52
N ALA L 53 15.07 -7.58 33.64
CA ALA L 53 14.20 -8.20 34.65
C ALA L 53 14.54 -7.71 36.06
N ASN L 54 15.83 -7.74 36.41
CA ASN L 54 16.25 -7.33 37.74
C ASN L 54 15.94 -5.87 38.01
N ALA L 55 16.16 -5.01 37.01
CA ALA L 55 15.85 -3.59 37.17
C ALA L 55 14.34 -3.34 37.32
N ALA L 56 13.53 -4.05 36.54
CA ALA L 56 12.08 -3.92 36.64
C ALA L 56 11.54 -4.41 37.99
N ARG L 57 12.00 -5.58 38.43
CA ARG L 57 11.59 -6.12 39.72
C ARG L 57 11.85 -5.11 40.84
N ALA L 58 13.06 -4.56 40.84
CA ALA L 58 13.46 -3.57 41.86
C ALA L 58 12.58 -2.33 41.79
N LEU L 59 12.29 -1.88 40.58
CA LEU L 59 11.46 -0.70 40.37
C LEU L 59 10.05 -0.90 40.97
N PHE L 60 9.43 -2.01 40.61
CA PHE L 60 8.07 -2.30 41.07
C PHE L 60 8.02 -2.50 42.59
N ALA L 61 9.10 -3.02 43.16
CA ALA L 61 9.19 -3.19 44.62
C ALA L 61 9.25 -1.84 45.33
N GLU L 62 10.01 -0.91 44.79
CA GLU L 62 10.13 0.43 45.36
C GLU L 62 8.89 1.28 45.11
N GLN L 63 8.23 1.04 43.99
CA GLN L 63 7.05 1.83 43.63
C GLN L 63 5.83 0.93 43.39
N PRO L 64 5.27 0.37 44.46
CA PRO L 64 4.16 -0.58 44.32
C PRO L 64 2.96 0.04 43.61
N ALA L 65 2.82 1.37 43.67
CA ALA L 65 1.70 2.00 42.99
C ALA L 65 1.69 1.73 41.48
N LEU L 66 2.86 1.53 40.89
CA LEU L 66 2.96 1.25 39.46
C LEU L 66 2.21 -0.02 39.04
N ILE L 67 2.19 -1.03 39.93
CA ILE L 67 1.57 -2.32 39.60
C ILE L 67 0.24 -2.60 40.31
N ALA L 68 -0.17 -1.74 41.24
CA ALA L 68 -1.50 -1.89 41.83
C ALA L 68 -2.55 -1.66 40.75
N PRO L 69 -3.74 -2.28 40.90
CA PRO L 69 -4.78 -2.02 39.89
C PRO L 69 -5.01 -0.54 39.65
N GLY L 70 -5.05 -0.14 38.39
CA GLY L 70 -5.16 1.25 38.01
C GLY L 70 -3.82 1.90 37.74
N GLY L 71 -2.74 1.23 38.16
CA GLY L 71 -1.41 1.78 37.97
C GLY L 71 -0.93 1.61 36.54
N MEN L 72 0.07 2.38 36.14
CA MEN L 72 0.52 2.39 34.76
C MEN L 72 1.05 1.05 34.30
O MEN L 72 0.90 0.73 33.11
CB MEN L 72 1.60 3.45 34.56
CG MEN L 72 1.56 3.91 33.12
OD1 MEN L 72 2.53 3.78 32.40
ND2 MEN L 72 0.42 4.45 32.70
CE2 MEN L 72 0.11 4.59 31.29
N ALA L 73 1.64 0.28 35.20
CA ALA L 73 2.20 -1.02 34.83
C ALA L 73 1.26 -2.18 35.12
N TYR L 74 0.03 -1.87 35.52
CA TYR L 74 -0.98 -2.90 35.80
C TYR L 74 -1.67 -3.39 34.52
N THR L 75 -2.07 -4.66 34.50
CA THR L 75 -2.50 -5.43 33.31
C THR L 75 -1.30 -5.96 32.54
N SER L 76 -1.49 -7.10 31.90
CA SER L 76 -0.41 -7.77 31.21
C SER L 76 0.14 -6.93 30.07
N ARG L 77 -0.75 -6.29 29.31
CA ARG L 77 -0.36 -5.52 28.14
C ARG L 77 0.56 -4.37 28.55
N ARG L 78 0.15 -3.67 29.62
CA ARG L 78 0.95 -2.57 30.12
C ARG L 78 2.25 -3.05 30.77
N MET L 79 2.20 -4.12 31.55
CA MET L 79 3.44 -4.67 32.12
C MET L 79 4.42 -4.98 30.99
N ALA L 80 3.95 -5.71 29.97
CA ALA L 80 4.80 -6.09 28.83
C ALA L 80 5.36 -4.89 28.08
N ALA L 81 4.54 -3.86 27.88
CA ALA L 81 5.02 -2.63 27.22
C ALA L 81 6.10 -1.98 28.07
N CYS L 82 5.92 -2.06 29.39
CA CYS L 82 6.90 -1.48 30.30
C CYS L 82 8.23 -2.19 30.20
N LEU L 83 8.19 -3.52 30.25
CA LEU L 83 9.39 -4.33 30.13
C LEU L 83 10.03 -4.12 28.75
N ARG L 84 9.19 -4.00 27.72
CA ARG L 84 9.66 -3.72 26.37
C ARG L 84 10.43 -2.41 26.31
N ASP L 85 9.89 -1.35 26.94
CA ASP L 85 10.55 -0.05 26.94
C ASP L 85 11.93 -0.14 27.59
N MET L 86 12.02 -0.88 28.69
CA MET L 86 13.30 -1.06 29.37
C MET L 86 14.32 -1.71 28.43
N GLU L 87 13.89 -2.79 27.77
CA GLU L 87 14.74 -3.52 26.84
C GLU L 87 15.15 -2.62 25.66
N ILE L 88 14.20 -1.82 25.18
CA ILE L 88 14.47 -0.88 24.10
C ILE L 88 15.57 0.11 24.46
N VAL L 89 15.43 0.75 25.61
CA VAL L 89 16.43 1.72 26.05
C VAL L 89 17.80 1.05 26.20
N LEU L 90 17.82 -0.12 26.83
CA LEU L 90 19.08 -0.85 26.98
C LEU L 90 19.69 -1.11 25.59
N ARG L 91 18.84 -1.51 24.64
CA ARG L 91 19.30 -1.84 23.29
C ARG L 91 19.92 -0.63 22.60
N TYR L 92 19.21 0.51 22.61
CA TYR L 92 19.74 1.74 22.00
C TYR L 92 21.00 2.25 22.70
N VAL L 93 21.04 2.10 24.02
CA VAL L 93 22.27 2.43 24.73
C VAL L 93 23.45 1.59 24.22
N THR L 94 23.26 0.29 24.03
CA THR L 94 24.37 -0.54 23.50
C THR L 94 24.79 -0.11 22.09
N TYR L 95 23.83 0.33 21.27
CA TYR L 95 24.15 0.84 19.93
C TYR L 95 25.07 2.03 20.05
N ALA L 96 24.78 2.92 21.00
CA ALA L 96 25.60 4.10 21.21
C ALA L 96 27.00 3.73 21.67
N ILE L 97 27.08 2.73 22.56
CA ILE L 97 28.38 2.27 23.05
C ILE L 97 29.19 1.73 21.86
N TYR L 98 28.54 0.87 21.08
CA TYR L 98 29.18 0.27 19.91
C TYR L 98 29.67 1.31 18.90
N SER L 99 28.88 2.37 18.71
CA SER L 99 29.16 3.31 17.64
C SER L 99 30.02 4.48 18.12
N GLY L 100 30.14 4.60 19.43
CA GLY L 100 30.94 5.66 20.02
C GLY L 100 30.27 7.03 19.87
N ASP L 101 28.96 7.02 19.64
CA ASP L 101 28.21 8.26 19.46
C ASP L 101 26.77 8.11 19.93
N ALA L 102 26.22 9.18 20.48
CA ALA L 102 24.87 9.14 21.02
C ALA L 102 23.74 9.39 20.02
N SER L 103 24.08 9.75 18.77
CA SER L 103 23.03 10.08 17.81
C SER L 103 21.96 8.99 17.65
N ILE L 104 22.37 7.72 17.54
CA ILE L 104 21.41 6.61 17.38
C ILE L 104 20.39 6.59 18.53
N LEU L 105 20.89 6.73 19.75
CA LEU L 105 20.06 6.78 20.95
C LEU L 105 19.11 7.99 20.98
N GLU L 106 19.64 9.17 20.66
CA GLU L 106 18.84 10.38 20.67
C GLU L 106 17.80 10.38 19.55
N ASP L 107 18.26 10.06 18.35
CA ASP L 107 17.42 10.12 17.14
C ASP L 107 16.27 9.10 17.12
N ARG L 108 16.58 7.85 17.42
CA ARG L 108 15.61 6.79 17.25
C ARG L 108 14.92 6.33 18.52
N CYS L 109 15.35 6.84 19.67
CA CYS L 109 14.80 6.35 20.93
C CYS L 109 14.28 7.47 21.85
N LEU L 110 15.14 8.45 22.14
CA LEU L 110 14.80 9.50 23.10
C LEU L 110 13.93 10.62 22.52
N ASN L 111 14.01 10.82 21.20
CA ASN L 111 13.27 11.90 20.54
C ASN L 111 11.76 11.76 20.70
N GLY L 112 11.18 12.64 21.51
CA GLY L 112 9.73 12.65 21.69
C GLY L 112 9.21 11.64 22.72
N LEU L 113 10.12 10.97 23.41
CA LEU L 113 9.72 9.95 24.37
C LEU L 113 9.00 10.58 25.56
N LYS L 114 9.59 11.65 26.09
CA LYS L 114 9.00 12.40 27.19
C LYS L 114 7.56 12.78 26.87
N GLU L 115 7.35 13.32 25.67
CA GLU L 115 6.02 13.76 25.26
C GLU L 115 5.08 12.58 25.05
N THR L 116 5.62 11.46 24.57
CA THR L 116 4.82 10.24 24.44
C THR L 116 4.28 9.82 25.80
N TYR L 117 5.19 9.71 26.78
CA TYR L 117 4.83 9.33 28.14
C TYR L 117 3.84 10.30 28.79
N LEU L 118 4.00 11.59 28.48
CA LEU L 118 3.06 12.61 28.95
C LEU L 118 1.66 12.25 28.48
N ALA L 119 1.52 12.06 27.18
CA ALA L 119 0.23 11.76 26.57
C ALA L 119 -0.39 10.45 27.11
N LEU L 120 0.45 9.48 27.44
CA LEU L 120 -0.06 8.20 27.92
C LEU L 120 -0.37 8.26 29.41
N GLY L 121 0.31 9.17 30.11
CA GLY L 121 0.21 9.23 31.55
C GLY L 121 1.22 8.32 32.22
N THR L 122 2.21 7.86 31.45
CA THR L 122 3.31 7.05 32.00
C THR L 122 4.26 7.95 32.78
N PRO L 123 4.55 7.60 34.03
CA PRO L 123 5.44 8.45 34.85
C PRO L 123 6.91 8.36 34.45
N GLY L 124 7.42 9.42 33.83
CA GLY L 124 8.80 9.47 33.38
C GLY L 124 9.85 9.35 34.46
N SER L 125 9.57 9.91 35.63
CA SER L 125 10.49 9.81 36.75
C SER L 125 10.74 8.33 37.08
N SER L 126 9.67 7.52 37.07
CA SER L 126 9.81 6.09 37.35
C SER L 126 10.65 5.40 36.27
N VAL L 127 10.41 5.75 35.00
CA VAL L 127 11.22 5.19 33.93
C VAL L 127 12.69 5.54 34.16
N ALA L 128 12.97 6.80 34.50
CA ALA L 128 14.34 7.21 34.79
C ALA L 128 14.99 6.37 35.89
N VAL L 129 14.20 5.97 36.89
CA VAL L 129 14.71 5.11 37.95
C VAL L 129 15.07 3.72 37.40
N GLY L 130 14.18 3.17 36.58
CA GLY L 130 14.45 1.90 35.91
C GLY L 130 15.71 1.96 35.08
N ILE L 131 15.87 3.05 34.34
CA ILE L 131 17.07 3.25 33.52
C ILE L 131 18.37 3.33 34.36
N GLY L 132 18.32 4.00 35.50
CA GLY L 132 19.49 4.08 36.37
C GLY L 132 19.89 2.72 36.94
N LYS L 133 18.89 1.91 37.29
CA LYS L 133 19.16 0.56 37.77
C LYS L 133 19.82 -0.28 36.67
N MET L 134 19.37 -0.13 35.43
CA MET L 134 20.05 -0.85 34.34
C MET L 134 21.49 -0.37 34.17
N LYS L 135 21.69 0.94 34.28
CA LYS L 135 23.01 1.55 34.16
C LYS L 135 24.01 0.95 35.14
N ASP L 136 23.62 0.81 36.40
CA ASP L 136 24.55 0.34 37.42
C ASP L 136 24.89 -1.11 37.21
N ALA L 137 23.88 -1.90 36.89
CA ALA L 137 24.05 -3.32 36.63
C ALA L 137 24.91 -3.55 35.38
N ALA L 138 24.67 -2.74 34.35
CA ALA L 138 25.40 -2.88 33.08
C ALA L 138 26.89 -2.55 33.25
N ILE L 139 27.17 -1.45 33.93
CA ILE L 139 28.57 -1.07 34.18
C ILE L 139 29.25 -2.12 35.05
N ALA L 140 28.52 -2.65 36.03
CA ALA L 140 29.05 -3.68 36.93
C ALA L 140 29.53 -4.90 36.17
N ILE L 141 28.69 -5.37 35.26
CA ILE L 141 29.03 -6.51 34.41
C ILE L 141 30.13 -6.17 33.40
N ALA L 142 30.02 -5.01 32.77
CA ALA L 142 31.01 -4.57 31.80
C ALA L 142 32.41 -4.46 32.40
N ASN L 143 32.49 -4.00 33.65
CA ASN L 143 33.78 -3.66 34.26
C ASN L 143 34.33 -4.73 35.22
N ASP L 144 33.76 -5.93 35.17
CA ASP L 144 34.24 -7.02 36.01
C ASP L 144 35.58 -7.55 35.46
N PRO L 145 36.66 -7.44 36.28
CA PRO L 145 37.97 -7.92 35.82
C PRO L 145 38.06 -9.43 35.57
N ASN L 146 37.17 -10.22 36.14
CA ASN L 146 37.23 -11.67 35.89
C ASN L 146 36.86 -12.04 34.45
N GLY L 147 37.66 -12.92 33.85
CA GLY L 147 37.33 -13.49 32.55
C GLY L 147 37.76 -12.66 31.36
N VAL L 148 38.60 -11.66 31.60
CA VAL L 148 39.07 -10.80 30.54
C VAL L 148 40.51 -10.39 30.83
N THR L 149 41.29 -10.17 29.78
CA THR L 149 42.65 -9.66 29.93
C THR L 149 42.64 -8.38 30.76
N ARG L 150 43.52 -8.28 31.74
CA ARG L 150 43.45 -7.15 32.67
C ARG L 150 43.95 -5.87 32.03
N GLY L 151 43.25 -4.77 32.32
CA GLY L 151 43.57 -3.47 31.76
C GLY L 151 42.56 -2.45 32.25
N ASP L 152 42.83 -1.17 31.99
CA ASP L 152 41.98 -0.10 32.50
C ASP L 152 40.86 0.28 31.51
N CYS L 153 39.60 0.07 31.90
CA CYS L 153 38.48 0.49 31.06
C CYS L 153 37.75 1.71 31.58
N SER L 154 38.43 2.50 32.41
CA SER L 154 37.75 3.60 33.11
C SER L 154 37.12 4.64 32.17
N ALA L 155 37.82 5.05 31.11
CA ALA L 155 37.25 6.05 30.19
C ALA L 155 35.99 5.50 29.50
N LEU L 156 36.05 4.24 29.07
CA LEU L 156 34.91 3.57 28.47
C LEU L 156 33.70 3.54 29.43
N MET L 157 33.95 3.20 30.68
CA MET L 157 32.86 3.14 31.66
C MET L 157 32.20 4.51 31.86
N SER L 158 33.01 5.55 31.88
CA SER L 158 32.50 6.92 32.00
C SER L 158 31.67 7.27 30.76
N GLU L 159 32.09 6.79 29.61
CA GLU L 159 31.33 7.03 28.38
C GLU L 159 30.02 6.24 28.40
N ILE L 160 30.11 4.96 28.78
CA ILE L 160 28.91 4.14 28.92
C ILE L 160 27.88 4.80 29.86
N GLY L 161 28.36 5.33 30.98
CA GLY L 161 27.49 5.95 31.96
C GLY L 161 26.82 7.20 31.44
N SER L 162 27.49 7.92 30.55
CA SER L 162 26.93 9.15 29.98
C SER L 162 25.74 8.85 29.06
N TYR L 163 25.80 7.72 28.34
CA TYR L 163 24.68 7.34 27.48
C TYR L 163 23.46 6.95 28.31
N PHE L 164 23.66 6.16 29.36
CA PHE L 164 22.58 5.85 30.31
C PHE L 164 21.99 7.11 30.96
N ASP L 165 22.85 8.06 31.36
CA ASP L 165 22.38 9.29 31.99
C ASP L 165 21.57 10.16 31.03
N LYS L 166 21.95 10.15 29.76
CA LYS L 166 21.25 10.93 28.74
C LYS L 166 19.85 10.37 28.61
N ALA L 167 19.76 9.05 28.54
CA ALA L 167 18.47 8.38 28.45
C ALA L 167 17.59 8.76 29.66
N ALA L 168 18.15 8.62 30.86
CA ALA L 168 17.37 8.95 32.07
C ALA L 168 16.94 10.40 32.07
N ALA L 169 17.85 11.31 31.74
CA ALA L 169 17.50 12.74 31.76
C ALA L 169 16.42 13.08 30.72
N ALA L 170 16.36 12.32 29.64
CA ALA L 170 15.38 12.59 28.59
C ALA L 170 13.94 12.38 29.06
N VAL L 171 13.75 11.56 30.09
CA VAL L 171 12.40 11.24 30.56
C VAL L 171 12.13 11.65 32.00
N ALA L 172 13.20 12.02 32.72
CA ALA L 172 13.08 12.40 34.12
C ALA L 172 12.23 13.66 34.27
CHA CYC M . 28.09 5.52 -29.96
NA CYC M . 25.75 6.39 -30.03
C1A CYC M . 26.63 5.41 -29.68
C2A CYC M . 26.01 4.26 -29.01
C3A CYC M . 24.57 4.60 -28.97
C4A CYC M . 24.53 5.93 -29.64
CMA CYC M . 23.47 3.77 -28.38
CAA CYC M . 26.69 3.00 -28.49
CBA CYC M . 26.16 1.79 -29.24
CGA CYC M . 26.57 1.91 -30.69
O1A CYC M . 27.78 1.89 -30.98
O2A CYC M . 25.67 2.00 -31.55
CHB CYC M . 23.35 6.80 -29.87
NB CYC M . 21.65 5.03 -29.97
C1B CYC M . 21.94 6.34 -30.02
C2B CYC M . 20.76 7.22 -30.25
C3B CYC M . 19.62 6.26 -30.33
C4B CYC M . 20.32 4.96 -30.14
CMB CYC M . 20.71 8.71 -30.36
CAB CYC M . 18.16 6.53 -30.54
CBB CYC M . 17.68 5.88 -31.82
OB CYC M . 19.69 3.84 -30.14
NC CYC M . 31.17 10.83 -31.44
C1C CYC M . 31.86 11.92 -31.74
C2C CYC M . 30.98 12.94 -32.40
C3C CYC M . 29.59 12.39 -32.12
C4C CYC M . 29.88 10.97 -31.76
CMC CYC M . 31.19 14.32 -31.78
CAC CYC M . 28.66 12.54 -33.32
CBC CYC M . 27.64 13.61 -33.02
OC CYC M . 33.04 12.11 -31.54
CHD CYC M . 28.97 9.97 -31.78
ND CYC M . 28.31 7.83 -30.83
C1D CYC M . 29.29 8.57 -31.41
C2D CYC M . 30.58 7.84 -31.57
C3D CYC M . 30.27 6.50 -31.02
C4D CYC M . 28.85 6.62 -30.60
CMD CYC M . 31.88 8.30 -32.16
CAD CYC M . 31.16 5.29 -30.87
CBD CYC M . 31.40 5.06 -29.38
CGD CYC M . 32.06 3.73 -29.12
O1D CYC M . 31.84 2.78 -29.90
O2D CYC M . 32.79 3.62 -28.12
CHA CYC N . -18.65 18.39 -41.97
NA CYC N . -18.46 18.03 -39.52
C1A CYC N . -18.31 18.84 -40.60
C2A CYC N . -17.79 20.19 -40.28
C3A CYC N . -17.63 20.15 -38.80
C4A CYC N . -18.08 18.78 -38.45
CMA CYC N . -17.14 21.27 -37.93
CAA CYC N . -17.52 21.33 -41.23
CBA CYC N . -18.63 22.37 -41.15
CGA CYC N . -19.94 21.74 -41.56
O1A CYC N . -20.85 21.67 -40.71
O2A CYC N . -20.06 21.31 -42.73
CHB CYC N . -18.12 18.14 -37.11
NB CYC N . -18.51 20.19 -35.84
C1B CYC N . -18.33 18.87 -35.83
C2B CYC N . -18.36 18.27 -34.47
C3B CYC N . -18.60 19.43 -33.58
C4B CYC N . -18.67 20.55 -34.56
CMB CYC N . -18.20 16.82 -34.07
CAB CYC N . -18.74 19.48 -32.08
CBB CYC N . -17.73 20.45 -31.50
OB CYC N . -18.87 21.75 -34.20
NC CYC N . -22.07 13.48 -43.54
C1C CYC N . -22.96 12.57 -43.93
C2C CYC N . -23.00 11.42 -42.97
C3C CYC N . -22.03 11.85 -41.87
C4C CYC N . -21.47 13.13 -42.40
CMC CYC N . -24.41 11.20 -42.45
CAC CYC N . -20.93 10.82 -41.68
CBC CYC N . -20.44 10.81 -40.25
OC CYC N . -23.65 12.63 -44.93
CHD CYC N . -20.48 13.82 -41.83
ND CYC N . -19.59 16.11 -41.61
C1D CYC N . -19.95 15.08 -42.42
C2D CYC N . -19.73 15.33 -43.86
C3D CYC N . -19.18 16.71 -43.88
C4D CYC N . -19.14 17.08 -42.44
CMD CYC N . -20.00 14.44 -45.05
CAD CYC N . -18.77 17.55 -45.06
CBD CYC N . -17.40 17.10 -45.56
CGD CYC N . -16.34 17.45 -44.54
O1D CYC N . -16.34 18.61 -44.06
O2D CYC N . -15.51 16.58 -44.22
CHA CYC O . -18.46 -9.95 -14.96
NA CYC O . -17.26 -8.58 -16.65
C1A CYC O . -17.25 -9.24 -15.47
C2A CYC O . -15.96 -9.20 -14.75
C3A CYC O . -15.08 -8.39 -15.64
C4A CYC O . -16.00 -8.05 -16.77
CMA CYC O . -13.65 -8.01 -15.43
CAA CYC O . -15.60 -9.82 -13.42
CBA CYC O . -15.46 -8.74 -12.37
CGA CYC O . -16.85 -8.25 -11.98
O1A CYC O . -17.08 -7.02 -12.01
O2A CYC O . -17.70 -9.10 -11.65
CHB CYC O . -15.65 -7.28 -17.99
NB CYC O . -14.16 -5.72 -16.83
C1B CYC O . -14.72 -6.12 -17.98
C2B CYC O . -14.32 -5.30 -19.16
C3B CYC O . -13.40 -4.29 -18.59
C4B CYC O . -13.40 -4.67 -17.15
CMB CYC O . -14.76 -5.45 -20.60
CAB CYC O . -12.66 -3.18 -19.28
CBB CYC O . -11.35 -2.91 -18.56
OB CYC O . -12.70 -4.04 -16.29
NC CYC O . -23.51 -11.46 -18.44
C1C CYC O . -24.47 -11.95 -19.22
C2C CYC O . -24.55 -11.20 -20.52
C3C CYC O . -23.42 -10.18 -20.39
C4C CYC O . -22.88 -10.45 -19.02
CMC CYC O . -24.35 -12.14 -21.70
CAC CYC O . -23.94 -8.76 -20.52
CBC CYC O . -24.25 -8.44 -21.97
OC CYC O . -25.20 -12.89 -18.96
CHD CYC O . -21.87 -9.75 -18.47
ND CYC O . -20.01 -9.77 -16.88
C1D CYC O . -21.32 -10.02 -17.11
C2D CYC O . -22.06 -10.51 -15.92
C3D CYC O . -21.01 -10.56 -14.88
C4D CYC O . -19.80 -10.07 -15.59
CMD CYC O . -23.51 -10.89 -15.77
CAD CYC O . -21.13 -11.00 -13.44
CBD CYC O . -20.46 -12.35 -13.24
CGD CYC O . -20.76 -12.87 -11.85
O1D CYC O . -20.98 -12.05 -10.94
O2D CYC O . -20.78 -14.11 -11.67
CHA CYC P . 10.11 -32.98 23.64
NA CYC P . 11.97 -31.47 22.62
C1A CYC P . 10.70 -32.06 22.60
C2A CYC P . 10.03 -31.69 21.48
C3A CYC P . 10.78 -30.90 20.76
C4A CYC P . 11.99 -30.74 21.42
CMA CYC P . 10.33 -30.34 19.46
CAA CYC P . 8.63 -32.14 21.13
CBA CYC P . 8.55 -33.12 19.98
CGA CYC P . 9.49 -34.30 20.07
O1A CYC P . 10.59 -34.31 19.42
O2A CYC P . 9.17 -35.28 20.78
CHB CYC P . 13.27 -30.00 21.10
NB CYC P . 12.89 -29.80 18.53
C1B CYC P . 13.61 -29.53 19.69
C2B CYC P . 14.69 -28.72 19.42
C3B CYC P . 14.71 -28.46 18.14
C4B CYC P . 13.64 -29.09 17.59
CMB CYC P . 15.70 -28.25 20.41
CAB CYC P . 15.69 -27.61 17.42
CBB CYC P . 16.72 -28.31 16.56
OB CYC P . 13.30 -29.02 16.25
NC CYC P . 12.07 -32.84 29.92
C1C CYC P . 12.70 -32.65 31.14
C2C CYC P . 13.96 -31.90 31.10
C3C CYC P . 13.90 -31.13 29.87
C4C CYC P . 12.72 -31.99 28.96
CMC CYC P . 14.38 -31.22 32.36
CAC CYC P . 15.10 -31.02 29.21
CBC CYC P . 16.22 -30.10 29.77
OC CYC P . 12.26 -33.16 32.17
CHD CYC P . 13.19 -32.66 27.91
ND CYC P . 11.91 -32.43 25.56
C1D CYC P . 12.08 -33.06 26.83
C2D CYC P . 11.14 -34.07 26.97
C3D CYC P . 10.40 -34.12 25.87
C4D CYC P . 10.84 -33.15 25.01
CMD CYC P . 10.95 -34.99 28.13
CAD CYC P . 9.22 -35.06 25.55
CBD CYC P . 7.86 -34.33 25.46
CGD CYC P . 6.64 -35.13 25.07
O1D CYC P . 5.49 -34.75 25.45
O2D CYC P . 6.77 -36.19 24.38
CHA CYC Q . 14.62 -6.07 -20.31
NA CYC Q . 16.15 -7.10 -18.47
C1A CYC Q . 14.91 -6.72 -18.97
C2A CYC Q . 13.92 -7.01 -18.08
C3A CYC Q . 14.44 -7.55 -17.01
C4A CYC Q . 15.80 -7.62 -17.20
CMA CYC Q . 13.61 -7.99 -15.87
CAA CYC Q . 12.46 -6.72 -18.32
CBA CYC Q . 11.90 -5.41 -17.82
CGA CYC Q . 12.72 -4.16 -17.99
O1A CYC Q . 13.28 -3.61 -17.00
O2A CYC Q . 12.86 -3.64 -19.14
CHB CYC Q . 16.92 -8.13 -16.32
NB CYC Q . 15.53 -8.08 -14.12
C1B CYC Q . 16.70 -8.33 -14.83
C2B CYC Q . 17.67 -8.85 -14.02
C3B CYC Q . 17.19 -8.93 -12.81
C4B CYC Q . 15.91 -8.49 -12.82
CMB CYC Q . 19.05 -9.24 -14.44
CAB CYC Q . 17.92 -9.43 -11.63
CBB CYC Q . 17.82 -8.61 -10.37
OB CYC Q . 15.07 -8.44 -11.70
NC CYC Q . 18.97 -6.94 -25.16
C1C CYC Q . 20.01 -7.13 -26.06
C2C CYC Q . 21.29 -7.63 -25.52
C3C CYC Q . 20.99 -7.68 -24.11
C4C CYC Q . 19.67 -6.60 -23.98
CMC CYC Q . 21.63 -8.96 -26.10
CAC CYC Q . 21.98 -7.25 -23.27
CBC CYC Q . 23.46 -7.69 -23.41
OC CYC Q . 19.89 -6.85 -27.24
CHD CYC Q . 19.09 -6.81 -22.81
ND CYC Q . 17.02 -6.67 -21.27
C1D CYC Q . 17.63 -6.28 -22.49
C2D CYC Q . 16.78 -5.46 -23.21
C3D CYC Q . 15.67 -5.32 -22.51
C4D CYC Q . 15.77 -6.04 -21.35
CMD CYC Q . 17.00 -4.81 -24.52
CAD CYC Q . 14.42 -4.51 -22.87
CBD CYC Q . 13.47 -5.15 -23.89
CGD CYC Q . 12.19 -4.40 -24.24
O1D CYC Q . 11.76 -3.48 -23.49
O2D CYC Q . 11.57 -4.70 -25.30
CHA CYC R . 47.70 -9.89 0.34
NA CYC R . 45.68 -8.44 0.15
C1A CYC R . 46.74 -8.89 0.86
C2A CYC R . 46.88 -8.26 2.20
C3A CYC R . 45.73 -7.34 2.28
C4A CYC R . 45.06 -7.52 0.95
CMA CYC R . 45.39 -6.46 3.45
CAA CYC R . 47.93 -8.53 3.24
CBA CYC R . 48.98 -7.44 3.20
CGA CYC R . 49.59 -7.39 1.81
O1A CYC R . 50.34 -8.32 1.46
O2A CYC R . 49.32 -6.42 1.08
CHB CYC R . 43.84 -6.88 0.40
NB CYC R . 43.79 -4.91 1.88
C1B CYC R . 43.22 -5.60 0.88
C2B CYC R . 41.99 -4.97 0.33
C3B CYC R . 41.84 -3.74 1.15
C4B CYC R . 43.01 -3.83 2.05
CMB CYC R . 41.11 -5.47 -0.78
CAB CYC R . 40.76 -2.68 1.06
CBB CYC R . 41.36 -1.31 1.32
OB CYC R . 43.25 -2.93 2.94
NC CYC R . 48.33 -11.63 -5.55
C1C CYC R . 48.64 -11.88 -6.81
C2C CYC R . 47.40 -11.98 -7.66
C3C CYC R . 46.30 -11.54 -6.71
C4C CYC R . 47.02 -11.47 -5.39
CMC CYC R . 47.50 -11.08 -8.89
CAC CYC R . 45.19 -12.58 -6.64
CBC CYC R . 43.83 -11.93 -6.66
OC CYC R . 49.76 -12.01 -7.26
CHD CYC R . 46.40 -11.29 -4.21
ND CYC R . 46.84 -10.39 -1.96
C1D CYC R . 47.18 -11.26 -2.94
C2D CYC R . 48.32 -12.14 -2.60
C3D CYC R . 48.69 -11.70 -1.24
C4D CYC R . 47.71 -10.62 -0.96
CMD CYC R . 48.97 -13.21 -3.43
CAD CYC R . 49.78 -12.21 -0.34
CBD CYC R . 49.33 -13.49 0.35
CGD CYC R . 48.16 -13.22 1.26
O1D CYC R . 48.29 -12.34 2.14
O2D CYC R . 47.12 -13.89 1.11
CHA CYC S . -38.01 -4.91 -16.48
NA CYC S . -37.55 -5.84 -14.10
C1A CYC S . -37.14 -5.47 -15.40
C2A CYC S . -35.81 -5.68 -15.57
C3A CYC S . -35.31 -6.18 -14.48
C4A CYC S . -36.34 -6.31 -13.56
CMA CYC S . -33.87 -6.52 -14.34
CAA CYC S . -35.04 -5.39 -16.87
CBA CYC S . -34.66 -6.63 -17.67
CGA CYC S . -35.75 -7.66 -17.89
O1A CYC S . -35.83 -8.69 -17.14
O2A CYC S . -36.62 -7.51 -18.79
CHB CYC S . -36.37 -6.84 -12.13
NB CYC S . -34.21 -8.34 -12.35
C1B CYC S . -35.25 -7.74 -11.60
C2B CYC S . -35.14 -8.04 -10.28
C3B CYC S . -34.09 -8.80 -10.11
C4B CYC S . -33.52 -9.01 -11.33
CMB CYC S . -36.07 -7.60 -9.18
CAB CYC S . -33.62 -9.35 -8.83
CBB CYC S . -33.95 -10.81 -8.55
OB CYC S . -32.39 -9.76 -11.52
NC CYC S . -43.46 -1.56 -14.96
C1C CYC S . -44.53 -0.92 -14.33
C2C CYC S . -44.70 -1.14 -12.89
C3C CYC S . -43.40 -1.63 -12.46
C4C CYC S . -42.59 -2.04 -13.93
CMC CYC S . -45.32 0.00 -12.16
CAC CYC S . -43.48 -2.68 -11.59
CBC CYC S . -43.94 -2.39 -10.13
OC CYC S . -45.33 -0.25 -14.97
CHD CYC S . -42.37 -3.34 -14.03
ND CYC S . -39.98 -4.23 -14.80
C1D CYC S . -41.26 -3.71 -15.11
C2D CYC S . -41.40 -3.61 -16.48
C3D CYC S . -40.28 -4.02 -17.05
C4D CYC S . -39.41 -4.39 -16.07
CMD CYC S . -42.61 -3.13 -17.22
CAD CYC S . -39.93 -4.09 -18.57
CBD CYC S . -39.03 -2.95 -19.08
CGD CYC S . -38.34 -3.05 -20.43
O1D CYC S . -37.81 -2.02 -20.94
O2D CYC S . -38.28 -4.16 -21.04
CHA CYC T . 4.17 -25.24 5.94
NA CYC T . 1.69 -25.21 5.99
C1A CYC T . 2.85 -24.68 5.54
C2A CYC T . 2.68 -23.53 4.64
C3A CYC T . 1.21 -23.37 4.55
C4A CYC T . 0.70 -24.46 5.43
CMA CYC T . 0.44 -22.34 3.76
CAA CYC T . 3.75 -22.71 3.96
CBA CYC T . 3.82 -21.33 4.59
CGA CYC T . 4.23 -21.45 6.04
O1A CYC T . 3.53 -20.88 6.90
O2A CYC T . 5.24 -22.12 6.33
CHB CYC T . -0.71 -24.80 5.72
NB CYC T . -1.45 -22.48 5.72
C1B CYC T . -1.77 -23.77 5.85
C2B CYC T . -3.22 -24.02 6.13
C3B CYC T . -3.80 -22.64 6.17
C4B CYC T . -2.60 -21.81 5.90
CMB CYC T . -3.93 -25.32 6.34
CAB CYC T . -5.22 -22.22 6.41
CBB CYC T . -5.65 -21.24 5.34
OB CYC T . -2.67 -20.53 5.84
NC CYC T . 4.90 -30.91 8.62
C1C CYC T . 5.07 -32.16 9.02
C2C CYC T . 3.81 -32.72 9.60
C3C CYC T . 2.81 -31.58 9.41
C4C CYC T . 3.67 -30.48 8.83
CMC CYC T . 3.38 -33.96 8.84
CAC CYC T . 2.18 -31.15 10.73
CBC CYC T . 1.24 -32.22 11.23
OC CYC T . 6.10 -32.81 8.96
CHD CYC T . 3.21 -29.25 8.58
ND CYC T . 3.46 -27.25 7.21
C1D CYC T . 4.05 -28.17 8.00
C2D CYC T . 5.51 -27.95 8.19
C3D CYC T . 5.77 -26.73 7.38
C4D CYC T . 4.43 -26.40 6.84
CMD CYC T . 6.51 -28.74 8.99
CAD CYC T . 7.06 -25.99 7.17
CBD CYC T . 7.43 -26.06 5.68
CGD CYC T . 8.88 -25.71 5.50
O1D CYC T . 9.38 -24.84 6.25
O2D CYC T . 9.53 -26.31 4.61
CHA CYC U . -29.08 -28.96 26.29
NA CYC U . -27.19 -27.38 25.92
C1A CYC U . -28.45 -27.61 26.34
C2A CYC U . -29.13 -26.42 26.89
C3A CYC U . -28.11 -25.35 26.75
C4A CYC U . -26.95 -26.06 26.15
CMA CYC U . -28.30 -23.91 27.16
CAA CYC U . -30.52 -26.31 27.45
CBA CYC U . -30.47 -26.41 28.96
CGA CYC U . -29.82 -27.71 29.35
O1A CYC U . -30.46 -28.77 29.16
O2A CYC U . -28.67 -27.69 29.84
CHB CYC U . -25.62 -25.53 25.74
NB CYC U . -25.61 -23.49 27.14
C1B CYC U . -24.98 -24.27 26.23
C2B CYC U . -23.65 -23.74 25.81
C3B CYC U . -23.50 -22.49 26.58
C4B CYC U . -24.77 -22.46 27.35
CMB CYC U . -22.69 -24.36 24.82
CAB CYC U . -22.35 -21.51 26.58
CBB CYC U . -22.12 -20.98 27.98
OB CYC U . -25.04 -21.51 28.17
NC CYC U . -26.20 -34.33 25.48
C1C CYC U . -25.63 -35.53 25.55
C2C CYC U . -24.37 -35.56 24.73
C3C CYC U . -24.23 -34.13 24.26
C4C CYC U . -25.50 -33.49 24.74
CMC CYC U . -23.19 -36.01 25.59
CAC CYC U . -24.15 -34.07 22.74
CBC CYC U . -23.37 -32.87 22.27
OC CYC U . -26.04 -36.48 26.19
CHD CYC U . -25.89 -32.23 24.45
ND CYC U . -27.25 -30.41 25.38
C1D CYC U . -27.17 -31.68 24.95
C2D CYC U . -28.45 -32.44 25.00
C3D CYC U . -29.39 -31.44 25.56
C4D CYC U . -28.54 -30.24 25.76
CMD CYC U . -28.74 -33.86 24.61
CAD CYC U . -30.86 -31.60 25.86
CBD CYC U . -31.61 -30.35 25.42
CGD CYC U . -31.59 -30.23 23.91
O1D CYC U . -31.81 -29.11 23.41
O2D CYC U . -31.35 -31.24 23.23
CHA CYC V . -36.65 19.37 -4.87
NA CYC V . -34.77 19.81 -6.56
C1A CYC V . -35.21 19.49 -5.29
C2A CYC V . -34.17 19.28 -4.44
C3A CYC V . -33.05 19.47 -5.08
C4A CYC V . -33.37 19.79 -6.39
CMA CYC V . -31.71 19.32 -4.43
CAA CYC V . -34.35 18.91 -2.98
CBA CYC V . -34.13 19.99 -1.96
CGA CYC V . -34.64 21.36 -2.34
O1A CYC V . -33.90 22.16 -2.96
O2A CYC V . -35.81 21.70 -2.07
CHB CYC V . -32.54 20.16 -7.61
NB CYC V . -30.46 20.87 -6.20
C1B CYC V . -31.09 20.59 -7.43
C2B CYC V . -30.22 20.71 -8.47
C3B CYC V . -29.05 21.07 -8.01
C4B CYC V . -29.15 21.16 -6.65
CMB CYC V . -30.56 20.50 -9.91
CAB CYC V . -27.83 21.29 -8.82
CBB CYC V . -27.30 22.70 -8.98
OB CYC V . -28.10 21.50 -5.79
NC CYC V . -41.19 17.90 -9.32
C1C CYC V . -41.95 17.61 -10.45
C2C CYC V . -41.32 17.74 -11.76
C3C CYC V . -39.89 17.76 -11.44
C4C CYC V . -39.83 18.05 -9.74
CMC CYC V . -41.73 16.74 -12.80
CAC CYC V . -39.21 18.71 -12.15
CBC CYC V . -38.93 18.46 -13.65
OC CYC V . -43.14 17.31 -10.32
CHD CYC V . -39.32 19.22 -9.40
ND CYC V . -37.55 19.30 -7.40
C1D CYC V . -38.89 19.26 -7.86
C2D CYC V . -39.76 19.27 -6.79
C3D CYC V . -39.05 19.31 -5.69
C4D CYC V . -37.73 19.33 -6.00
CMD CYC V . -41.24 19.24 -6.83
CAD CYC V . -39.56 19.34 -4.23
CBD CYC V . -39.03 18.17 -3.37
CGD CYC V . -39.46 18.14 -1.94
O1D CYC V . -39.66 17.04 -1.35
O2D CYC V . -39.61 19.25 -1.34
CHA CYC W . 0.52 34.95 -34.63
NA CYC W . 1.29 32.84 -33.53
C1A CYC W . 0.60 33.47 -34.51
C2A CYC W . -0.08 32.55 -35.46
C3A CYC W . 0.28 31.21 -34.96
C4A CYC W . 1.12 31.51 -33.77
CMA CYC W . -0.16 29.90 -35.56
CAA CYC W . -0.93 32.92 -36.66
CBA CYC W . -0.12 32.77 -37.94
CGA CYC W . 1.12 33.64 -37.86
O1A CYC W . 0.99 34.88 -37.89
O2A CYC W . 2.23 33.07 -37.77
CHB CYC W . 1.78 30.57 -32.81
NB CYC W . 1.76 28.53 -34.20
C1B CYC W . 2.08 29.14 -33.03
C2B CYC W . 2.72 28.22 -32.05
C3B CYC W . 2.78 26.92 -32.76
C4B CYC W . 2.16 27.26 -34.06
CMB CYC W . 3.20 28.54 -30.65
CAB CYC W . 3.33 25.60 -32.27
CBB CYC W . 3.45 24.62 -33.41
OB CYC W . 2.03 26.38 -34.99
NC CYC W . 4.25 39.03 -31.88
C1C CYC W . 5.19 39.89 -31.54
C2C CYC W . 5.72 39.58 -30.17
C3C CYC W . 5.04 38.26 -29.83
C4C CYC W . 4.10 38.08 -30.98
CMC CYC W . 7.24 39.48 -30.19
CAC CYC W . 4.28 38.35 -28.53
CBC CYC W . 4.44 37.10 -27.71
OC CYC W . 5.60 40.82 -32.21
CHD CYC W . 3.21 37.06 -31.07
ND CYC W . 1.98 35.75 -32.77
C1D CYC W . 2.28 36.96 -32.23
C2D CYC W . 1.58 38.10 -32.90
C3D CYC W . 0.79 37.44 -33.94
C4D CYC W . 1.12 36.00 -33.78
CMD CYC W . 1.66 39.57 -32.58
CAD CYC W . -0.13 38.06 -34.96
CBD CYC W . -1.47 38.42 -34.31
CGD CYC W . -2.21 37.17 -33.92
O1D CYC W . -2.31 36.24 -34.76
O2D CYC W . -2.71 37.11 -32.78
CHA CYC X . 14.67 21.66 -0.60
NA CYC X . 12.72 22.45 -1.95
C1A CYC X . 13.24 21.62 -1.00
C2A CYC X . 12.25 20.68 -0.42
C3A CYC X . 10.99 21.02 -1.11
C4A CYC X . 11.41 22.11 -2.04
CMA CYC X . 9.65 20.38 -0.92
CAA CYC X . 12.48 19.64 0.65
CBA CYC X . 12.51 18.25 0.02
CGA CYC X . 13.70 18.15 -0.91
O1A CYC X . 13.50 18.06 -2.14
O2A CYC X . 14.85 18.15 -0.41
CHB CYC X . 10.54 22.86 -2.99
NB CYC X . 9.19 20.90 -3.56
C1B CYC X . 9.42 22.21 -3.74
C2B CYC X . 8.49 22.87 -4.70
C3B CYC X . 7.60 21.75 -5.13
C4B CYC X . 8.15 20.62 -4.35
CMB CYC X . 8.46 24.30 -5.15
CAB CYC X . 6.45 21.76 -6.10
CBB CYC X . 6.12 23.17 -6.51
OB CYC X . 7.65 19.44 -4.43
NC CYC X . 18.68 26.37 -1.89
C1C CYC X . 19.47 27.43 -2.02
C2C CYC X . 19.00 28.33 -3.12
C3C CYC X . 17.78 27.60 -3.65
C4C CYC X . 17.72 26.37 -2.80
CMC CYC X . 18.64 29.70 -2.57
CAC CYC X . 17.98 27.24 -5.12
CBC CYC X . 17.89 28.47 -5.99
OC CYC X . 20.47 27.67 -1.35
CHD CYC X . 16.79 25.41 -2.95
ND CYC X . 15.52 23.63 -1.86
C1D CYC X . 16.73 24.18 -2.11
C2D CYC X . 17.86 23.44 -1.50
C3D CYC X . 17.20 22.32 -0.80
C4D CYC X . 15.76 22.54 -1.10
CMD CYC X . 19.34 23.74 -1.56
CAD CYC X . 17.81 21.21 0.00
CBD CYC X . 17.72 21.56 1.49
CGD CYC X . 18.44 20.50 2.30
O1D CYC X . 18.51 19.34 1.84
O2D CYC X . 18.93 20.83 3.40
CHA CYC Y . 5.17 -12.05 39.69
NA CYC Y . 3.02 -12.00 38.45
C1A CYC Y . 4.23 -11.45 38.72
C2A CYC Y . 4.50 -10.20 37.97
C3A CYC Y . 3.28 -10.01 37.15
C4A CYC Y . 2.43 -11.18 37.55
CMA CYC Y . 3.00 -8.90 36.18
CAA CYC Y . 5.74 -9.34 38.01
CBA CYC Y . 5.38 -7.94 38.48
CGA CYC Y . 4.82 -8.02 39.88
O1A CYC Y . 3.63 -7.69 40.06
O2A CYC Y . 5.57 -8.43 40.78
CHB CYC Y . 1.09 -11.55 37.04
NB CYC Y . 0.31 -9.29 36.46
C1B CYC Y . 0.07 -10.62 36.50
C2B CYC Y . -1.27 -11.00 35.99
C3B CYC Y . -1.88 -9.70 35.60
C4B CYC Y . -0.80 -8.75 35.93
CMB CYC Y . -1.88 -12.37 35.90
CAB CYC Y . -3.25 -9.44 35.00
CBB CYC Y . -3.99 -8.42 35.82
OB CYC Y . -0.92 -7.49 35.74
NC CYC Y . 4.87 -17.99 41.88
C1C CYC Y . 4.84 -19.23 42.36
C2C CYC Y . 3.44 -19.77 42.36
C3C CYC Y . 2.72 -18.76 41.48
C4C CYC Y . 3.66 -17.59 41.48
CMC CYC Y . 3.39 -21.18 41.80
CAC CYC Y . 1.34 -18.41 42.03
CBC CYC Y . 0.28 -19.09 41.19
OC CYC Y . 5.79 -19.88 42.75
CHD CYC Y . 3.32 -16.34 41.15
ND CYC Y . 4.06 -14.19 40.27
C1D CYC Y . 4.26 -15.19 41.15
C2D CYC Y . 5.45 -14.97 42.04
C3D CYC Y . 5.98 -13.68 41.58
C4D CYC Y . 5.04 -13.30 40.49
CMD CYC Y . 5.99 -15.84 43.15
CAD CYC Y . 7.17 -12.90 42.06
CBD CYC Y . 8.21 -12.89 40.93
CGD CYC Y . 9.24 -11.81 41.11
O1D CYC Y . 10.28 -11.85 40.43
O2D CYC Y . 9.01 -10.89 41.93
CHA CYC Z . -18.78 17.78 4.37
NA CYC Z . -19.16 16.28 6.31
C1A CYC Z . -18.33 16.78 5.37
C2A CYC Z . -16.95 16.24 5.44
C3A CYC Z . -17.00 15.30 6.58
C4A CYC Z . -18.41 15.41 7.04
CMA CYC Z . -15.88 14.45 7.13
CAA CYC Z . -15.76 16.57 4.56
CBA CYC Z . -15.48 15.40 3.63
CGA CYC Z . -16.62 15.20 2.68
O1A CYC Z . -17.13 14.06 2.57
O2A CYC Z . -17.03 16.18 2.02
CHB CYC Z . -19.05 14.69 8.17
NB CYC Z . -17.81 12.61 7.77
C1B CYC Z . -18.70 13.28 8.52
C2B CYC Z . -19.27 12.48 9.65
C3B CYC Z . -18.58 11.17 9.52
C4B CYC Z . -17.72 11.40 8.33
CMB CYC Z . -20.28 12.89 10.67
CAB CYC Z . -18.73 9.93 10.36
CBB CYC Z . -17.41 9.18 10.39
OB CYC Z . -16.94 10.49 7.87
NC CYC Z . -24.13 21.10 4.90
C1C CYC Z . -25.16 21.93 5.13
C2C CYC Z . -26.08 21.36 6.16
C3C CYC Z . -25.44 20.03 6.51
C4C CYC Z . -24.23 20.00 5.63
CMC CYC Z . -26.16 22.28 7.37
CAC CYC Z . -26.37 18.87 6.19
CBC CYC Z . -27.49 18.80 7.22
OC CYC Z . -25.35 23.01 4.59
CHD CYC Z . -23.36 18.98 5.61
ND CYC Z . -21.07 18.27 5.19
C1D CYC Z . -22.15 18.94 4.74
C2D CYC Z . -21.97 19.55 3.40
C3D CYC Z . -20.58 19.17 3.06
C4D CYC Z . -20.14 18.39 4.23
CMD CYC Z . -22.93 20.36 2.57
CAD CYC Z . -19.80 19.50 1.80
CBD CYC Z . -18.68 20.47 2.16
CGD CYC Z . -18.05 21.01 0.90
O1D CYC Z . -17.95 20.25 -0.09
O2D CYC Z . -17.68 22.21 0.88
CHA CYC AA . -41.96 -7.19 23.82
NA CYC AA . -40.46 -7.08 21.83
C1A CYC AA . -41.14 -7.81 22.76
C2A CYC AA . -40.98 -9.28 22.59
C3A CYC AA . -40.09 -9.41 21.42
C4A CYC AA . -39.84 -7.99 21.03
CMA CYC AA . -39.62 -10.70 20.82
CAA CYC AA . -41.59 -10.38 23.43
CBA CYC AA . -42.81 -10.94 22.73
CGA CYC AA . -43.78 -9.82 22.45
O1A CYC AA . -44.35 -9.28 23.43
O2A CYC AA . -43.98 -9.49 21.27
CHB CYC AA . -38.99 -7.47 19.92
NB CYC AA . -38.98 -9.47 18.47
C1B CYC AA . -38.57 -8.20 18.69
C2B CYC AA . -37.71 -7.66 17.60
C3B CYC AA . -37.62 -8.78 16.63
C4B CYC AA . -38.45 -9.82 17.30
CMB CYC AA . -37.07 -6.30 17.49
CAB CYC AA . -36.87 -8.85 15.32
CBB CYC AA . -37.77 -9.36 14.22
OB CYC AA . -38.63 -10.99 16.78
NC CYC AA . -44.02 -1.37 23.97
C1C CYC AA . -44.67 -0.21 23.93
C2C CYC AA . -43.83 0.86 23.32
C3C CYC AA . -42.62 0.08 22.81
C4C CYC AA . -42.84 -1.28 23.38
CMC CYC AA . -44.57 1.60 22.22
CAC CYC AA . -41.33 0.68 23.33
CBC CYC AA . -40.19 0.47 22.36
OC CYC AA . -45.81 -0.02 24.33
CHD CYC AA . -41.94 -2.29 23.32
ND CYC AA . -41.82 -4.75 23.32
C1D CYC AA . -42.21 -3.61 23.93
C2D CYC AA . -42.87 -3.83 25.25
C3D CYC AA . -42.86 -5.29 25.38
C4D CYC AA . -42.20 -5.75 24.13
CMD CYC AA . -43.41 -2.80 26.21
CAD CYC AA . -43.41 -6.11 26.53
CBD CYC AA . -42.78 -7.50 26.54
CGD CYC AA . -41.35 -7.44 27.05
O1D CYC AA . -40.64 -8.45 26.88
O2D CYC AA . -40.95 -6.41 27.62
CHA CYC BA . 31.12 24.91 -11.75
NA CYC BA . 31.59 22.98 -10.08
C1A CYC BA . 30.75 23.95 -10.65
C2A CYC BA . 29.52 23.91 -10.06
C3A CYC BA . 29.49 22.97 -9.15
C4A CYC BA . 30.75 22.40 -9.10
CMA CYC BA . 28.28 22.70 -8.34
CAA CYC BA . 28.36 24.81 -10.43
CBA CYC BA . 28.13 26.00 -9.51
CGA CYC BA . 29.33 26.78 -9.03
O1A CYC BA . 29.79 26.57 -7.86
O2A CYC BA . 29.89 27.62 -9.77
CHB CYC BA . 31.38 21.31 -8.24
NB CYC BA . 29.64 21.57 -6.29
C1B CYC BA . 30.73 20.93 -6.90
C2B CYC BA . 31.15 19.87 -6.16
C3B CYC BA . 30.39 19.77 -5.09
C4B CYC BA . 29.47 20.78 -5.15
CMB CYC BA . 32.30 18.96 -6.52
CAB CYC BA . 30.50 18.73 -4.05
CBB CYC BA . 30.98 19.13 -2.67
OB CYC BA . 28.48 21.02 -4.22
NC CYC BA . 35.81 23.50 -16.06
C1C CYC BA . 36.89 23.01 -16.79
C2C CYC BA . 37.61 21.87 -16.24
C3C CYC BA . 36.70 21.29 -15.27
C4C CYC BA . 35.55 22.56 -15.01
CMC CYC BA . 38.14 20.93 -17.28
CAC CYC BA . 37.27 20.88 -14.10
CBC CYC BA . 37.99 19.51 -14.03
OC CYC BA . 37.20 23.55 -17.85
CHD CYC BA . 35.61 23.11 -13.81
ND CYC BA . 33.35 23.60 -12.50
C1D CYC BA . 34.31 23.97 -13.48
C2D CYC BA . 33.97 25.19 -14.04
C3D CYC BA . 32.85 25.60 -13.47
C4D CYC BA . 32.44 24.68 -12.55
CMD CYC BA . 34.73 25.95 -15.08
CAD CYC BA . 32.04 26.88 -13.75
CBD CYC BA . 30.70 26.64 -14.48
CGD CYC BA . 29.81 27.82 -14.76
O1D CYC BA . 29.00 27.78 -15.72
O2D CYC BA . 29.88 28.85 -14.02
CHA CYC CA . 3.68 2.70 26.03
NA CYC CA . 6.00 3.18 25.27
C1A CYC CA . 4.67 3.15 25.02
C2A CYC CA . 4.30 3.60 23.65
C3A CYC CA . 5.60 3.94 23.04
C4A CYC CA . 6.57 3.63 24.12
CMA CYC CA . 5.86 4.45 21.64
CAA CYC CA . 2.92 3.69 23.04
CBA CYC CA . 2.73 2.60 22.00
CGA CYC CA . 2.70 1.26 22.67
O1A CYC CA . 3.28 0.30 22.12
O2A CYC CA . 2.08 1.14 23.75
CHB CYC CA . 8.05 3.79 24.07
NB CYC CA . 8.20 3.07 21.74
C1B CYC CA . 8.83 3.51 22.84
C2B CYC CA . 10.31 3.64 22.67
C3B CYC CA . 10.54 3.21 21.27
C4B CYC CA . 9.16 2.89 20.82
CMB CYC CA . 11.34 4.10 23.67
CAB CYC CA . 11.83 3.13 20.49
CBB CYC CA . 11.80 4.13 19.36
OB CYC CA . 8.91 2.47 19.64
NC CYC CA . 5.03 2.09 32.20
C1C CYC CA . 5.29 2.20 33.50
C2C CYC CA . 6.77 2.17 33.76
C3C CYC CA . 7.36 2.04 32.36
C4C CYC CA . 6.14 2.01 31.49
CMC CYC CA . 7.20 3.46 34.44
CAC CYC CA . 8.17 0.77 32.23
CBC CYC CA . 9.56 0.96 32.80
OC CYC CA . 4.47 2.31 34.40
CHD CYC CA . 6.21 1.91 30.14
ND CYC CA . 5.14 2.40 28.01
C1D CYC CA . 5.02 1.88 29.25
C2D CYC CA . 3.66 1.34 29.54
C3D CYC CA . 2.91 1.60 28.29
C4D CYC CA . 3.94 2.23 27.42
CMD CYC CA . 3.13 0.70 30.80
CAD CYC CA . 1.48 1.27 27.95
CBD CYC CA . 0.66 2.55 27.94
CGD CYC CA . -0.80 2.23 27.75
O1D CYC CA . -1.11 1.31 26.95
O2D CYC CA . -1.64 2.88 28.39
CHA CYC DA . 41.59 -7.55 25.01
NA CYC DA . 39.38 -8.08 24.00
C1A CYC DA . 40.73 -8.18 23.98
C2A CYC DA . 41.26 -8.98 22.85
C3A CYC DA . 40.04 -9.41 22.12
C4A CYC DA . 38.94 -8.80 22.93
CMA CYC DA . 40.01 -10.24 20.88
CAA CYC DA . 42.71 -9.29 22.53
CBA CYC DA . 43.04 -10.68 23.04
CGA CYC DA . 42.80 -10.75 24.53
O1A CYC DA . 43.57 -10.12 25.27
O2A CYC DA . 41.84 -11.43 24.94
CHB CYC DA . 37.47 -8.84 22.70
NB CYC DA . 37.39 -10.88 21.32
C1B CYC DA . 36.73 -9.87 21.91
C2B CYC DA . 35.26 -9.89 21.68
C3B CYC DA . 35.06 -11.10 20.84
C4B CYC DA . 36.45 -11.60 20.69
CMB CYC DA . 34.23 -8.92 22.20
CAB CYC DA . 33.77 -11.65 20.28
CBB CYC DA . 33.76 -13.16 20.36
OB CYC DA . 36.72 -12.65 20.02
NC CYC DA . 39.90 -5.48 30.52
C1C CYC DA . 39.64 -5.26 31.80
C2C CYC DA . 38.27 -4.68 31.98
C3C CYC DA . 37.68 -4.74 30.58
C4C CYC DA . 38.85 -5.19 29.76
CMC CYC DA . 37.46 -5.49 33.00
CAC CYC DA . 37.20 -3.37 30.12
CBC CYC DA . 35.83 -3.44 29.51
OC CYC DA . 40.39 -5.50 32.74
CHD CYC DA . 38.84 -5.28 28.41
ND CYC DA . 39.96 -6.53 26.61
C1D CYC DA . 40.06 -5.71 27.68
C2D CYC DA . 41.44 -5.27 27.99
C3D CYC DA . 42.25 -5.96 26.96
C4D CYC DA . 41.23 -6.70 26.17
CMD CYC DA . 41.94 -4.36 29.08
CAD CYC DA . 43.73 -5.93 26.74
CBD CYC DA . 44.14 -4.64 26.02
CGD CYC DA . 43.47 -4.58 24.67
O1D CYC DA . 43.49 -5.60 23.94
O2D CYC DA . 42.92 -3.52 24.32
#